data_8P50
#
_entry.id   8P50
#
_cell.length_a   1.00
_cell.length_b   1.00
_cell.length_c   1.00
_cell.angle_alpha   90.00
_cell.angle_beta   90.00
_cell.angle_gamma   90.00
#
_symmetry.space_group_name_H-M   'P 1'
#
loop_
_entity.id
_entity.type
_entity.pdbx_description
1 polymer 'Toxin protein'
2 polymer 'ADP-ribosylation factor 3'
3 non-polymer "GUANOSINE-5'-TRIPHOSPHATE"
4 non-polymer 'MAGNESIUM ION'
#
loop_
_entity_poly.entity_id
_entity_poly.type
_entity_poly.pdbx_seq_one_letter_code
_entity_poly.pdbx_strand_id
1 'polypeptide(L)'
;MGSSHHHHHHSSGLVPRGSHMASISKDFTNLLNTLIDGQIGAASRQTEWFNMSPDERTDYIKQVDERLQEMQQSTLSVLA
AQHFQMQDNPVSVGDQLQTLQKRRQQMTDVPGTPAINAYKQQLDRDILLYRRQQTAMTHFDSTWRKVLVMLGPDDSKPLN
ATTLRENAVDKQAKLDTEIKRLEQQLTIQVADSTFSQKYVTLFSELQAYKDVNARYNALLKASATEEAAALGALTKVPQA
SDDLPVNISLLMMEERPGYIRMNVALVNASTDGRFKDFFLENGRLVVLTDGVLNFSFGTAARSLAWQQQYRLKSEPPSFR
SPTYTPIRSVLVKTEFVEKYFANYLVSESTLRGGFKAQLLGNGRKMLLTSVDRKVPNQIGIQVSGQAPNTTITREVPLAS
ALSDLINQNADIASFRTIGLEGFRQSSYHPDRDGLFVNIHELERSVGFAGRQYLLEMPQDNDYLSATPFGVMSVDGDKVS
SSHLSKAQTDTLYQYNAAFFEKLEQLRSGGMKASRLFEGSIERTAFVQQLVRLLERNHITPAGVLAPEYPRDNMRDIKGN
NLNKVLWEQAFAASVWRSRDNDPLLFRLATRLVKNPAVVKVLQNGYVQSDIAQARELLAPLYEQWRTRAVEAETQRVASA
NAAQHPSNPKVHVFDQAEVERSLDDKLLILLLTGPQSLEGTDVQLRPMVEAALLSNEGRSLRKQILFHALRPVADSFSKA
AAPVNPHAELGVGKIMINNRLNQPDPYLILNTSSEEQAYRDGSYLIKDDKYRSYNQFRPDFKNDATRYMNDLDTPFVGGI
SGTTQTVSNVLTELFGGALSVKQYWQFQMANAAFMIRNGYHSFFETFYVAARYEPEGADSIGKEMLQMFDKYRVEGSKKA
LQGKLYDGVMARVLPIINQGLSAADEFHPPRFTRIGPRPALLGQAVKDLELKAGLTSVGDGFEPRQGSADIHQFVTDPVL
FAKTHTVSAEALVRSGRLPAEGSAQLVKVGSGLYELEYTEQSANDISSSSIPAYFLGYNGPNQANAVPAYVDIPKRTIAG
NFLFTGTLSGGSLVVTSLDANTFRVYHDGRVNSSLLYDNVVMAVDYKDYQIAGTAEGLAAAYMQYVNHEWQLVLQRQEYQ
RDGQMLRLRLRDDEEPLSIQVADSQVVERNQAQFVAYREQIHQQLKKVATQFEVSISGVSDGVYTEGEFSPDHPAIAAWA
KLCAEVYDRINADTKQLVDKRNKLYENRRNTIRRDLINQQIKQLNITLEYYKAQYDTVLREAGFVEQSWLWQQIKAKNGS
AAVVRIDDTAIQGGGKQRTDSVGERYAISEAYQRGARGTGFSDGLRNFREIEIPGVDDKMSALEMKRLFLEGKLTSEQQG
ALSGRITETSRAEYIDKVLRQTAVFSEDFHDAGSVFDRLVPQDFYLSLVGDRSGGRAYPLVRAMTVALASGGEAGINSLV
QKLFFASADPQAGSSTLLRNSLIKLHSNVEAVQASTELGQFGLSEVVSRLAATTGTSMFALNTQNHSMMVGSTVTTEGRR
YYFYDPNVGIFAFDNTKSLSRAMEQHLVGRRLAVHYGSFGSKSAPAFNLIEIDTGKMAEVPVGNGLNVADLTRFEELSSV
IGQRRQVEQVMSAQERITEDLQLSTALQAFDAEQWGARFEAASTRLAQEHQLDSRWLPIIATTEEQGEGRYRVQFINRDQ
PEQTRWLDTDDSTFVEFRRFVDEHMSVLNEHFTLESGRMRPRGGVGEAAPVDGLNAGFAVQALIQWFSDKNRHDAANGMA
SPDLATALKVHSYLNFVQMVHGGVQDVIKVTALVRTALRGEVVAAQTSFKEFALSLGHTVNEGVGVLFGGAMIGLDAYEL
AHAENDVQKAVFGTQLAFDSASFVTGAAGIGAGLVGASTAGAVLGGAGVILGGLAVGFTALAQAFGAVAEDAKAVGRYFD
TVDKAYKGNGYRYDNEKQVLVPLAGAVIKTLDLSKNQIDFDSQYIYRTHSGSTGSGKINYFFWVGDFPRMVHDRGQAIEV
RSGIGYKDVSRPLEHGDSNVVILPGTPKSYISYEYMLLPGATTRHDAGFDVIRRLEEDKRFDYDFYIFPGEETIRRIHHE
YVDTPIEVVLDQRNRQLVAPELPKELHGFLCYEIKGAGGEYLIGLNEGAKVNLTSDVASTWIIDSSQLASDSISVSKDQL
LVGEKGKEVVVKLYLAQNSQVLVVNGKGEVRKVDFTSLTAQVISEDASKWQVPGQQIEQHLSDLAKAHQLHGQYVVVENY
RHQGRDVGRAFYDVTKDRMLFTDTTNEQAKRAQLGAVMGDYAYFYDADNAVAWRVDIATGQVDAQFEPWFNQNAGHISRF
WQEGDVVYLARRYRLKEREAELGYRIIGDRMELVSAVGDDALLQLSARIGRHGDELEAILQGYRSNSTQRGTLMYTLGAR
LIQPTSAALVTVFGVDAAGVPHRYWIRTSDGTLIKPNLAPPADQTLHFEAHEQTRSAWQIPADLVLAGSMPLLGGKEVFF
FYSKEQKTLFRQEGPGQEVLDANQPSALRVTTPALTNVINLNGHLVVVTEDGRVARLDALGQLSYAAVNEHWLKGRIHWW
QDLTSVTDGRATLAVFGVKDTDGKSLLPVWYHNGQVVVASAALQDKHPQFLGFEVDGSSARLFEPASGKLYRQPAMTADA
LAAAFGTDEVLEASAQLPAANELEPELHLKAAEQVDAGLRLTTVKGEILLRTHDGKLQLVAVDKDWQQDNLVRLSQALAE
VAGQWRVKGVLTLQGDDTQGWFDVGSGQVFSIGGIPATDNLRFIGIAVGKKGAYVYNPTDQMLYQVKESGAQKLNHYADV
ERIGSSLLLQDGGKGDLSPMLIAGVDSVVLHGGAGSDTYRLSQTMWSYYRTVVIDNDDPNQVLDRLIILAVDAEKIFVSR
HEDDLMLTDSVNGTVLVIRKVFGSQAVTHRHLQIDLEGSSSVISVDHLVKGFTR
;
A
2 'polypeptide(L)'
;MGSSHHHHHHSSGLVPRGSHMRILMVGLDAAGKTTILYKLKLGEIVTTIPTIGFNVETVEYKNISFTVWDVGGLDKIRPL
WRHYFQNTQGLIFVVDSNDRERVNEAREELMRMLAEDELRDAVLLVFANKQDLPNAMNAAEITDKLGLHSLRHRNWYIQA
TCATSGDGLYEGLDWLANQLKNKK
;
B
#
# COMPACT_ATOMS: atom_id res chain seq x y z
N ILE A 24 -28.36 -8.03 -3.59
CA ILE A 24 -28.87 -8.10 -4.95
C ILE A 24 -29.82 -6.93 -5.23
N SER A 25 -30.77 -6.67 -4.33
CA SER A 25 -31.80 -5.68 -4.59
C SER A 25 -31.19 -4.31 -4.77
N LYS A 26 -31.58 -3.64 -5.86
CA LYS A 26 -31.14 -2.26 -6.05
C LYS A 26 -31.70 -1.34 -4.99
N ASP A 27 -32.88 -1.67 -4.46
CA ASP A 27 -33.50 -0.85 -3.42
C ASP A 27 -32.62 -0.78 -2.18
N PHE A 28 -32.11 -1.92 -1.75
CA PHE A 28 -31.16 -1.96 -0.64
C PHE A 28 -29.93 -1.12 -0.90
N THR A 29 -29.39 -1.18 -2.13
CA THR A 29 -28.21 -0.38 -2.44
C THR A 29 -28.52 1.11 -2.41
N ASN A 30 -29.67 1.51 -2.95
CA ASN A 30 -30.05 2.91 -2.91
C ASN A 30 -30.36 3.38 -1.51
N LEU A 31 -30.95 2.50 -0.69
CA LEU A 31 -31.23 2.85 0.70
C LEU A 31 -29.94 3.11 1.45
N LEU A 32 -28.95 2.23 1.25
CA LEU A 32 -27.66 2.44 1.89
C LEU A 32 -27.02 3.72 1.41
N ASN A 33 -27.06 3.97 0.11
CA ASN A 33 -26.52 5.21 -0.42
C ASN A 33 -27.24 6.42 0.16
N THR A 34 -28.55 6.29 0.36
CA THR A 34 -29.36 7.36 0.93
C THR A 34 -28.92 7.69 2.35
N LEU A 35 -28.81 6.66 3.18
CA LEU A 35 -28.44 6.94 4.56
C LEU A 35 -27.01 7.41 4.64
N ILE A 36 -26.16 6.98 3.70
CA ILE A 36 -24.79 7.47 3.67
C ILE A 36 -24.80 8.96 3.41
N ASP A 37 -25.44 9.36 2.31
CA ASP A 37 -25.53 10.77 1.94
C ASP A 37 -26.10 11.60 3.07
N GLY A 38 -27.14 11.08 3.72
CA GLY A 38 -27.76 11.85 4.80
C GLY A 38 -26.86 11.98 6.01
N GLN A 39 -26.19 10.90 6.39
CA GLN A 39 -25.31 10.96 7.55
C GLN A 39 -24.11 11.85 7.27
N ILE A 40 -23.64 11.89 6.03
CA ILE A 40 -22.61 12.86 5.67
C ILE A 40 -23.14 14.28 5.81
N GLY A 41 -24.34 14.53 5.27
CA GLY A 41 -24.87 15.88 5.34
C GLY A 41 -25.03 16.36 6.75
N ALA A 42 -25.25 15.44 7.69
CA ALA A 42 -25.35 15.77 9.10
C ALA A 42 -23.99 16.03 9.75
N ALA A 43 -22.88 15.80 9.03
CA ALA A 43 -21.59 15.78 9.70
C ALA A 43 -21.23 17.16 10.25
N SER A 44 -20.81 17.18 11.51
CA SER A 44 -19.93 18.21 12.04
C SER A 44 -18.48 17.90 11.66
N ARG A 45 -17.56 18.72 12.16
CA ARG A 45 -16.21 18.24 12.35
C ARG A 45 -16.20 17.10 13.36
N GLN A 46 -15.13 16.32 13.35
CA GLN A 46 -15.02 15.14 14.18
C GLN A 46 -16.19 14.20 13.96
N THR A 47 -16.18 13.44 12.86
CA THR A 47 -17.21 12.45 12.60
C THR A 47 -16.58 11.24 11.94
N GLU A 48 -17.17 10.08 12.20
CA GLU A 48 -16.72 8.84 11.59
C GLU A 48 -17.18 8.63 10.16
N TRP A 49 -18.22 9.32 9.71
CA TRP A 49 -18.44 9.34 8.27
C TRP A 49 -17.61 10.40 7.56
N PHE A 50 -17.24 10.08 6.32
CA PHE A 50 -16.64 11.02 5.39
C PHE A 50 -16.91 10.53 3.97
N ASN A 51 -16.76 11.45 3.02
CA ASN A 51 -16.93 11.13 1.61
C ASN A 51 -15.85 10.21 1.07
N MET A 52 -16.27 9.26 0.23
CA MET A 52 -15.46 8.16 -0.28
C MET A 52 -15.20 8.36 -1.76
N SER A 53 -14.16 7.68 -2.24
CA SER A 53 -14.04 7.47 -3.67
C SER A 53 -15.19 6.62 -4.19
N PRO A 54 -15.60 6.81 -5.45
CA PRO A 54 -16.68 6.00 -6.01
C PRO A 54 -16.32 4.53 -6.21
N ASP A 55 -15.09 4.13 -5.92
CA ASP A 55 -14.72 2.73 -5.80
C ASP A 55 -14.84 2.22 -4.36
N GLU A 56 -14.31 3.01 -3.42
CA GLU A 56 -14.40 2.70 -2.00
C GLU A 56 -15.82 2.47 -1.55
N ARG A 57 -16.75 3.25 -2.10
CA ARG A 57 -18.19 3.06 -1.95
C ARG A 57 -18.62 1.59 -1.97
N THR A 58 -18.20 0.86 -2.99
CA THR A 58 -18.62 -0.54 -3.13
C THR A 58 -17.95 -1.46 -2.13
N ASP A 59 -16.65 -1.26 -1.88
CA ASP A 59 -15.98 -2.09 -0.89
C ASP A 59 -16.60 -1.92 0.49
N TYR A 60 -16.95 -0.68 0.82
CA TYR A 60 -17.64 -0.40 2.08
C TYR A 60 -18.96 -1.13 2.15
N ILE A 61 -19.78 -1.00 1.11
CA ILE A 61 -21.07 -1.67 1.11
C ILE A 61 -20.92 -3.19 1.21
N LYS A 62 -19.95 -3.74 0.49
CA LYS A 62 -19.65 -5.16 0.57
C LYS A 62 -19.31 -5.61 1.99
N GLN A 63 -18.49 -4.84 2.70
CA GLN A 63 -18.18 -5.20 4.07
C GLN A 63 -19.37 -5.04 4.99
N VAL A 64 -20.27 -4.12 4.65
CA VAL A 64 -21.51 -3.98 5.39
C VAL A 64 -22.32 -5.26 5.29
N ASP A 65 -22.54 -5.72 4.06
CA ASP A 65 -23.33 -6.93 3.84
C ASP A 65 -22.69 -8.12 4.53
N GLU A 66 -21.38 -8.27 4.36
CA GLU A 66 -20.67 -9.38 4.98
C GLU A 66 -20.89 -9.41 6.49
N ARG A 67 -20.69 -8.28 7.16
CA ARG A 67 -20.81 -8.30 8.60
C ARG A 67 -22.26 -8.45 9.07
N LEU A 68 -23.23 -8.02 8.26
CA LEU A 68 -24.61 -8.35 8.58
C LEU A 68 -24.85 -9.85 8.56
N GLN A 69 -24.30 -10.53 7.55
CA GLN A 69 -24.42 -11.99 7.52
C GLN A 69 -23.72 -12.62 8.72
N GLU A 70 -22.56 -12.09 9.10
CA GLU A 70 -21.89 -12.58 10.28
C GLU A 70 -22.73 -12.43 11.53
N MET A 71 -23.38 -11.28 11.70
CA MET A 71 -24.23 -11.10 12.87
C MET A 71 -25.33 -12.15 12.90
N GLN A 72 -26.03 -12.29 11.78
CA GLN A 72 -27.14 -13.26 11.71
C GLN A 72 -26.68 -14.66 12.06
N GLN A 73 -25.54 -15.07 11.52
CA GLN A 73 -25.09 -16.43 11.75
C GLN A 73 -24.50 -16.64 13.13
N SER A 74 -23.98 -15.59 13.77
CA SER A 74 -23.04 -15.79 14.85
C SER A 74 -23.39 -15.12 16.17
N THR A 75 -24.48 -14.37 16.26
CA THR A 75 -24.89 -13.92 17.60
C THR A 75 -26.38 -14.06 17.86
N LEU A 76 -27.18 -13.69 16.87
CA LEU A 76 -28.61 -13.87 17.03
C LEU A 76 -28.97 -15.35 17.13
N SER A 77 -28.22 -16.22 16.45
CA SER A 77 -28.48 -17.65 16.60
C SER A 77 -28.34 -18.11 18.05
N VAL A 78 -27.25 -17.73 18.71
CA VAL A 78 -27.11 -18.09 20.12
C VAL A 78 -28.15 -17.38 20.97
N LEU A 79 -28.65 -16.23 20.53
CA LEU A 79 -29.77 -15.65 21.26
C LEU A 79 -31.03 -16.49 21.13
N ALA A 80 -31.28 -17.02 19.94
CA ALA A 80 -32.39 -17.94 19.76
C ALA A 80 -32.24 -19.15 20.66
N ALA A 81 -31.02 -19.63 20.78
CA ALA A 81 -30.78 -20.76 21.68
C ALA A 81 -30.97 -20.40 23.13
N GLN A 82 -31.47 -19.20 23.46
CA GLN A 82 -31.88 -18.91 24.82
C GLN A 82 -33.30 -18.34 24.92
N HIS A 83 -33.87 -17.82 23.84
CA HIS A 83 -35.31 -17.59 23.86
C HIS A 83 -36.08 -18.90 23.79
N PHE A 84 -35.71 -19.76 22.86
CA PHE A 84 -35.98 -21.17 22.98
C PHE A 84 -35.07 -21.77 24.03
N GLN A 85 -35.30 -23.05 24.34
CA GLN A 85 -34.61 -23.71 25.44
C GLN A 85 -35.00 -23.06 26.78
N MET A 86 -35.82 -22.01 26.71
CA MET A 86 -36.38 -21.43 27.93
C MET A 86 -37.13 -22.49 28.73
N GLN A 87 -37.89 -23.34 28.07
CA GLN A 87 -38.57 -24.44 28.76
C GLN A 87 -37.61 -25.60 29.01
N ASP A 88 -37.78 -26.25 30.16
CA ASP A 88 -36.89 -27.34 30.59
C ASP A 88 -37.24 -28.61 29.83
N ASN A 89 -36.58 -28.81 28.69
CA ASN A 89 -36.51 -30.14 28.09
C ASN A 89 -35.75 -31.13 28.96
N PRO A 90 -35.84 -32.43 28.69
CA PRO A 90 -34.99 -33.41 29.38
C PRO A 90 -33.51 -33.13 29.11
N VAL A 91 -32.74 -32.95 30.19
CA VAL A 91 -31.33 -32.58 30.10
C VAL A 91 -30.50 -33.56 30.92
N SER A 92 -29.38 -34.00 30.34
CA SER A 92 -28.49 -34.96 30.98
C SER A 92 -27.13 -34.93 30.30
N VAL A 93 -26.07 -34.92 31.12
CA VAL A 93 -24.70 -34.91 30.61
C VAL A 93 -24.35 -36.22 29.94
N GLY A 94 -25.02 -37.31 30.29
CA GLY A 94 -24.75 -38.58 29.62
C GLY A 94 -25.57 -38.70 28.36
N ASP A 95 -26.84 -38.32 28.42
CA ASP A 95 -27.68 -38.42 27.24
C ASP A 95 -27.49 -37.20 26.36
N GLN A 96 -26.23 -36.82 26.12
CA GLN A 96 -25.95 -35.64 25.30
C GLN A 96 -26.65 -35.77 23.97
N LEU A 97 -26.48 -36.92 23.32
CA LEU A 97 -27.11 -37.15 22.03
C LEU A 97 -28.62 -36.97 22.12
N GLN A 98 -29.23 -37.52 23.16
CA GLN A 98 -30.67 -37.43 23.30
C GLN A 98 -31.10 -36.04 23.73
N THR A 99 -30.38 -35.44 24.67
CA THR A 99 -30.68 -34.07 25.07
C THR A 99 -30.67 -33.12 23.87
N LEU A 100 -29.62 -33.19 23.07
CA LEU A 100 -29.54 -32.39 21.85
C LEU A 100 -30.63 -32.75 20.87
N GLN A 101 -30.93 -34.04 20.74
CA GLN A 101 -31.91 -34.49 19.76
C GLN A 101 -33.28 -33.92 20.10
N LYS A 102 -33.65 -33.98 21.38
CA LYS A 102 -34.91 -33.40 21.83
C LYS A 102 -34.90 -31.89 21.71
N ARG A 103 -33.76 -31.24 21.98
CA ARG A 103 -33.65 -29.83 21.69
C ARG A 103 -33.90 -29.52 20.21
N ARG A 104 -33.52 -30.45 19.33
CA ARG A 104 -33.83 -30.26 17.92
C ARG A 104 -35.30 -30.51 17.61
N GLN A 105 -35.86 -31.60 18.11
CA GLN A 105 -37.26 -31.84 17.85
C GLN A 105 -38.17 -30.87 18.57
N GLN A 106 -37.70 -30.28 19.67
CA GLN A 106 -38.43 -29.16 20.24
C GLN A 106 -38.55 -28.02 19.25
N MET A 107 -37.63 -27.94 18.28
CA MET A 107 -37.45 -26.75 17.48
C MET A 107 -37.46 -27.04 15.98
N THR A 108 -37.67 -28.30 15.58
CA THR A 108 -37.93 -28.61 14.19
C THR A 108 -39.18 -27.91 13.70
N ASP A 109 -40.04 -27.51 14.62
CA ASP A 109 -41.26 -26.75 14.34
C ASP A 109 -41.00 -25.27 14.12
N VAL A 110 -39.83 -24.75 14.49
CA VAL A 110 -39.62 -23.30 14.50
C VAL A 110 -39.48 -22.77 13.08
N PRO A 111 -40.02 -21.58 12.81
CA PRO A 111 -39.94 -21.01 11.46
C PRO A 111 -38.50 -20.77 11.01
N GLY A 112 -38.33 -20.86 9.69
CA GLY A 112 -37.06 -20.64 9.04
C GLY A 112 -36.50 -19.25 9.26
N THR A 113 -35.21 -19.20 9.57
CA THR A 113 -34.47 -17.99 9.88
C THR A 113 -33.00 -18.34 9.90
N PRO A 114 -32.15 -17.55 9.25
CA PRO A 114 -30.75 -17.96 9.10
C PRO A 114 -30.10 -18.30 10.42
N ALA A 115 -30.44 -17.55 11.46
CA ALA A 115 -29.98 -17.86 12.81
C ALA A 115 -30.52 -19.22 13.26
N ILE A 116 -31.74 -19.56 12.84
CA ILE A 116 -32.31 -20.87 13.17
C ILE A 116 -31.55 -21.96 12.44
N ASN A 117 -31.24 -21.71 11.16
CA ASN A 117 -30.53 -22.72 10.39
C ASN A 117 -29.15 -22.96 10.97
N ALA A 118 -28.44 -21.88 11.30
CA ALA A 118 -27.15 -22.00 11.95
C ALA A 118 -27.25 -22.75 13.27
N TYR A 119 -28.32 -22.52 14.02
CA TYR A 119 -28.50 -23.23 15.27
C TYR A 119 -28.70 -24.72 15.04
N LYS A 120 -29.57 -25.07 14.10
CA LYS A 120 -29.77 -26.46 13.75
C LYS A 120 -28.47 -27.12 13.30
N GLN A 121 -27.70 -26.46 12.45
CA GLN A 121 -26.48 -27.06 11.92
C GLN A 121 -25.43 -27.24 13.00
N GLN A 122 -25.30 -26.27 13.89
CA GLN A 122 -24.41 -26.42 15.04
C GLN A 122 -24.80 -27.64 15.86
N LEU A 123 -26.10 -27.80 16.09
CA LEU A 123 -26.58 -28.90 16.90
C LEU A 123 -26.34 -30.23 16.19
N ASP A 124 -26.48 -30.24 14.86
CA ASP A 124 -26.20 -31.41 14.06
C ASP A 124 -24.73 -31.84 14.14
N ARG A 125 -23.82 -30.89 13.95
CA ARG A 125 -22.40 -31.21 14.02
C ARG A 125 -22.01 -31.74 15.40
N ASP A 126 -22.53 -31.13 16.47
CA ASP A 126 -22.23 -31.70 17.78
C ASP A 126 -22.89 -33.06 18.00
N ILE A 127 -24.01 -33.32 17.31
CA ILE A 127 -24.62 -34.64 17.40
C ILE A 127 -23.75 -35.67 16.71
N LEU A 128 -23.13 -35.30 15.59
CA LEU A 128 -22.27 -36.23 14.89
C LEU A 128 -21.05 -36.57 15.74
N LEU A 129 -20.41 -35.56 16.31
CA LEU A 129 -19.21 -35.84 17.10
C LEU A 129 -19.53 -36.70 18.32
N TYR A 130 -20.57 -36.33 19.07
CA TYR A 130 -20.86 -37.13 20.25
C TYR A 130 -21.38 -38.52 19.93
N ARG A 131 -22.11 -38.68 18.82
CA ARG A 131 -22.53 -40.01 18.41
C ARG A 131 -21.33 -40.88 18.15
N ARG A 132 -20.37 -40.35 17.37
CA ARG A 132 -19.17 -41.12 17.08
C ARG A 132 -18.46 -41.51 18.37
N GLN A 133 -18.06 -40.52 19.16
CA GLN A 133 -17.34 -40.80 20.40
C GLN A 133 -18.06 -41.83 21.27
N GLN A 134 -19.38 -41.69 21.45
CA GLN A 134 -20.10 -42.64 22.28
C GLN A 134 -20.06 -44.06 21.70
N THR A 135 -20.12 -44.16 20.38
CA THR A 135 -19.95 -45.45 19.72
C THR A 135 -18.58 -46.04 20.03
N ALA A 136 -17.54 -45.24 19.81
CA ALA A 136 -16.18 -45.70 20.02
C ALA A 136 -16.02 -46.20 21.44
N MET A 137 -16.30 -45.35 22.43
CA MET A 137 -16.20 -45.76 23.83
C MET A 137 -17.03 -47.00 24.15
N THR A 138 -18.15 -47.19 23.44
CA THR A 138 -18.98 -48.38 23.66
C THR A 138 -18.24 -49.63 23.19
N HIS A 139 -17.66 -49.56 22.01
CA HIS A 139 -17.04 -50.79 21.51
C HIS A 139 -15.69 -50.98 22.15
N PHE A 140 -15.09 -49.91 22.66
CA PHE A 140 -13.91 -50.03 23.51
C PHE A 140 -14.23 -50.84 24.75
N ASP A 141 -15.26 -50.43 25.48
CA ASP A 141 -15.61 -51.13 26.70
C ASP A 141 -15.91 -52.59 26.41
N SER A 142 -16.66 -52.86 25.34
CA SER A 142 -16.94 -54.25 24.99
C SER A 142 -15.68 -55.01 24.58
N THR A 143 -14.72 -54.32 23.99
CA THR A 143 -13.45 -54.96 23.64
C THR A 143 -12.64 -55.26 24.87
N TRP A 144 -12.54 -54.30 25.79
CA TRP A 144 -11.84 -54.54 27.05
C TRP A 144 -12.41 -55.76 27.76
N ARG A 145 -13.74 -55.81 27.88
CA ARG A 145 -14.36 -56.96 28.52
C ARG A 145 -14.03 -58.26 27.79
N LYS A 146 -14.09 -58.24 26.45
CA LYS A 146 -13.73 -59.42 25.66
C LYS A 146 -12.29 -59.88 25.88
N VAL A 147 -11.35 -58.94 25.90
CA VAL A 147 -9.95 -59.33 26.06
C VAL A 147 -9.65 -59.77 27.48
N LEU A 148 -10.26 -59.14 28.48
CA LEU A 148 -10.09 -59.64 29.84
C LEU A 148 -10.70 -61.04 30.01
N VAL A 149 -11.79 -61.33 29.30
CA VAL A 149 -12.32 -62.70 29.32
C VAL A 149 -11.37 -63.65 28.60
N MET A 150 -10.74 -63.21 27.53
CA MET A 150 -9.81 -64.04 26.79
C MET A 150 -8.54 -64.33 27.58
N LEU A 151 -8.00 -63.33 28.27
CA LEU A 151 -6.80 -63.50 29.06
C LEU A 151 -7.04 -64.09 30.44
N GLY A 152 -8.25 -63.97 30.98
CA GLY A 152 -8.52 -64.49 32.30
C GLY A 152 -8.40 -66.00 32.35
N PRO A 153 -8.12 -66.52 33.55
CA PRO A 153 -8.14 -67.98 33.74
C PRO A 153 -9.55 -68.55 33.70
N ASP A 154 -9.65 -69.87 33.81
CA ASP A 154 -10.93 -70.50 34.07
C ASP A 154 -11.49 -70.05 35.41
N ASP A 155 -12.82 -70.15 35.54
CA ASP A 155 -13.54 -69.70 36.72
C ASP A 155 -13.24 -70.57 37.94
N SER A 156 -12.53 -71.68 37.77
CA SER A 156 -12.05 -72.44 38.93
C SER A 156 -11.11 -71.62 39.80
N LYS A 157 -10.56 -70.53 39.28
CA LYS A 157 -9.68 -69.68 40.05
C LYS A 157 -10.07 -68.22 39.83
N PRO A 158 -9.76 -67.35 40.78
CA PRO A 158 -9.92 -65.91 40.54
C PRO A 158 -8.84 -65.41 39.60
N LEU A 159 -9.20 -64.36 38.83
CA LEU A 159 -8.22 -63.70 38.00
C LEU A 159 -7.05 -63.25 38.86
N ASN A 160 -5.87 -63.84 38.64
CA ASN A 160 -4.72 -63.47 39.45
C ASN A 160 -3.46 -63.57 38.62
N ALA A 161 -2.41 -62.95 39.16
CA ALA A 161 -1.13 -62.88 38.48
C ALA A 161 -0.53 -64.26 38.23
N THR A 162 -0.70 -65.19 39.16
CA THR A 162 -0.15 -66.53 38.98
C THR A 162 -0.67 -67.20 37.71
N THR A 163 -2.00 -67.21 37.53
CA THR A 163 -2.58 -67.82 36.33
C THR A 163 -2.24 -67.04 35.07
N LEU A 164 -2.18 -65.71 35.15
CA LEU A 164 -1.76 -64.91 34.01
C LEU A 164 -0.30 -65.18 33.62
N ARG A 165 0.58 -65.32 34.62
CA ARG A 165 1.95 -65.70 34.34
C ARG A 165 2.01 -67.07 33.69
N GLU A 166 1.22 -68.01 34.20
CA GLU A 166 1.17 -69.33 33.58
C GLU A 166 0.70 -69.23 32.14
N ASN A 167 -0.14 -68.24 31.84
CA ASN A 167 -0.67 -67.99 30.50
C ASN A 167 0.34 -67.31 29.59
N ALA A 168 1.45 -66.80 30.13
CA ALA A 168 2.32 -65.88 29.39
C ALA A 168 2.78 -66.48 28.07
N VAL A 169 3.35 -67.68 28.12
CA VAL A 169 4.03 -68.26 26.95
C VAL A 169 3.08 -68.40 25.78
N ASP A 170 1.81 -68.68 26.03
CA ASP A 170 0.82 -68.68 24.95
C ASP A 170 0.32 -67.27 24.64
N LYS A 171 -0.16 -66.55 25.65
CA LYS A 171 -1.00 -65.40 25.37
C LYS A 171 -0.25 -64.11 25.10
N GLN A 172 1.03 -63.99 25.49
CA GLN A 172 1.85 -62.93 24.91
C GLN A 172 1.98 -63.09 23.40
N ALA A 173 2.24 -64.31 22.93
CA ALA A 173 2.30 -64.58 21.50
C ALA A 173 0.95 -64.40 20.84
N LYS A 174 -0.13 -64.73 21.54
CA LYS A 174 -1.47 -64.47 21.03
C LYS A 174 -1.74 -62.98 20.87
N LEU A 175 -1.45 -62.21 21.92
CA LEU A 175 -1.55 -60.75 21.85
C LEU A 175 -0.75 -60.18 20.68
N ASP A 176 0.51 -60.58 20.56
CA ASP A 176 1.34 -60.15 19.43
C ASP A 176 0.71 -60.50 18.08
N THR A 177 0.21 -61.72 17.94
CA THR A 177 -0.38 -62.14 16.69
C THR A 177 -1.63 -61.33 16.37
N GLU A 178 -2.49 -61.12 17.37
CA GLU A 178 -3.68 -60.30 17.16
C GLU A 178 -3.32 -58.88 16.82
N ILE A 179 -2.32 -58.31 17.50
CA ILE A 179 -1.84 -56.97 17.19
C ILE A 179 -1.39 -56.88 15.74
N LYS A 180 -0.61 -57.86 15.30
CA LYS A 180 -0.14 -57.88 13.92
C LYS A 180 -1.29 -57.94 12.92
N ARG A 181 -2.22 -58.88 13.15
CA ARG A 181 -3.40 -59.02 12.31
C ARG A 181 -4.20 -57.72 12.25
N LEU A 182 -4.46 -57.14 13.43
CA LEU A 182 -5.23 -55.91 13.52
C LEU A 182 -4.53 -54.76 12.79
N GLU A 183 -3.22 -54.61 12.99
CA GLU A 183 -2.49 -53.57 12.28
C GLU A 183 -2.62 -53.74 10.78
N GLN A 184 -2.50 -54.97 10.29
CA GLN A 184 -2.66 -55.23 8.86
C GLN A 184 -4.06 -54.86 8.38
N GLN A 185 -5.08 -55.41 9.04
CA GLN A 185 -6.46 -55.19 8.63
C GLN A 185 -6.86 -53.73 8.71
N LEU A 186 -6.43 -53.03 9.75
CA LEU A 186 -6.71 -51.60 9.88
C LEU A 186 -5.97 -50.79 8.82
N THR A 187 -4.73 -51.15 8.52
CA THR A 187 -4.01 -50.46 7.46
C THR A 187 -4.72 -50.62 6.12
N ILE A 188 -5.30 -51.80 5.90
CA ILE A 188 -6.17 -52.00 4.74
C ILE A 188 -7.39 -51.10 4.82
N GLN A 189 -8.05 -51.08 5.97
CA GLN A 189 -9.27 -50.31 6.19
C GLN A 189 -9.05 -48.79 6.08
N VAL A 190 -7.83 -48.32 6.29
CA VAL A 190 -7.52 -46.91 6.09
C VAL A 190 -7.86 -46.45 4.68
N ALA A 191 -8.02 -47.38 3.75
CA ALA A 191 -8.55 -47.03 2.43
C ALA A 191 -10.00 -46.56 2.49
N ASP A 192 -10.70 -46.77 3.61
CA ASP A 192 -12.07 -46.29 3.73
C ASP A 192 -12.14 -44.77 3.66
N SER A 193 -13.14 -44.28 2.92
CA SER A 193 -13.23 -42.87 2.55
C SER A 193 -13.73 -41.96 3.67
N THR A 194 -14.28 -42.52 4.75
CA THR A 194 -14.77 -41.71 5.85
C THR A 194 -14.83 -42.59 7.09
N PHE A 195 -14.84 -41.96 8.26
CA PHE A 195 -15.01 -42.68 9.51
C PHE A 195 -16.25 -43.57 9.43
N SER A 196 -16.12 -44.79 9.95
CA SER A 196 -17.18 -45.76 9.77
C SER A 196 -17.21 -46.71 10.96
N GLN A 197 -18.37 -47.37 11.12
CA GLN A 197 -18.55 -48.30 12.23
C GLN A 197 -17.44 -49.34 12.25
N LYS A 198 -17.07 -49.86 11.08
CA LYS A 198 -15.98 -50.82 11.03
C LYS A 198 -14.67 -50.19 11.43
N TYR A 199 -14.34 -49.04 10.82
CA TYR A 199 -13.12 -48.32 11.15
C TYR A 199 -13.06 -48.01 12.64
N VAL A 200 -14.13 -47.43 13.18
CA VAL A 200 -14.17 -47.04 14.59
C VAL A 200 -14.03 -48.25 15.49
N THR A 201 -14.75 -49.33 15.14
CA THR A 201 -14.62 -50.62 15.80
C THR A 201 -13.17 -51.06 15.86
N LEU A 202 -12.53 -51.17 14.70
CA LEU A 202 -11.17 -51.68 14.64
C LEU A 202 -10.20 -50.81 15.41
N PHE A 203 -10.33 -49.49 15.30
CA PHE A 203 -9.45 -48.59 16.05
C PHE A 203 -9.59 -48.82 17.54
N SER A 204 -10.83 -48.77 18.06
CA SER A 204 -11.06 -48.99 19.48
C SER A 204 -10.50 -50.34 19.95
N GLU A 205 -10.70 -51.37 19.14
CA GLU A 205 -10.17 -52.69 19.47
C GLU A 205 -8.65 -52.66 19.54
N LEU A 206 -8.02 -52.05 18.55
CA LEU A 206 -6.56 -51.99 18.53
C LEU A 206 -6.03 -51.26 19.75
N GLN A 207 -6.64 -50.15 20.12
CA GLN A 207 -6.20 -49.43 21.31
C GLN A 207 -6.36 -50.28 22.57
N ALA A 208 -7.49 -50.97 22.68
CA ALA A 208 -7.71 -51.85 23.83
C ALA A 208 -6.65 -52.95 23.88
N TYR A 209 -6.38 -53.57 22.73
CA TYR A 209 -5.39 -54.64 22.65
C TYR A 209 -4.01 -54.12 23.04
N LYS A 210 -3.62 -52.96 22.52
CA LYS A 210 -2.32 -52.40 22.84
C LYS A 210 -2.18 -52.12 24.32
N ASP A 211 -3.18 -51.46 24.91
CA ASP A 211 -3.11 -51.10 26.31
C ASP A 211 -3.10 -52.34 27.21
N VAL A 212 -3.95 -53.32 26.92
CA VAL A 212 -3.98 -54.54 27.71
C VAL A 212 -2.68 -55.32 27.55
N ASN A 213 -2.12 -55.37 26.34
CA ASN A 213 -0.80 -55.98 26.18
C ASN A 213 0.24 -55.31 27.07
N ALA A 214 0.31 -53.98 27.02
CA ALA A 214 1.27 -53.27 27.85
C ALA A 214 1.05 -53.54 29.34
N ARG A 215 -0.21 -53.52 29.77
CA ARG A 215 -0.54 -53.79 31.18
C ARG A 215 -0.19 -55.21 31.58
N TYR A 216 -0.40 -56.16 30.68
CA TYR A 216 -0.04 -57.56 30.94
C TYR A 216 1.46 -57.73 31.09
N ASN A 217 2.23 -57.20 30.14
CA ASN A 217 3.69 -57.30 30.25
C ASN A 217 4.21 -56.62 31.50
N ALA A 218 3.62 -55.48 31.86
CA ALA A 218 3.96 -54.83 33.12
C ALA A 218 3.65 -55.71 34.33
N LEU A 219 2.51 -56.42 34.30
CA LEU A 219 2.22 -57.36 35.38
C LEU A 219 3.24 -58.48 35.46
N LEU A 220 3.60 -59.06 34.30
CA LEU A 220 4.61 -60.10 34.28
C LEU A 220 5.95 -59.60 34.81
N LYS A 221 6.27 -58.33 34.56
CA LYS A 221 7.47 -57.72 35.09
C LYS A 221 7.32 -57.24 36.52
N ALA A 222 6.10 -57.08 37.01
CA ALA A 222 5.89 -56.56 38.36
C ALA A 222 6.46 -57.51 39.42
N SER A 223 7.06 -56.91 40.45
CA SER A 223 7.50 -57.64 41.62
C SER A 223 6.30 -58.09 42.45
N ALA A 224 6.57 -58.93 43.46
CA ALA A 224 5.52 -59.39 44.37
C ALA A 224 4.82 -58.23 45.06
N THR A 225 5.52 -57.13 45.31
CA THR A 225 4.87 -55.99 45.95
C THR A 225 4.10 -55.15 44.94
N GLU A 226 4.52 -55.17 43.68
CA GLU A 226 3.87 -54.41 42.62
C GLU A 226 2.80 -55.23 41.93
N GLU A 227 2.91 -56.56 42.04
CA GLU A 227 2.09 -57.49 41.28
C GLU A 227 0.60 -57.23 41.45
N ALA A 228 0.17 -56.98 42.69
CA ALA A 228 -1.24 -56.69 42.96
C ALA A 228 -1.65 -55.36 42.35
N ALA A 229 -0.76 -54.38 42.28
CA ALA A 229 -1.11 -53.10 41.65
C ALA A 229 -1.34 -53.26 40.15
N ALA A 230 -0.45 -53.99 39.47
CA ALA A 230 -0.67 -54.22 38.04
C ALA A 230 -1.88 -55.10 37.79
N LEU A 231 -2.16 -56.05 38.69
CA LEU A 231 -3.42 -56.80 38.57
C LEU A 231 -4.62 -55.87 38.72
N GLY A 232 -4.57 -54.96 39.68
CA GLY A 232 -5.55 -53.88 39.72
C GLY A 232 -5.70 -53.15 38.40
N ALA A 233 -4.58 -52.70 37.84
CA ALA A 233 -4.60 -51.98 36.58
C ALA A 233 -5.15 -52.80 35.44
N LEU A 234 -5.11 -54.13 35.54
CA LEU A 234 -5.79 -54.96 34.54
C LEU A 234 -7.28 -55.05 34.83
N THR A 235 -7.66 -55.31 36.08
CA THR A 235 -9.06 -55.43 36.43
C THR A 235 -9.77 -54.08 36.43
N LYS A 236 -9.02 -52.98 36.63
CA LYS A 236 -9.60 -51.64 36.57
C LYS A 236 -9.92 -51.31 35.11
N VAL A 237 -11.03 -51.89 34.65
CA VAL A 237 -11.75 -51.40 33.47
C VAL A 237 -11.99 -49.91 33.67
N PRO A 238 -11.95 -49.07 32.62
CA PRO A 238 -12.26 -47.66 32.80
C PRO A 238 -13.75 -47.40 32.90
N GLN A 239 -14.47 -48.37 33.49
CA GLN A 239 -15.92 -48.41 33.43
C GLN A 239 -16.57 -47.27 34.22
N ALA A 240 -15.83 -46.62 35.11
CA ALA A 240 -16.33 -45.41 35.75
C ALA A 240 -16.46 -44.25 34.76
N SER A 241 -15.86 -44.37 33.58
CA SER A 241 -15.93 -43.33 32.55
C SER A 241 -15.41 -42.01 33.08
N ASP A 242 -14.44 -42.06 33.99
CA ASP A 242 -13.87 -40.84 34.54
C ASP A 242 -13.01 -40.09 33.53
N ASP A 243 -12.36 -40.79 32.61
CA ASP A 243 -11.81 -40.14 31.43
C ASP A 243 -11.58 -41.17 30.33
N LEU A 244 -11.48 -40.66 29.11
CA LEU A 244 -11.30 -41.53 27.96
C LEU A 244 -9.91 -42.14 27.97
N PRO A 245 -9.75 -43.30 27.31
CA PRO A 245 -8.43 -43.71 26.86
C PRO A 245 -7.80 -42.65 25.96
N VAL A 246 -6.51 -42.39 26.21
CA VAL A 246 -5.80 -41.29 25.55
C VAL A 246 -5.91 -41.43 24.04
N ASN A 247 -5.65 -42.64 23.53
CA ASN A 247 -5.71 -42.87 22.10
C ASN A 247 -7.10 -42.68 21.54
N ILE A 248 -8.14 -42.87 22.36
CA ILE A 248 -9.47 -42.57 21.86
C ILE A 248 -9.75 -41.07 21.81
N SER A 249 -9.21 -40.30 22.76
CA SER A 249 -9.20 -38.84 22.61
C SER A 249 -8.50 -38.42 21.32
N LEU A 250 -7.37 -39.05 21.01
CA LEU A 250 -6.69 -38.79 19.75
C LEU A 250 -7.51 -39.22 18.54
N LEU A 251 -8.23 -40.32 18.66
CA LEU A 251 -9.17 -40.74 17.62
C LEU A 251 -10.18 -39.64 17.36
N MET A 252 -10.76 -39.10 18.43
CA MET A 252 -11.71 -38.01 18.29
C MET A 252 -11.05 -36.78 17.70
N MET A 253 -9.73 -36.66 17.85
CA MET A 253 -9.00 -35.57 17.21
C MET A 253 -8.66 -35.85 15.74
N GLU A 254 -8.88 -37.08 15.26
CA GLU A 254 -8.58 -37.40 13.87
C GLU A 254 -9.39 -36.51 12.92
N GLU A 255 -8.71 -35.95 11.93
CA GLU A 255 -9.36 -35.17 10.88
C GLU A 255 -9.90 -36.00 9.73
N ARG A 256 -9.23 -37.09 9.38
CA ARG A 256 -9.75 -38.08 8.47
C ARG A 256 -9.32 -39.43 9.01
N PRO A 257 -10.06 -40.50 8.72
CA PRO A 257 -9.70 -41.79 9.30
C PRO A 257 -8.24 -42.12 9.02
N GLY A 258 -7.50 -42.38 10.10
CA GLY A 258 -6.09 -42.70 10.06
C GLY A 258 -5.17 -41.51 10.08
N TYR A 259 -5.70 -40.29 10.11
CA TYR A 259 -4.85 -39.10 10.15
C TYR A 259 -5.40 -38.03 11.09
N ILE A 260 -4.49 -37.40 11.81
CA ILE A 260 -4.76 -36.23 12.63
C ILE A 260 -4.10 -35.04 11.96
N ARG A 261 -4.77 -33.90 11.96
CA ARG A 261 -4.10 -32.67 11.55
C ARG A 261 -3.19 -32.17 12.65
N MET A 262 -1.90 -32.13 12.35
CA MET A 262 -0.92 -31.45 13.17
C MET A 262 -0.84 -30.01 12.70
N ASN A 263 -0.58 -29.12 13.65
CA ASN A 263 -0.22 -27.76 13.31
C ASN A 263 0.95 -27.30 14.16
N VAL A 264 1.64 -26.29 13.65
CA VAL A 264 2.66 -25.57 14.39
C VAL A 264 2.46 -24.09 14.12
N ALA A 265 2.48 -23.28 15.16
CA ALA A 265 2.14 -21.88 15.06
C ALA A 265 3.39 -21.04 14.97
N LEU A 266 3.36 -20.07 14.06
CA LEU A 266 4.51 -19.22 13.79
C LEU A 266 4.56 -18.10 14.82
N VAL A 267 5.72 -17.46 14.94
CA VAL A 267 5.75 -16.12 15.50
C VAL A 267 5.31 -15.11 14.46
N ASN A 268 5.98 -15.11 13.30
CA ASN A 268 5.49 -14.45 12.11
C ASN A 268 5.75 -15.37 10.92
N ALA A 269 5.02 -15.16 9.84
CA ALA A 269 5.29 -15.90 8.62
C ALA A 269 6.68 -15.56 8.09
N SER A 270 7.54 -16.56 7.98
CA SER A 270 8.97 -16.35 7.85
C SER A 270 9.41 -16.78 6.46
N THR A 271 8.95 -16.03 5.45
CA THR A 271 9.32 -16.31 4.07
C THR A 271 10.80 -16.10 3.82
N ASP A 272 11.49 -15.41 4.72
CA ASP A 272 12.91 -15.09 4.57
C ASP A 272 13.76 -15.63 5.72
N GLY A 273 13.17 -16.34 6.67
CA GLY A 273 13.91 -16.94 7.76
C GLY A 273 14.10 -16.08 8.99
N ARG A 274 13.44 -14.91 9.05
CA ARG A 274 13.59 -14.05 10.22
C ARG A 274 12.95 -14.64 11.47
N PHE A 275 11.99 -15.55 11.31
CA PHE A 275 11.18 -16.05 12.41
C PHE A 275 11.10 -17.56 12.39
N LYS A 276 10.70 -18.11 13.54
CA LYS A 276 10.33 -19.52 13.64
C LYS A 276 9.31 -19.85 12.56
N ASP A 277 9.52 -20.94 11.84
CA ASP A 277 8.63 -21.27 10.73
C ASP A 277 8.72 -22.73 10.36
N PHE A 278 7.78 -23.12 9.49
CA PHE A 278 7.64 -24.46 8.94
C PHE A 278 6.94 -24.36 7.59
N PHE A 279 7.65 -24.71 6.52
CA PHE A 279 7.25 -24.29 5.19
C PHE A 279 7.65 -25.36 4.20
N LEU A 280 7.04 -25.31 3.03
CA LEU A 280 7.42 -26.24 1.97
C LEU A 280 8.68 -25.70 1.31
N GLU A 281 9.71 -26.54 1.26
CA GLU A 281 10.94 -26.23 0.56
C GLU A 281 11.36 -27.45 -0.24
N ASN A 282 11.44 -27.28 -1.56
CA ASN A 282 11.81 -28.36 -2.48
C ASN A 282 10.93 -29.58 -2.27
N GLY A 283 9.62 -29.35 -2.27
CA GLY A 283 8.66 -30.44 -2.23
C GLY A 283 8.55 -31.09 -0.88
N ARG A 284 9.67 -31.22 -0.16
CA ARG A 284 9.62 -31.62 1.23
C ARG A 284 9.06 -30.49 2.09
N LEU A 285 8.37 -30.87 3.16
CA LEU A 285 8.06 -29.91 4.21
C LEU A 285 9.31 -29.69 5.04
N VAL A 286 9.51 -28.45 5.48
CA VAL A 286 10.73 -28.07 6.18
C VAL A 286 10.37 -27.13 7.32
N VAL A 287 10.73 -27.51 8.55
CA VAL A 287 10.69 -26.56 9.65
C VAL A 287 11.88 -25.63 9.49
N LEU A 288 11.61 -24.32 9.53
CA LEU A 288 12.64 -23.32 9.34
C LEU A 288 13.54 -23.18 10.56
N THR A 289 13.10 -23.66 11.72
CA THR A 289 13.87 -23.53 12.94
C THR A 289 13.80 -24.84 13.73
N ASP A 290 14.75 -24.98 14.65
CA ASP A 290 15.08 -26.28 15.20
C ASP A 290 14.10 -26.78 16.27
N GLY A 291 13.32 -25.89 16.87
CA GLY A 291 12.20 -26.31 17.69
C GLY A 291 11.26 -25.16 17.94
N VAL A 292 10.00 -25.48 18.17
CA VAL A 292 8.96 -24.46 18.33
C VAL A 292 8.07 -24.83 19.51
N LEU A 293 7.85 -23.86 20.40
CA LEU A 293 7.06 -24.04 21.61
C LEU A 293 5.57 -24.10 21.32
N ASN A 294 5.18 -24.02 20.04
CA ASN A 294 3.83 -23.61 19.65
C ASN A 294 3.11 -24.66 18.82
N PHE A 295 3.59 -25.90 18.82
CA PHE A 295 2.85 -26.95 18.15
C PHE A 295 1.49 -27.14 18.82
N SER A 296 0.50 -27.55 18.03
CA SER A 296 -0.76 -28.01 18.57
C SER A 296 -1.39 -29.00 17.61
N PHE A 297 -2.31 -29.79 18.14
CA PHE A 297 -2.99 -30.82 17.36
C PHE A 297 -4.50 -30.62 17.41
N GLY A 298 -5.16 -31.00 16.32
CA GLY A 298 -6.60 -30.86 16.21
C GLY A 298 -7.05 -29.46 15.80
N THR A 299 -8.34 -29.23 16.02
CA THR A 299 -8.97 -27.94 15.80
C THR A 299 -10.17 -27.84 16.73
N ALA A 300 -10.49 -26.60 17.16
CA ALA A 300 -11.61 -26.41 18.07
C ALA A 300 -12.91 -26.74 17.38
N ALA A 301 -13.81 -27.38 18.12
CA ALA A 301 -15.11 -27.78 17.58
C ALA A 301 -16.07 -26.61 17.43
N ARG A 302 -16.00 -25.62 18.30
CA ARG A 302 -16.97 -24.54 18.30
C ARG A 302 -16.41 -23.32 19.01
N SER A 303 -17.04 -22.18 18.74
CA SER A 303 -16.67 -20.93 19.39
C SER A 303 -17.00 -20.95 20.86
N LEU A 304 -16.38 -20.01 21.59
CA LEU A 304 -16.62 -19.87 23.02
C LEU A 304 -18.07 -19.54 23.30
N ALA A 305 -18.72 -18.88 22.33
CA ALA A 305 -20.15 -18.62 22.42
C ALA A 305 -20.94 -19.91 22.59
N TRP A 306 -20.73 -20.88 21.71
CA TRP A 306 -21.45 -22.14 21.85
C TRP A 306 -21.07 -22.85 23.14
N GLN A 307 -19.80 -22.79 23.53
CA GLN A 307 -19.36 -23.41 24.77
C GLN A 307 -20.11 -22.86 25.97
N GLN A 308 -20.31 -21.55 26.00
CA GLN A 308 -21.08 -20.96 27.09
C GLN A 308 -22.57 -21.27 26.95
N GLN A 309 -23.05 -21.43 25.72
CA GLN A 309 -24.45 -21.81 25.56
C GLN A 309 -24.71 -23.22 26.07
N TYR A 310 -23.80 -24.16 25.83
CA TYR A 310 -23.91 -25.47 26.45
C TYR A 310 -23.62 -25.46 27.94
N ARG A 311 -22.98 -24.41 28.46
CA ARG A 311 -22.60 -24.35 29.87
C ARG A 311 -21.75 -25.55 30.26
N LEU A 312 -21.01 -26.09 29.29
CA LEU A 312 -19.97 -27.07 29.57
C LEU A 312 -18.75 -26.41 30.19
N LYS A 313 -17.83 -27.26 30.65
CA LYS A 313 -16.51 -26.74 31.01
C LYS A 313 -15.85 -26.11 29.79
N SER A 314 -15.40 -24.87 29.96
CA SER A 314 -14.59 -24.21 28.95
C SER A 314 -13.13 -24.55 29.14
N GLU A 315 -12.42 -24.70 28.02
CA GLU A 315 -11.00 -25.01 28.09
C GLU A 315 -10.25 -23.77 28.54
N PRO A 316 -9.21 -23.92 29.37
CA PRO A 316 -8.53 -22.77 29.94
C PRO A 316 -7.99 -21.86 28.86
N PRO A 317 -8.01 -20.55 29.10
CA PRO A 317 -7.59 -19.59 28.06
C PRO A 317 -6.11 -19.65 27.74
N SER A 318 -5.29 -20.24 28.61
CA SER A 318 -3.88 -20.43 28.28
C SER A 318 -3.69 -21.33 27.06
N PHE A 319 -4.74 -22.01 26.61
CA PHE A 319 -4.71 -22.63 25.28
C PHE A 319 -4.96 -21.61 24.19
N ARG A 320 -5.85 -20.65 24.43
CA ARG A 320 -6.32 -19.75 23.40
C ARG A 320 -5.47 -18.49 23.28
N SER A 321 -4.79 -18.10 24.34
CA SER A 321 -3.98 -16.89 24.45
C SER A 321 -2.61 -16.88 23.75
N PRO A 322 -1.89 -18.00 23.63
CA PRO A 322 -0.43 -17.89 23.38
C PRO A 322 -0.02 -17.39 22.01
N THR A 323 -0.82 -17.53 20.95
CA THR A 323 -0.42 -16.90 19.70
C THR A 323 -1.62 -16.64 18.79
N TYR A 324 -1.36 -15.81 17.76
CA TYR A 324 -2.42 -15.19 16.98
C TYR A 324 -2.04 -14.93 15.53
N THR A 325 -0.82 -15.22 15.10
CA THR A 325 -0.39 -15.01 13.73
C THR A 325 -0.63 -16.27 12.90
N PRO A 326 -0.44 -16.21 11.56
CA PRO A 326 -0.72 -17.40 10.74
C PRO A 326 -0.03 -18.66 11.20
N ILE A 327 -0.62 -19.81 10.85
CA ILE A 327 -0.22 -21.10 11.37
C ILE A 327 -0.02 -22.08 10.22
N ARG A 328 0.99 -22.92 10.34
CA ARG A 328 1.28 -23.95 9.34
C ARG A 328 0.76 -25.28 9.87
N SER A 329 0.13 -26.06 8.99
CA SER A 329 -0.50 -27.29 9.45
C SER A 329 -0.55 -28.33 8.33
N VAL A 330 -0.52 -29.60 8.72
CA VAL A 330 -0.65 -30.71 7.77
C VAL A 330 -1.15 -31.94 8.52
N LEU A 331 -1.74 -32.89 7.79
CA LEU A 331 -2.03 -34.21 8.33
C LEU A 331 -0.76 -35.02 8.46
N VAL A 332 -0.57 -35.67 9.61
CA VAL A 332 0.57 -36.53 9.88
C VAL A 332 0.11 -37.90 10.37
N LYS A 333 0.91 -38.93 10.04
CA LYS A 333 0.58 -40.31 10.41
C LYS A 333 0.49 -40.47 11.92
N THR A 334 -0.64 -41.02 12.36
CA THR A 334 -0.98 -41.12 13.77
C THR A 334 0.05 -41.89 14.59
N GLU A 335 0.75 -42.85 13.98
CA GLU A 335 1.74 -43.61 14.74
C GLU A 335 2.83 -42.74 15.32
N PHE A 336 3.29 -41.76 14.55
CA PHE A 336 4.30 -40.83 15.05
C PHE A 336 3.79 -40.01 16.23
N VAL A 337 2.59 -39.45 16.08
CA VAL A 337 1.99 -38.67 17.15
C VAL A 337 1.81 -39.52 18.40
N GLU A 338 1.25 -40.71 18.24
CA GLU A 338 0.97 -41.55 19.40
C GLU A 338 2.23 -42.16 19.97
N LYS A 339 3.33 -42.09 19.23
CA LYS A 339 4.57 -42.68 19.69
C LYS A 339 5.30 -41.71 20.60
N TYR A 340 5.70 -40.57 20.07
CA TYR A 340 6.37 -39.59 20.92
C TYR A 340 5.42 -38.77 21.78
N PHE A 341 4.37 -38.21 21.19
CA PHE A 341 3.60 -37.14 21.80
C PHE A 341 2.44 -37.61 22.67
N ALA A 342 1.94 -38.83 22.49
CA ALA A 342 1.02 -39.39 23.47
C ALA A 342 1.63 -39.55 24.85
N ASN A 343 2.95 -39.68 24.94
CA ASN A 343 3.61 -39.63 26.24
C ASN A 343 3.32 -38.34 26.98
N TYR A 344 3.25 -37.21 26.28
CA TYR A 344 2.92 -35.90 26.83
C TYR A 344 1.42 -35.61 26.90
N LEU A 345 0.70 -35.84 25.80
CA LEU A 345 -0.58 -35.23 25.46
C LEU A 345 -1.73 -35.63 26.35
N VAL A 346 -1.53 -36.49 27.35
CA VAL A 346 -2.67 -36.92 28.15
C VAL A 346 -3.27 -35.70 28.83
N SER A 347 -4.59 -35.53 28.67
CA SER A 347 -5.30 -34.47 29.38
C SER A 347 -5.40 -34.74 30.87
N GLU A 348 -5.48 -36.01 31.25
CA GLU A 348 -5.51 -36.39 32.66
C GLU A 348 -4.27 -35.89 33.38
N SER A 349 -4.47 -35.41 34.61
CA SER A 349 -3.42 -34.78 35.40
C SER A 349 -2.48 -35.85 35.90
N THR A 350 -1.74 -36.47 34.99
CA THR A 350 -0.47 -37.11 35.33
C THR A 350 0.60 -36.03 35.48
N LEU A 351 1.21 -35.98 36.66
CA LEU A 351 2.41 -35.19 36.91
C LEU A 351 3.47 -35.38 35.83
N ARG A 352 3.85 -34.28 35.21
CA ARG A 352 5.00 -34.18 34.31
C ARG A 352 5.83 -32.99 34.76
N GLY A 353 7.15 -33.10 34.59
CA GLY A 353 7.98 -31.95 34.84
C GLY A 353 7.87 -30.86 33.79
N GLY A 354 8.86 -29.98 33.72
CA GLY A 354 8.92 -29.04 32.61
C GLY A 354 9.31 -29.66 31.29
N PHE A 355 9.98 -30.82 31.32
CA PHE A 355 10.61 -31.31 30.10
C PHE A 355 10.56 -32.82 30.05
N LYS A 356 10.60 -33.33 28.82
CA LYS A 356 10.96 -34.70 28.51
C LYS A 356 11.73 -34.72 27.20
N ALA A 357 12.68 -35.64 27.10
CA ALA A 357 13.49 -35.77 25.89
C ALA A 357 13.23 -37.15 25.31
N GLN A 358 12.87 -37.18 24.02
CA GLN A 358 12.41 -38.38 23.35
C GLN A 358 13.40 -38.76 22.28
N LEU A 359 13.84 -40.02 22.28
CA LEU A 359 14.72 -40.50 21.23
C LEU A 359 13.93 -40.62 19.92
N LEU A 360 14.35 -39.86 18.92
CA LEU A 360 13.90 -40.09 17.55
C LEU A 360 14.65 -41.25 16.92
N GLY A 361 13.97 -41.93 15.99
CA GLY A 361 14.49 -43.15 15.40
C GLY A 361 15.80 -42.97 14.67
N ASN A 362 16.13 -41.73 14.30
CA ASN A 362 17.41 -41.40 13.68
C ASN A 362 18.52 -41.21 14.71
N GLY A 363 18.29 -41.61 15.96
CA GLY A 363 19.19 -41.41 17.07
C GLY A 363 19.17 -40.05 17.70
N ARG A 364 18.35 -39.14 17.19
CA ARG A 364 18.17 -37.82 17.77
C ARG A 364 17.19 -37.88 18.94
N LYS A 365 17.29 -36.88 19.80
CA LYS A 365 16.24 -36.57 20.76
C LYS A 365 15.16 -35.67 20.17
N MET A 366 13.96 -35.84 20.68
CA MET A 366 12.97 -34.77 20.69
C MET A 366 12.73 -34.34 22.13
N LEU A 367 12.82 -33.04 22.37
CA LEU A 367 12.58 -32.45 23.67
C LEU A 367 11.14 -31.97 23.72
N LEU A 368 10.41 -32.42 24.73
CA LEU A 368 9.05 -31.99 24.98
C LEU A 368 9.02 -31.07 26.18
N THR A 369 8.24 -30.00 26.08
CA THR A 369 8.31 -28.89 27.00
C THR A 369 6.94 -28.64 27.60
N SER A 370 6.87 -28.61 28.93
CA SER A 370 5.62 -28.34 29.61
C SER A 370 5.29 -26.86 29.47
N VAL A 371 4.84 -26.48 28.27
CA VAL A 371 4.54 -25.07 28.02
C VAL A 371 3.21 -24.69 28.63
N ASP A 372 2.41 -25.68 29.01
CA ASP A 372 1.18 -25.48 29.76
C ASP A 372 1.11 -26.61 30.78
N ARG A 373 0.80 -26.25 32.03
CA ARG A 373 0.78 -27.21 33.12
C ARG A 373 -0.58 -27.87 33.27
N LYS A 374 -1.53 -27.57 32.39
CA LYS A 374 -2.85 -28.21 32.46
C LYS A 374 -3.33 -28.78 31.13
N VAL A 375 -3.21 -28.02 30.04
CA VAL A 375 -3.81 -28.40 28.77
C VAL A 375 -3.03 -29.51 28.07
N PRO A 376 -3.73 -30.50 27.48
CA PRO A 376 -3.04 -31.60 26.81
C PRO A 376 -2.47 -31.23 25.44
N ASN A 377 -3.30 -30.61 24.61
CA ASN A 377 -3.17 -30.71 23.16
C ASN A 377 -2.43 -29.53 22.53
N GLN A 378 -1.78 -28.70 23.34
CA GLN A 378 -0.84 -27.70 22.85
C GLN A 378 0.52 -28.04 23.43
N ILE A 379 1.57 -27.94 22.62
CA ILE A 379 2.83 -28.56 23.00
C ILE A 379 3.99 -27.62 22.65
N GLY A 380 4.96 -27.53 23.55
CA GLY A 380 6.28 -27.04 23.19
C GLY A 380 7.23 -28.16 22.84
N ILE A 381 7.76 -28.13 21.61
CA ILE A 381 8.53 -29.23 21.04
C ILE A 381 9.88 -28.75 20.57
N GLN A 382 10.91 -29.55 20.83
CA GLN A 382 12.24 -29.30 20.32
C GLN A 382 12.77 -30.64 19.86
N VAL A 383 13.33 -30.65 18.66
CA VAL A 383 14.12 -31.78 18.15
C VAL A 383 15.59 -31.49 18.39
N SER A 384 16.33 -32.51 18.80
CA SER A 384 17.75 -32.35 19.04
C SER A 384 18.44 -33.70 18.89
N GLY A 385 19.73 -33.66 18.59
CA GLY A 385 20.43 -34.92 18.45
C GLY A 385 21.88 -34.70 18.13
N GLN A 386 22.58 -35.81 17.95
CA GLN A 386 24.01 -35.76 17.66
C GLN A 386 24.26 -34.84 16.47
N ALA A 387 24.98 -33.76 16.72
CA ALA A 387 25.07 -32.68 15.74
C ALA A 387 25.72 -33.22 14.47
N PRO A 388 25.10 -33.06 13.30
CA PRO A 388 25.73 -33.53 12.06
C PRO A 388 27.10 -32.92 11.86
N ASN A 389 28.08 -33.77 11.56
CA ASN A 389 29.43 -33.36 11.17
C ASN A 389 30.13 -32.54 12.27
N THR A 390 30.23 -33.13 13.45
CA THR A 390 30.86 -32.48 14.59
C THR A 390 31.83 -33.44 15.27
N THR A 391 32.76 -32.88 16.04
CA THR A 391 33.79 -33.68 16.69
C THR A 391 33.29 -34.41 17.93
N ILE A 392 32.24 -33.92 18.58
CA ILE A 392 31.72 -34.54 19.80
C ILE A 392 30.22 -34.72 19.62
N THR A 393 29.69 -35.82 20.17
CA THR A 393 28.29 -36.18 19.96
C THR A 393 27.35 -35.30 20.79
N ARG A 394 27.60 -33.99 20.82
CA ARG A 394 26.70 -33.07 21.50
C ARG A 394 25.32 -33.12 20.87
N GLU A 395 24.29 -33.24 21.70
CA GLU A 395 22.93 -33.09 21.19
C GLU A 395 22.63 -31.60 21.00
N VAL A 396 22.09 -31.27 19.84
CA VAL A 396 21.75 -29.88 19.50
C VAL A 396 20.43 -29.87 18.77
N PRO A 397 19.71 -28.75 18.84
CA PRO A 397 18.46 -28.65 18.07
C PRO A 397 18.74 -28.72 16.58
N LEU A 398 17.79 -29.34 15.85
CA LEU A 398 18.03 -29.73 14.45
C LEU A 398 16.74 -29.60 13.65
N ALA A 399 16.56 -28.43 13.01
CA ALA A 399 15.40 -28.22 12.15
C ALA A 399 15.35 -29.19 10.98
N SER A 400 16.50 -29.48 10.36
CA SER A 400 16.51 -30.39 9.22
C SER A 400 16.10 -31.81 9.62
N ALA A 401 16.52 -32.26 10.79
CA ALA A 401 16.13 -33.57 11.28
C ALA A 401 14.61 -33.67 11.43
N LEU A 402 14.01 -32.70 12.13
CA LEU A 402 12.57 -32.64 12.26
C LEU A 402 11.87 -32.56 10.90
N SER A 403 12.43 -31.81 9.96
CA SER A 403 11.82 -31.73 8.63
C SER A 403 11.80 -33.09 7.95
N ASP A 404 12.93 -33.78 7.94
CA ASP A 404 13.00 -35.10 7.30
C ASP A 404 12.11 -36.12 8.00
N LEU A 405 12.14 -36.14 9.33
CA LEU A 405 11.28 -37.04 10.10
C LEU A 405 9.80 -36.78 9.83
N ILE A 406 9.40 -35.52 9.77
CA ILE A 406 8.03 -35.19 9.40
C ILE A 406 7.72 -35.67 7.99
N ASN A 407 8.61 -35.38 7.05
CA ASN A 407 8.38 -35.79 5.66
C ASN A 407 8.21 -37.30 5.58
N GLN A 408 8.88 -38.03 6.47
CA GLN A 408 8.65 -39.46 6.58
C GLN A 408 7.26 -39.75 7.15
N ASN A 409 6.88 -39.03 8.22
CA ASN A 409 5.62 -39.28 8.92
C ASN A 409 4.44 -38.46 8.43
N ALA A 410 4.66 -37.41 7.64
CA ALA A 410 3.55 -36.60 7.16
C ALA A 410 2.95 -37.14 5.86
N ASP A 411 1.70 -36.76 5.62
CA ASP A 411 1.18 -36.69 4.27
C ASP A 411 1.67 -35.41 3.62
N ILE A 412 2.10 -35.51 2.36
CA ILE A 412 2.51 -34.33 1.60
C ILE A 412 1.32 -33.49 1.15
N ALA A 413 0.15 -34.09 1.05
CA ALA A 413 -1.07 -33.35 0.75
C ALA A 413 -1.61 -32.59 1.95
N SER A 414 -2.35 -31.53 1.65
CA SER A 414 -3.08 -30.71 2.63
C SER A 414 -2.15 -30.06 3.67
N PHE A 415 -0.92 -29.76 3.30
CA PHE A 415 -0.23 -28.65 3.95
C PHE A 415 -0.93 -27.35 3.61
N ARG A 416 -1.09 -26.48 4.60
CA ARG A 416 -1.66 -25.16 4.35
C ARG A 416 -1.17 -24.17 5.41
N THR A 417 -1.27 -22.89 5.07
CA THR A 417 -1.06 -21.79 6.00
C THR A 417 -2.38 -21.09 6.24
N ILE A 418 -2.76 -20.95 7.51
CA ILE A 418 -4.04 -20.36 7.85
C ILE A 418 -3.87 -18.87 8.04
N GLY A 419 -4.75 -18.09 7.41
CA GLY A 419 -4.78 -16.65 7.60
C GLY A 419 -3.62 -15.90 6.99
N LEU A 420 -2.88 -16.52 6.07
CA LEU A 420 -1.64 -15.90 5.62
C LEU A 420 -1.92 -14.62 4.86
N GLU A 421 -2.81 -14.68 3.86
CA GLU A 421 -3.23 -13.45 3.20
C GLU A 421 -3.93 -12.52 4.17
N GLY A 422 -4.60 -13.08 5.19
CA GLY A 422 -5.21 -12.24 6.21
C GLY A 422 -4.17 -11.30 6.79
N PHE A 423 -3.00 -11.84 7.13
CA PHE A 423 -1.90 -11.00 7.57
C PHE A 423 -1.48 -10.05 6.45
N ARG A 424 -1.25 -10.60 5.25
CA ARG A 424 -0.81 -9.74 4.15
C ARG A 424 -1.89 -8.80 3.65
N GLN A 425 -3.16 -9.05 3.96
CA GLN A 425 -4.24 -8.14 3.61
C GLN A 425 -4.71 -7.29 4.78
N SER A 426 -3.98 -7.30 5.90
CA SER A 426 -4.39 -6.45 7.01
C SER A 426 -3.19 -5.81 7.68
N SER A 427 -2.13 -6.58 7.91
CA SER A 427 -0.91 -6.00 8.44
C SER A 427 0.16 -5.75 7.40
N TYR A 428 0.15 -6.51 6.30
CA TYR A 428 1.16 -6.39 5.25
C TYR A 428 2.54 -6.78 5.77
N HIS A 429 2.88 -6.30 6.96
CA HIS A 429 4.14 -6.58 7.63
C HIS A 429 3.95 -6.33 9.14
N PRO A 430 4.99 -6.51 9.98
CA PRO A 430 4.89 -6.02 11.36
C PRO A 430 4.71 -4.51 11.40
N ASP A 431 3.48 -4.04 11.61
CA ASP A 431 3.13 -2.72 11.12
C ASP A 431 3.67 -1.60 12.00
N ARG A 432 3.23 -1.57 13.26
CA ARG A 432 3.42 -0.37 14.08
C ARG A 432 3.57 -0.74 15.54
N ASP A 433 4.26 0.13 16.28
CA ASP A 433 4.45 0.00 17.72
C ASP A 433 3.47 0.88 18.48
N GLY A 434 2.19 0.68 18.24
CA GLY A 434 1.21 1.54 18.89
C GLY A 434 -0.19 0.96 18.76
N LEU A 435 -1.15 1.69 19.30
CA LEU A 435 -2.49 1.15 19.41
C LEU A 435 -3.11 0.98 18.02
N PHE A 436 -4.25 0.30 17.98
CA PHE A 436 -4.90 0.00 16.73
C PHE A 436 -5.50 1.26 16.10
N VAL A 437 -5.70 1.19 14.80
CA VAL A 437 -6.13 2.34 14.00
C VAL A 437 -7.36 1.92 13.22
N ASN A 438 -7.47 0.63 12.97
CA ASN A 438 -8.62 0.06 12.29
C ASN A 438 -8.81 -1.35 12.82
N ILE A 439 -9.93 -1.95 12.44
CA ILE A 439 -10.27 -3.23 13.01
C ILE A 439 -9.30 -4.32 12.60
N HIS A 440 -8.56 -4.16 11.50
CA HIS A 440 -7.55 -5.16 11.18
C HIS A 440 -6.43 -5.17 12.20
N GLU A 441 -5.96 -3.98 12.59
CA GLU A 441 -4.93 -3.93 13.60
C GLU A 441 -5.47 -4.30 14.97
N LEU A 442 -6.75 -4.04 15.24
CA LEU A 442 -7.33 -4.55 16.47
C LEU A 442 -7.37 -6.07 16.49
N GLU A 443 -7.91 -6.67 15.43
CA GLU A 443 -8.09 -8.12 15.39
C GLU A 443 -6.75 -8.85 15.32
N ARG A 444 -5.71 -8.22 14.78
CA ARG A 444 -4.39 -8.81 14.83
C ARG A 444 -3.75 -8.71 16.21
N SER A 445 -4.16 -7.75 17.02
CA SER A 445 -3.45 -7.52 18.27
C SER A 445 -3.63 -8.70 19.23
N VAL A 446 -2.68 -8.81 20.16
CA VAL A 446 -2.68 -9.87 21.17
C VAL A 446 -3.98 -9.89 21.97
N GLY A 447 -4.67 -8.77 22.06
CA GLY A 447 -5.94 -8.71 22.77
C GLY A 447 -7.07 -9.48 22.13
N PHE A 448 -6.88 -10.05 20.95
CA PHE A 448 -8.01 -10.66 20.27
C PHE A 448 -8.33 -12.06 20.82
N ALA A 449 -9.57 -12.48 20.58
CA ALA A 449 -10.03 -13.81 20.93
C ALA A 449 -11.17 -14.25 20.02
N GLY A 450 -12.14 -13.36 19.80
CA GLY A 450 -13.23 -13.64 18.90
C GLY A 450 -14.20 -12.47 18.70
N ARG A 451 -14.69 -12.28 17.49
CA ARG A 451 -15.47 -11.09 17.14
C ARG A 451 -16.87 -11.23 17.71
N GLN A 452 -17.19 -10.43 18.71
CA GLN A 452 -18.47 -10.43 19.42
C GLN A 452 -19.26 -9.19 19.02
N TYR A 453 -20.30 -9.38 18.21
CA TYR A 453 -21.20 -8.25 17.96
C TYR A 453 -22.11 -8.01 19.15
N LEU A 454 -22.49 -6.74 19.33
CA LEU A 454 -23.47 -6.33 20.33
C LEU A 454 -24.79 -5.99 19.67
N LEU A 455 -25.87 -6.07 20.45
CA LEU A 455 -27.17 -5.68 19.93
C LEU A 455 -27.98 -4.97 21.01
N GLU A 456 -29.12 -4.45 20.57
CA GLU A 456 -29.82 -3.34 21.22
C GLU A 456 -30.97 -3.88 22.07
N MET A 457 -31.18 -3.26 23.24
CA MET A 457 -32.26 -3.60 24.15
C MET A 457 -33.22 -2.41 24.25
N PRO A 458 -34.06 -2.21 23.22
CA PRO A 458 -34.69 -0.89 23.04
C PRO A 458 -35.97 -0.66 23.82
N GLN A 459 -36.55 -1.67 24.46
CA GLN A 459 -37.87 -1.46 25.06
C GLN A 459 -37.77 -0.78 26.42
N ASP A 460 -36.55 -0.59 26.92
CA ASP A 460 -36.37 0.36 27.99
C ASP A 460 -36.73 1.76 27.50
N ASN A 461 -36.81 2.70 28.45
CA ASN A 461 -37.11 4.09 28.12
C ASN A 461 -36.22 4.63 27.02
N ASP A 462 -34.98 4.17 26.96
CA ASP A 462 -34.10 4.48 25.84
C ASP A 462 -33.16 3.32 25.57
N TYR A 463 -32.65 3.28 24.35
CA TYR A 463 -32.04 2.09 23.80
C TYR A 463 -30.74 1.72 24.50
N LEU A 464 -30.49 0.41 24.60
CA LEU A 464 -29.39 -0.07 25.40
C LEU A 464 -28.85 -1.34 24.74
N SER A 465 -27.61 -1.67 25.05
CA SER A 465 -26.89 -2.75 24.37
C SER A 465 -26.78 -3.99 25.25
N ALA A 466 -27.00 -5.16 24.66
CA ALA A 466 -26.95 -6.41 25.40
C ALA A 466 -26.19 -7.45 24.61
N THR A 467 -25.51 -8.35 25.32
CA THR A 467 -25.05 -9.63 24.81
C THR A 467 -26.17 -10.67 24.86
N PRO A 468 -25.99 -11.80 24.18
CA PRO A 468 -26.95 -12.90 24.37
C PRO A 468 -27.08 -13.31 25.82
N PHE A 469 -26.06 -13.07 26.64
CA PHE A 469 -26.10 -13.47 28.03
C PHE A 469 -26.51 -12.35 28.98
N GLY A 470 -26.43 -11.09 28.56
CA GLY A 470 -26.60 -10.02 29.52
C GLY A 470 -26.64 -8.60 28.98
N VAL A 471 -27.36 -7.75 29.69
CA VAL A 471 -27.50 -6.33 29.34
C VAL A 471 -26.41 -5.54 30.04
N MET A 472 -25.85 -4.56 29.33
CA MET A 472 -24.66 -3.86 29.80
C MET A 472 -25.06 -2.77 30.79
N SER A 473 -24.82 -3.03 32.08
CA SER A 473 -24.92 -1.96 33.07
C SER A 473 -23.74 -1.02 32.88
N VAL A 474 -24.02 0.29 32.87
CA VAL A 474 -22.98 1.28 32.68
C VAL A 474 -23.03 2.33 33.78
N ASP A 475 -21.85 2.79 34.19
CA ASP A 475 -21.70 3.77 35.25
C ASP A 475 -20.45 4.59 34.97
N GLY A 476 -20.37 5.76 35.60
CA GLY A 476 -19.23 6.63 35.40
C GLY A 476 -17.92 5.97 35.76
N ASP A 477 -17.91 5.18 36.83
CA ASP A 477 -16.75 4.43 37.27
C ASP A 477 -16.69 3.03 36.69
N LYS A 478 -17.84 2.46 36.32
CA LYS A 478 -17.97 1.02 36.23
C LYS A 478 -18.79 0.63 35.01
N VAL A 479 -18.47 -0.54 34.48
CA VAL A 479 -19.24 -1.18 33.42
C VAL A 479 -19.54 -2.60 33.85
N SER A 480 -20.79 -3.02 33.68
CA SER A 480 -21.28 -4.25 34.28
C SER A 480 -22.29 -4.86 33.33
N SER A 481 -22.61 -6.13 33.55
CA SER A 481 -23.78 -6.71 32.94
C SER A 481 -24.71 -7.35 33.96
N SER A 482 -26.00 -7.15 33.73
CA SER A 482 -27.07 -7.87 34.40
C SER A 482 -27.51 -9.03 33.52
N HIS A 483 -27.51 -10.24 34.07
CA HIS A 483 -27.85 -11.38 33.25
C HIS A 483 -29.34 -11.35 32.93
N LEU A 484 -29.68 -11.85 31.75
CA LEU A 484 -31.04 -11.73 31.24
C LEU A 484 -31.93 -12.77 31.91
N SER A 485 -33.04 -12.34 32.50
CA SER A 485 -34.09 -13.30 32.77
C SER A 485 -34.93 -13.55 31.52
N LYS A 486 -35.75 -14.60 31.60
CA LYS A 486 -36.39 -15.15 30.41
C LYS A 486 -37.27 -14.12 29.70
N ALA A 487 -38.07 -13.35 30.46
CA ALA A 487 -38.90 -12.32 29.85
C ALA A 487 -38.07 -11.28 29.10
N GLN A 488 -36.93 -10.90 29.65
CA GLN A 488 -36.05 -9.96 28.97
C GLN A 488 -35.48 -10.57 27.70
N THR A 489 -35.14 -11.86 27.76
CA THR A 489 -34.68 -12.54 26.55
C THR A 489 -35.77 -12.58 25.49
N ASP A 490 -37.01 -12.82 25.92
CA ASP A 490 -38.12 -12.86 24.98
C ASP A 490 -38.34 -11.51 24.33
N THR A 491 -38.27 -10.45 25.14
CA THR A 491 -38.31 -9.08 24.62
C THR A 491 -37.24 -8.86 23.56
N LEU A 492 -35.99 -9.06 23.98
CA LEU A 492 -34.84 -8.74 23.15
C LEU A 492 -34.90 -9.52 21.85
N TYR A 493 -35.18 -10.81 21.95
CA TYR A 493 -35.27 -11.67 20.80
C TYR A 493 -36.39 -11.20 19.88
N GLN A 494 -37.59 -11.02 20.42
CA GLN A 494 -38.72 -10.73 19.54
C GLN A 494 -38.50 -9.44 18.78
N TYR A 495 -37.99 -8.41 19.46
CA TYR A 495 -37.70 -7.15 18.78
C TYR A 495 -36.61 -7.32 17.73
N ASN A 496 -35.43 -7.76 18.15
CA ASN A 496 -34.30 -7.85 17.23
C ASN A 496 -34.61 -8.76 16.05
N ALA A 497 -35.29 -9.88 16.30
CA ALA A 497 -35.69 -10.77 15.23
C ALA A 497 -36.66 -10.12 14.28
N ALA A 498 -37.59 -9.31 14.79
CA ALA A 498 -38.49 -8.60 13.90
C ALA A 498 -37.72 -7.64 13.00
N PHE A 499 -36.74 -6.95 13.56
CA PHE A 499 -35.90 -6.06 12.75
C PHE A 499 -35.13 -6.83 11.68
N PHE A 500 -34.43 -7.88 12.09
CA PHE A 500 -33.64 -8.62 11.10
C PHE A 500 -34.52 -9.31 10.07
N GLU A 501 -35.73 -9.73 10.47
CA GLU A 501 -36.65 -10.31 9.50
C GLU A 501 -37.03 -9.28 8.46
N LYS A 502 -37.22 -8.04 8.90
CA LYS A 502 -37.54 -6.97 7.98
C LYS A 502 -36.37 -6.72 7.04
N LEU A 503 -35.15 -6.68 7.58
CA LEU A 503 -33.96 -6.51 6.75
C LEU A 503 -33.82 -7.63 5.73
N GLU A 504 -34.07 -8.87 6.16
CA GLU A 504 -34.00 -10.00 5.25
C GLU A 504 -35.05 -9.91 4.16
N GLN A 505 -36.24 -9.42 4.51
CA GLN A 505 -37.23 -9.19 3.47
C GLN A 505 -36.72 -8.14 2.50
N LEU A 506 -36.15 -7.06 3.04
CA LEU A 506 -35.74 -5.95 2.20
C LEU A 506 -34.69 -6.38 1.19
N ARG A 507 -33.76 -7.24 1.60
CA ARG A 507 -32.75 -7.70 0.65
C ARG A 507 -33.34 -8.55 -0.46
N SER A 508 -34.51 -9.15 -0.25
CA SER A 508 -35.02 -10.12 -1.22
C SER A 508 -36.40 -9.75 -1.71
N GLY A 509 -37.37 -9.67 -0.81
CA GLY A 509 -38.68 -9.24 -1.23
C GLY A 509 -38.76 -7.77 -1.55
N GLY A 510 -37.73 -7.01 -1.18
CA GLY A 510 -37.68 -5.63 -1.59
C GLY A 510 -38.74 -4.82 -0.89
N MET A 511 -39.02 -3.66 -1.47
CA MET A 511 -39.97 -2.73 -0.88
C MET A 511 -41.38 -3.31 -0.88
N LYS A 512 -41.71 -4.13 -1.88
CA LYS A 512 -42.99 -4.82 -1.89
C LYS A 512 -43.19 -5.65 -0.63
N ALA A 513 -42.19 -6.45 -0.25
CA ALA A 513 -42.32 -7.25 0.96
C ALA A 513 -42.21 -6.37 2.20
N SER A 514 -41.15 -5.57 2.27
CA SER A 514 -40.86 -4.84 3.50
C SER A 514 -41.75 -3.61 3.67
N ARG A 515 -42.42 -3.16 2.61
CA ARG A 515 -43.34 -2.02 2.68
C ARG A 515 -42.66 -0.74 3.15
N LEU A 516 -41.33 -0.71 3.11
CA LEU A 516 -40.60 0.52 3.39
C LEU A 516 -40.68 1.52 2.24
N PHE A 517 -41.90 1.84 1.80
CA PHE A 517 -42.07 2.75 0.69
C PHE A 517 -41.46 4.12 1.02
N GLU A 518 -41.12 4.86 -0.03
CA GLU A 518 -40.26 6.03 0.12
C GLU A 518 -40.87 7.07 1.06
N GLY A 519 -42.19 7.10 1.19
CA GLY A 519 -42.80 8.01 2.14
C GLY A 519 -43.13 7.44 3.49
N SER A 520 -42.84 6.17 3.76
CA SER A 520 -43.28 5.55 4.99
C SER A 520 -42.56 6.15 6.19
N ILE A 521 -43.33 6.53 7.22
CA ILE A 521 -42.75 6.86 8.52
C ILE A 521 -42.06 5.65 9.13
N GLU A 522 -42.57 4.46 8.85
CA GLU A 522 -41.91 3.23 9.29
C GLU A 522 -40.55 3.09 8.63
N ARG A 523 -40.43 3.51 7.37
CA ARG A 523 -39.14 3.52 6.70
C ARG A 523 -38.14 4.40 7.43
N THR A 524 -38.58 5.59 7.85
CA THR A 524 -37.67 6.48 8.56
C THR A 524 -37.33 5.96 9.94
N ALA A 525 -38.31 5.41 10.67
CA ALA A 525 -38.01 4.79 11.95
C ALA A 525 -37.02 3.63 11.78
N PHE A 526 -37.20 2.86 10.71
CA PHE A 526 -36.33 1.73 10.41
C PHE A 526 -34.90 2.22 10.21
N VAL A 527 -34.74 3.27 9.41
CA VAL A 527 -33.40 3.84 9.21
C VAL A 527 -32.86 4.41 10.51
N GLN A 528 -33.71 5.08 11.28
CA GLN A 528 -33.31 5.61 12.59
C GLN A 528 -32.81 4.51 13.51
N GLN A 529 -33.25 3.28 13.30
CA GLN A 529 -32.74 2.15 14.07
C GLN A 529 -31.47 1.60 13.47
N LEU A 530 -31.43 1.47 12.14
CA LEU A 530 -30.26 0.94 11.47
C LEU A 530 -29.03 1.81 11.76
N VAL A 531 -29.19 3.12 11.72
CA VAL A 531 -28.07 4.02 11.97
C VAL A 531 -27.47 3.81 13.35
N ARG A 532 -28.31 3.61 14.37
CA ARG A 532 -27.72 3.39 15.67
C ARG A 532 -27.15 1.99 15.83
N LEU A 533 -27.66 1.03 15.06
CA LEU A 533 -26.98 -0.25 14.98
C LEU A 533 -25.59 -0.12 14.36
N LEU A 534 -25.51 0.59 13.25
CA LEU A 534 -24.26 0.79 12.54
C LEU A 534 -23.32 1.74 13.25
N GLU A 535 -23.78 2.41 14.30
CA GLU A 535 -22.86 3.11 15.17
C GLU A 535 -22.47 2.20 16.34
N ARG A 536 -23.40 1.38 16.80
CA ARG A 536 -23.14 0.56 17.97
C ARG A 536 -22.00 -0.41 17.68
N ASN A 537 -22.06 -1.08 16.55
CA ASN A 537 -20.86 -1.65 15.97
C ASN A 537 -20.16 -0.61 15.12
N HIS A 538 -18.84 -0.59 15.20
CA HIS A 538 -18.03 0.39 14.48
C HIS A 538 -17.86 0.00 13.01
N ILE A 539 -18.97 -0.25 12.32
CA ILE A 539 -18.95 -0.58 10.90
C ILE A 539 -18.78 0.65 10.02
N THR A 540 -18.71 1.83 10.61
CA THR A 540 -18.42 3.09 9.94
C THR A 540 -17.21 2.96 9.02
N PRO A 541 -17.11 3.82 8.00
CA PRO A 541 -16.02 3.70 7.03
C PRO A 541 -14.64 3.70 7.65
N ALA A 542 -14.40 4.56 8.64
CA ALA A 542 -13.11 4.55 9.31
C ALA A 542 -12.81 3.21 9.96
N GLY A 543 -13.82 2.40 10.24
CA GLY A 543 -13.56 1.09 10.82
C GLY A 543 -13.03 0.04 9.86
N VAL A 544 -13.37 0.12 8.58
CA VAL A 544 -13.23 -1.04 7.73
C VAL A 544 -12.48 -0.77 6.44
N LEU A 545 -12.25 0.50 6.12
CA LEU A 545 -11.73 0.81 4.79
C LEU A 545 -10.25 0.49 4.68
N ALA A 546 -9.47 0.84 5.70
CA ALA A 546 -8.05 0.52 5.83
C ALA A 546 -7.32 0.73 4.51
N PRO A 547 -7.26 1.96 4.01
CA PRO A 547 -6.68 2.21 2.69
C PRO A 547 -5.17 2.07 2.74
N GLU A 548 -4.57 2.01 1.55
CA GLU A 548 -3.12 1.87 1.50
C GLU A 548 -2.43 3.20 1.72
N TYR A 549 -2.88 4.23 1.03
CA TYR A 549 -2.25 5.54 1.12
C TYR A 549 -3.26 6.58 1.59
N PRO A 550 -3.15 7.07 2.80
CA PRO A 550 -4.26 7.77 3.46
C PRO A 550 -4.38 9.23 3.02
N ARG A 551 -5.39 9.51 2.20
CA ARG A 551 -5.77 10.89 1.92
C ARG A 551 -6.02 11.65 3.21
N ASP A 552 -5.61 12.92 3.24
CA ASP A 552 -5.74 13.71 4.45
C ASP A 552 -7.18 14.07 4.79
N ASN A 553 -8.14 13.73 3.93
CA ASN A 553 -9.53 13.92 4.32
C ASN A 553 -9.99 12.90 5.35
N MET A 554 -9.48 11.68 5.29
CA MET A 554 -10.08 10.60 6.06
C MET A 554 -9.84 10.77 7.56
N ARG A 555 -10.75 10.22 8.36
CA ARG A 555 -10.73 10.35 9.80
C ARG A 555 -10.78 8.99 10.45
N ASP A 556 -10.23 8.89 11.66
CA ASP A 556 -10.17 7.62 12.36
C ASP A 556 -11.50 7.25 13.03
N ILE A 557 -11.49 6.08 13.70
CA ILE A 557 -12.64 5.54 14.41
C ILE A 557 -13.16 6.46 15.50
N LYS A 558 -12.39 7.44 15.93
CA LYS A 558 -12.85 8.42 16.89
C LYS A 558 -13.07 9.79 16.27
N GLY A 559 -12.95 9.88 14.96
CA GLY A 559 -13.08 11.11 14.19
C GLY A 559 -11.87 12.01 14.23
N ASN A 560 -10.77 11.57 14.84
CA ASN A 560 -9.52 12.28 14.67
C ASN A 560 -9.05 12.12 13.24
N ASN A 561 -8.20 13.04 12.81
CA ASN A 561 -7.63 12.91 11.47
C ASN A 561 -6.70 11.71 11.38
N LEU A 562 -6.87 10.92 10.33
CA LEU A 562 -6.18 9.64 10.25
C LEU A 562 -4.69 9.87 10.12
N ASN A 563 -4.33 10.70 9.15
CA ASN A 563 -2.94 10.87 8.79
C ASN A 563 -2.17 11.48 9.95
N LYS A 564 -2.85 12.32 10.73
CA LYS A 564 -2.21 12.91 11.89
C LYS A 564 -1.96 11.87 12.98
N VAL A 565 -2.84 10.88 13.09
CA VAL A 565 -2.60 9.80 14.04
C VAL A 565 -1.39 8.98 13.60
N LEU A 566 -1.35 8.63 12.32
CA LEU A 566 -0.19 7.89 11.82
C LEU A 566 1.10 8.64 12.08
N TRP A 567 1.10 9.96 11.86
CA TRP A 567 2.32 10.70 12.08
C TRP A 567 2.70 10.71 13.54
N GLU A 568 1.72 10.86 14.43
CA GLU A 568 2.04 10.84 15.85
C GLU A 568 2.56 9.47 16.29
N GLN A 569 2.06 8.40 15.67
CA GLN A 569 2.58 7.08 16.01
C GLN A 569 4.03 6.92 15.58
N ALA A 570 4.34 7.33 14.35
CA ALA A 570 5.73 7.24 13.90
C ALA A 570 6.64 8.13 14.73
N PHE A 571 6.14 9.28 15.16
CA PHE A 571 6.91 10.13 16.06
C PHE A 571 7.19 9.44 17.37
N ALA A 572 6.17 8.87 17.98
CA ALA A 572 6.36 8.27 19.29
C ALA A 572 7.38 7.14 19.19
N ALA A 573 7.21 6.28 18.18
CA ALA A 573 8.15 5.19 17.99
C ALA A 573 9.59 5.70 17.84
N SER A 574 9.80 6.69 16.95
CA SER A 574 11.17 7.12 16.72
C SER A 574 11.77 7.74 17.98
N VAL A 575 11.01 8.58 18.67
CA VAL A 575 11.56 9.25 19.84
C VAL A 575 11.95 8.21 20.88
N TRP A 576 11.03 7.33 21.20
CA TRP A 576 11.17 6.43 22.33
C TRP A 576 12.15 5.31 22.04
N ARG A 577 12.45 5.05 20.77
CA ARG A 577 13.48 4.09 20.44
C ARG A 577 14.91 4.65 20.49
N SER A 578 15.08 5.96 20.40
CA SER A 578 16.43 6.51 20.58
C SER A 578 16.98 6.25 21.98
N ARG A 579 18.28 5.97 22.04
CA ARG A 579 19.03 5.75 23.26
C ARG A 579 19.61 7.03 23.87
N ASP A 580 19.18 8.20 23.44
CA ASP A 580 19.96 9.41 23.71
C ASP A 580 19.70 9.99 25.09
N ASN A 581 18.45 10.01 25.54
CA ASN A 581 18.08 10.62 26.81
C ASN A 581 18.35 9.73 28.01
N ASP A 582 18.66 8.46 27.81
CA ASP A 582 18.73 7.50 28.90
C ASP A 582 19.62 7.92 30.07
N PRO A 583 20.78 8.57 29.88
CA PRO A 583 21.57 8.98 31.05
C PRO A 583 20.82 9.94 31.97
N LEU A 584 19.87 10.68 31.42
CA LEU A 584 19.03 11.55 32.23
C LEU A 584 17.98 10.77 32.98
N LEU A 585 17.27 9.89 32.27
CA LEU A 585 16.17 9.15 32.90
C LEU A 585 16.69 8.26 34.00
N PHE A 586 17.83 7.60 33.77
CA PHE A 586 18.34 6.72 34.81
C PHE A 586 18.99 7.47 35.96
N ARG A 587 19.42 8.72 35.74
CA ARG A 587 19.80 9.57 36.86
C ARG A 587 18.59 9.90 37.72
N LEU A 588 17.48 10.23 37.06
CA LEU A 588 16.23 10.45 37.76
C LEU A 588 15.86 9.22 38.59
N ALA A 589 15.84 8.06 37.95
CA ALA A 589 15.52 6.80 38.62
C ALA A 589 16.43 6.57 39.82
N THR A 590 17.74 6.79 39.64
CA THR A 590 18.67 6.55 40.74
C THR A 590 18.37 7.46 41.91
N ARG A 591 17.87 8.66 41.66
CA ARG A 591 17.47 9.48 42.80
C ARG A 591 16.15 8.99 43.38
N LEU A 592 15.17 8.75 42.52
CA LEU A 592 13.82 8.39 42.92
C LEU A 592 13.76 7.16 43.80
N VAL A 593 14.59 6.15 43.49
CA VAL A 593 14.48 4.86 44.16
C VAL A 593 14.69 4.92 45.66
N LYS A 594 15.27 6.00 46.18
CA LYS A 594 15.51 6.11 47.61
C LYS A 594 14.29 6.55 48.41
N ASN A 595 13.24 7.06 47.76
CA ASN A 595 12.07 7.50 48.50
C ASN A 595 11.22 6.34 49.03
N PRO A 596 10.81 6.40 50.30
CA PRO A 596 9.96 5.34 50.89
C PRO A 596 8.64 5.12 50.18
N ALA A 597 8.08 6.16 49.56
CA ALA A 597 6.77 6.07 48.91
C ALA A 597 6.76 5.16 47.70
N VAL A 598 7.92 4.80 47.17
CA VAL A 598 7.97 3.99 45.96
C VAL A 598 7.28 2.66 46.19
N VAL A 599 7.33 2.14 47.42
CA VAL A 599 6.63 0.91 47.75
C VAL A 599 5.15 1.01 47.40
N LYS A 600 4.55 2.20 47.55
CA LYS A 600 3.15 2.34 47.21
C LYS A 600 2.88 2.03 45.75
N VAL A 601 3.89 2.20 44.89
CA VAL A 601 3.70 1.96 43.48
C VAL A 601 3.29 0.51 43.24
N LEU A 602 3.81 -0.39 44.06
CA LEU A 602 3.65 -1.81 43.79
C LEU A 602 2.20 -2.26 43.92
N GLN A 603 1.42 -1.60 44.76
CA GLN A 603 0.01 -1.94 44.91
C GLN A 603 -0.88 -1.26 43.89
N ASN A 604 -0.32 -0.44 43.01
CA ASN A 604 -1.11 0.05 41.87
C ASN A 604 -1.61 -1.13 41.05
N GLY A 605 -2.81 -0.94 40.47
CA GLY A 605 -3.40 -1.97 39.64
C GLY A 605 -2.70 -2.18 38.31
N TYR A 606 -2.31 -1.09 37.65
CA TYR A 606 -1.65 -1.21 36.34
C TYR A 606 -0.19 -1.59 36.44
N VAL A 607 0.49 -1.17 37.49
CA VAL A 607 1.89 -1.56 37.71
C VAL A 607 2.05 -3.07 37.71
N GLN A 608 1.13 -3.79 38.35
CA GLN A 608 1.16 -5.24 38.46
C GLN A 608 0.98 -5.97 37.13
N SER A 609 0.65 -5.26 36.04
CA SER A 609 0.71 -5.87 34.71
C SER A 609 2.12 -6.17 34.21
N ASP A 610 3.10 -5.33 34.55
CA ASP A 610 4.34 -5.26 33.79
C ASP A 610 5.57 -5.78 34.50
N ILE A 611 5.63 -5.70 35.83
CA ILE A 611 6.64 -6.42 36.60
C ILE A 611 6.60 -7.92 36.35
N ALA A 612 5.44 -8.46 35.95
CA ALA A 612 5.38 -9.85 35.52
C ALA A 612 6.26 -10.11 34.30
N GLN A 613 6.32 -9.15 33.37
CA GLN A 613 7.23 -9.34 32.26
C GLN A 613 8.68 -9.30 32.72
N ALA A 614 8.98 -8.51 33.75
CA ALA A 614 10.32 -8.57 34.32
C ALA A 614 10.59 -9.93 34.96
N ARG A 615 9.57 -10.55 35.58
CA ARG A 615 9.70 -11.92 36.05
C ARG A 615 10.01 -12.88 34.92
N GLU A 616 9.56 -12.56 33.71
CA GLU A 616 9.89 -13.43 32.59
C GLU A 616 11.32 -13.22 32.08
N LEU A 617 11.70 -11.98 31.80
CA LEU A 617 13.04 -11.70 31.29
C LEU A 617 14.17 -12.18 32.19
N LEU A 618 14.00 -12.07 33.51
CA LEU A 618 15.02 -12.49 34.47
C LEU A 618 14.79 -13.86 35.07
N ALA A 619 14.11 -14.74 34.35
CA ALA A 619 13.70 -16.06 34.84
C ALA A 619 14.74 -16.78 35.71
N PRO A 620 15.99 -16.99 35.27
CA PRO A 620 16.94 -17.71 36.15
C PRO A 620 17.23 -17.00 37.45
N LEU A 621 17.40 -15.67 37.43
CA LEU A 621 17.60 -14.95 38.68
C LEU A 621 16.34 -15.02 39.52
N TYR A 622 15.19 -14.92 38.86
CA TYR A 622 13.92 -15.00 39.56
C TYR A 622 13.78 -16.33 40.29
N GLU A 623 14.25 -17.41 39.64
CA GLU A 623 14.34 -18.72 40.27
C GLU A 623 15.26 -18.71 41.48
N GLN A 624 16.43 -18.10 41.35
CA GLN A 624 17.33 -18.01 42.49
C GLN A 624 16.70 -17.23 43.63
N TRP A 625 16.05 -16.12 43.31
CA TRP A 625 15.32 -15.36 44.32
C TRP A 625 14.32 -16.25 45.03
N ARG A 626 13.48 -16.96 44.28
CA ARG A 626 12.47 -17.81 44.89
C ARG A 626 13.10 -18.89 45.76
N THR A 627 14.26 -19.41 45.35
CA THR A 627 15.00 -20.37 46.16
C THR A 627 15.50 -19.75 47.45
N ARG A 628 15.79 -18.46 47.44
CA ARG A 628 15.99 -17.73 48.70
C ARG A 628 14.69 -17.66 49.49
N ALA A 629 13.62 -17.25 48.81
CA ALA A 629 12.36 -16.91 49.44
C ALA A 629 11.70 -18.08 50.14
N VAL A 630 11.77 -19.27 49.56
CA VAL A 630 11.14 -20.42 50.21
C VAL A 630 11.72 -20.71 51.58
N GLU A 631 12.91 -20.19 51.89
CA GLU A 631 13.37 -20.22 53.29
C GLU A 631 12.35 -19.53 54.19
N ALA A 632 11.84 -18.39 53.75
CA ALA A 632 11.02 -17.57 54.64
C ALA A 632 9.79 -18.33 55.14
N GLU A 633 9.15 -19.15 54.30
CA GLU A 633 8.08 -20.02 54.79
C GLU A 633 8.51 -20.84 56.00
N THR A 634 9.73 -21.38 55.94
CA THR A 634 10.28 -22.19 57.01
C THR A 634 10.48 -21.35 58.26
N GLN A 635 10.94 -20.12 58.09
CA GLN A 635 11.04 -19.21 59.23
C GLN A 635 9.68 -18.81 59.77
N ARG A 636 8.67 -18.70 58.90
CA ARG A 636 7.31 -18.40 59.36
C ARG A 636 6.75 -19.52 60.23
N VAL A 637 6.83 -20.75 59.76
CA VAL A 637 6.37 -21.89 60.55
C VAL A 637 7.19 -22.03 61.84
N ALA A 638 8.50 -21.84 61.75
CA ALA A 638 9.32 -21.92 62.97
C ALA A 638 8.93 -20.83 63.96
N SER A 639 8.75 -19.60 63.50
CA SER A 639 8.36 -18.51 64.39
C SER A 639 6.96 -18.74 64.99
N ALA A 640 6.03 -19.26 64.18
CA ALA A 640 4.70 -19.59 64.67
C ALA A 640 4.74 -20.66 65.74
N ASN A 641 5.70 -21.57 65.67
CA ASN A 641 5.85 -22.54 66.76
C ASN A 641 6.63 -21.97 67.92
N ALA A 642 7.53 -21.03 67.65
CA ALA A 642 8.31 -20.33 68.68
C ALA A 642 7.55 -19.21 69.34
N ALA A 643 6.49 -18.70 68.70
CA ALA A 643 5.59 -17.76 69.35
C ALA A 643 5.14 -18.30 70.71
N GLN A 644 4.93 -17.38 71.65
CA GLN A 644 4.66 -17.76 73.03
C GLN A 644 3.35 -18.50 73.13
N HIS A 645 3.41 -19.76 73.57
CA HIS A 645 2.26 -20.63 73.81
C HIS A 645 1.26 -20.52 72.66
N PRO A 646 1.60 -21.01 71.48
CA PRO A 646 0.76 -20.75 70.29
C PRO A 646 -0.63 -21.31 70.47
N SER A 647 -1.61 -20.40 70.50
CA SER A 647 -3.02 -20.78 70.49
C SER A 647 -3.54 -20.93 69.06
N ASN A 648 -2.70 -20.68 68.07
CA ASN A 648 -3.04 -20.76 66.66
C ASN A 648 -1.76 -21.05 65.89
N PRO A 649 -1.86 -21.70 64.73
CA PRO A 649 -0.70 -21.74 63.82
C PRO A 649 -0.43 -20.36 63.24
N LYS A 650 -0.08 -19.44 64.13
CA LYS A 650 -0.21 -18.00 63.90
C LYS A 650 0.29 -17.57 62.53
N VAL A 651 1.45 -18.09 62.12
CA VAL A 651 1.86 -17.95 60.72
C VAL A 651 2.51 -19.26 60.28
N HIS A 652 1.98 -20.37 60.80
CA HIS A 652 2.51 -21.68 60.46
C HIS A 652 1.93 -22.15 59.13
N VAL A 653 2.08 -21.33 58.08
CA VAL A 653 1.48 -21.60 56.79
C VAL A 653 2.35 -20.93 55.72
N PHE A 654 2.30 -21.47 54.51
CA PHE A 654 2.82 -20.81 53.33
C PHE A 654 1.90 -19.66 52.89
N ASP A 655 2.29 -18.43 53.22
CA ASP A 655 1.57 -17.24 52.77
C ASP A 655 2.09 -16.86 51.39
N GLN A 656 1.32 -17.22 50.35
CA GLN A 656 1.67 -16.86 48.99
C GLN A 656 1.88 -15.36 48.82
N ALA A 657 0.97 -14.56 49.39
CA ALA A 657 1.04 -13.12 49.20
C ALA A 657 2.28 -12.49 49.83
N GLU A 658 2.69 -12.95 51.01
CA GLU A 658 3.92 -12.45 51.63
C GLU A 658 5.14 -12.66 50.74
N VAL A 659 5.38 -13.92 50.35
CA VAL A 659 6.56 -14.21 49.54
C VAL A 659 6.48 -13.50 48.19
N GLU A 660 5.27 -13.42 47.63
CA GLU A 660 5.11 -12.76 46.34
C GLU A 660 5.41 -11.27 46.46
N ARG A 661 4.97 -10.65 47.55
CA ARG A 661 5.34 -9.27 47.84
C ARG A 661 6.85 -9.10 47.90
N SER A 662 7.53 -9.91 48.71
CA SER A 662 8.97 -9.75 48.89
C SER A 662 9.71 -9.92 47.56
N LEU A 663 9.26 -10.88 46.76
CA LEU A 663 9.81 -11.13 45.44
C LEU A 663 9.58 -9.95 44.50
N ASP A 664 8.37 -9.41 44.48
CA ASP A 664 8.10 -8.26 43.63
C ASP A 664 8.89 -7.04 44.08
N ASP A 665 9.04 -6.84 45.39
CA ASP A 665 9.87 -5.75 45.87
C ASP A 665 11.32 -5.86 45.41
N LYS A 666 11.88 -7.08 45.48
CA LYS A 666 13.23 -7.27 44.95
C LYS A 666 13.30 -6.98 43.46
N LEU A 667 12.33 -7.46 42.69
CA LEU A 667 12.36 -7.23 41.26
C LEU A 667 12.19 -5.76 40.92
N LEU A 668 11.34 -5.06 41.68
CA LEU A 668 11.18 -3.62 41.51
C LEU A 668 12.49 -2.89 41.74
N ILE A 669 13.14 -3.19 42.86
CA ILE A 669 14.38 -2.50 43.17
C ILE A 669 15.41 -2.77 42.08
N LEU A 670 15.51 -4.03 41.65
CA LEU A 670 16.44 -4.37 40.58
C LEU A 670 16.07 -3.74 39.25
N LEU A 671 14.82 -3.30 39.09
CA LEU A 671 14.47 -2.57 37.88
C LEU A 671 14.78 -1.08 37.99
N LEU A 672 14.62 -0.49 39.16
CA LEU A 672 14.90 0.92 39.28
C LEU A 672 16.40 1.22 39.22
N THR A 673 17.14 0.73 40.21
CA THR A 673 18.59 0.83 40.12
C THR A 673 19.17 -0.16 39.12
N GLY A 674 20.30 0.23 38.52
CA GLY A 674 20.89 -0.51 37.44
C GLY A 674 21.47 -1.82 37.88
N PRO A 675 21.93 -2.62 36.91
CA PRO A 675 22.57 -3.90 37.25
C PRO A 675 23.78 -3.75 38.17
N GLN A 676 24.39 -2.57 38.20
CA GLN A 676 25.40 -2.27 39.22
C GLN A 676 24.93 -2.57 40.63
N SER A 677 23.62 -2.58 40.87
CA SER A 677 23.12 -2.90 42.20
C SER A 677 23.28 -4.37 42.55
N LEU A 678 23.51 -5.23 41.56
CA LEU A 678 23.68 -6.65 41.84
C LEU A 678 24.92 -6.88 42.72
N GLU A 679 24.80 -7.85 43.62
CA GLU A 679 25.86 -8.07 44.60
C GLU A 679 25.79 -9.52 45.08
N GLY A 680 26.85 -9.93 45.77
CA GLY A 680 26.94 -11.27 46.33
C GLY A 680 26.94 -12.37 45.29
N THR A 681 26.30 -13.49 45.67
CA THR A 681 26.26 -14.67 44.81
C THR A 681 25.61 -14.41 43.46
N ASP A 682 24.65 -13.47 43.38
CA ASP A 682 23.98 -13.21 42.12
C ASP A 682 24.90 -12.63 41.07
N VAL A 683 26.06 -12.12 41.47
CA VAL A 683 27.08 -11.71 40.50
C VAL A 683 27.51 -12.88 39.63
N GLN A 684 27.40 -14.11 40.14
CA GLN A 684 27.66 -15.30 39.32
C GLN A 684 26.78 -15.36 38.09
N LEU A 685 25.56 -14.84 38.16
CA LEU A 685 24.66 -14.80 37.01
C LEU A 685 24.60 -13.41 36.40
N ARG A 686 25.26 -12.43 37.00
CA ARG A 686 25.25 -11.06 36.52
C ARG A 686 25.57 -10.89 35.03
N PRO A 687 26.47 -11.65 34.40
CA PRO A 687 26.66 -11.47 32.94
C PRO A 687 25.40 -11.68 32.11
N MET A 688 24.53 -12.60 32.53
CA MET A 688 23.25 -12.77 31.83
C MET A 688 22.38 -11.53 32.02
N VAL A 689 22.30 -11.04 33.25
CA VAL A 689 21.49 -9.86 33.53
C VAL A 689 22.01 -8.66 32.75
N GLU A 690 23.33 -8.49 32.73
CA GLU A 690 23.95 -7.43 31.93
C GLU A 690 23.56 -7.55 30.46
N ALA A 691 23.59 -8.76 29.91
CA ALA A 691 23.17 -8.96 28.53
C ALA A 691 21.69 -8.64 28.34
N ALA A 692 20.89 -8.84 29.39
CA ALA A 692 19.47 -8.55 29.31
C ALA A 692 19.21 -7.04 29.35
N LEU A 693 19.63 -6.38 30.42
CA LEU A 693 19.26 -5.00 30.67
C LEU A 693 19.72 -4.06 29.57
N LEU A 694 20.78 -4.41 28.86
CA LEU A 694 21.25 -3.54 27.79
C LEU A 694 20.57 -3.82 26.47
N SER A 695 19.72 -4.84 26.40
CA SER A 695 18.88 -5.00 25.23
C SER A 695 17.91 -3.82 25.11
N ASN A 696 17.33 -3.70 23.92
CA ASN A 696 16.28 -2.72 23.72
C ASN A 696 15.07 -3.02 24.59
N GLU A 697 14.68 -4.29 24.67
CA GLU A 697 13.60 -4.71 25.56
C GLU A 697 13.89 -4.43 27.03
N GLY A 698 15.17 -4.39 27.39
CA GLY A 698 15.54 -4.13 28.76
C GLY A 698 15.34 -2.67 29.07
N ARG A 699 15.91 -1.82 28.23
CA ARG A 699 15.75 -0.38 28.41
C ARG A 699 14.26 -0.01 28.38
N SER A 700 13.52 -0.57 27.44
CA SER A 700 12.10 -0.27 27.31
C SER A 700 11.36 -0.54 28.61
N LEU A 701 11.43 -1.78 29.10
CA LEU A 701 10.82 -2.10 30.39
C LEU A 701 11.37 -1.19 31.50
N ARG A 702 12.68 -0.98 31.50
CA ARG A 702 13.39 -0.23 32.51
C ARG A 702 12.91 1.22 32.61
N LYS A 703 12.32 1.76 31.54
CA LYS A 703 11.68 3.08 31.62
C LYS A 703 10.17 3.03 31.76
N GLN A 704 9.52 1.98 31.24
CA GLN A 704 8.08 1.86 31.40
C GLN A 704 7.70 1.67 32.86
N ILE A 705 8.57 1.04 33.64
CA ILE A 705 8.32 1.02 35.08
C ILE A 705 8.58 2.36 35.72
N LEU A 706 9.49 3.16 35.15
CA LEU A 706 9.78 4.45 35.74
C LEU A 706 8.60 5.39 35.67
N PHE A 707 8.03 5.57 34.47
CA PHE A 707 6.95 6.54 34.35
C PHE A 707 5.69 6.15 35.12
N HIS A 708 5.36 4.85 35.20
CA HIS A 708 4.30 4.45 36.12
C HIS A 708 4.68 4.72 37.57
N ALA A 709 5.92 4.44 37.96
CA ALA A 709 6.35 4.72 39.32
C ALA A 709 6.27 6.20 39.64
N LEU A 710 6.22 7.03 38.62
CA LEU A 710 6.29 8.48 38.82
C LEU A 710 5.00 9.03 39.42
N ARG A 711 3.85 8.51 39.03
CA ARG A 711 2.58 9.11 39.43
C ARG A 711 2.32 9.13 40.93
N PRO A 712 2.46 8.02 41.67
CA PRO A 712 2.24 8.09 43.13
C PRO A 712 3.13 9.06 43.89
N VAL A 713 4.41 9.18 43.52
CA VAL A 713 5.26 10.11 44.22
C VAL A 713 4.88 11.55 43.89
N ALA A 714 4.61 11.83 42.63
CA ALA A 714 4.18 13.17 42.26
C ALA A 714 2.94 13.55 43.03
N ASP A 715 1.95 12.65 43.04
CA ASP A 715 0.73 12.90 43.79
C ASP A 715 1.03 13.15 45.27
N SER A 716 2.02 12.43 45.82
CA SER A 716 2.28 12.53 47.25
C SER A 716 2.81 13.88 47.70
N PHE A 717 3.33 14.71 46.79
CA PHE A 717 3.70 16.06 47.21
C PHE A 717 2.53 17.01 47.34
N SER A 718 1.45 16.79 46.58
CA SER A 718 0.25 17.64 46.61
C SER A 718 0.56 19.13 46.48
N LYS A 719 1.71 19.51 45.91
CA LYS A 719 2.03 20.91 45.69
C LYS A 719 0.99 21.58 44.79
N ALA A 720 0.64 22.82 45.11
CA ALA A 720 -0.38 23.50 44.34
C ALA A 720 0.10 23.90 42.95
N ALA A 721 -0.87 24.10 42.06
CA ALA A 721 -0.69 24.60 40.70
C ALA A 721 -0.18 26.04 40.65
N ALA A 722 0.72 26.31 39.70
CA ALA A 722 1.33 27.63 39.57
C ALA A 722 1.94 27.83 38.19
N PRO A 723 1.12 27.79 37.13
CA PRO A 723 1.64 28.04 35.77
C PRO A 723 2.26 29.41 35.63
N VAL A 724 3.41 29.45 34.94
CA VAL A 724 4.18 30.69 34.81
C VAL A 724 3.85 31.51 33.56
N ASN A 725 3.28 30.91 32.52
CA ASN A 725 2.83 31.63 31.34
C ASN A 725 1.32 31.78 31.25
N PRO A 726 0.83 33.01 31.23
CA PRO A 726 -0.60 33.27 31.07
C PRO A 726 -1.08 33.06 29.64
N HIS A 727 -2.38 32.78 29.54
CA HIS A 727 -3.06 32.57 28.27
C HIS A 727 -4.44 33.21 28.30
N ALA A 728 -4.72 34.03 27.29
CA ALA A 728 -5.91 34.88 27.30
C ALA A 728 -7.17 34.17 26.82
N GLU A 729 -7.05 33.29 25.82
CA GLU A 729 -8.25 32.72 25.21
C GLU A 729 -9.06 31.82 26.14
N LEU A 730 -8.46 31.26 27.18
CA LEU A 730 -9.10 30.16 27.89
C LEU A 730 -9.01 30.34 29.39
N GLY A 731 -9.17 31.58 29.87
CA GLY A 731 -9.16 31.77 31.30
C GLY A 731 -7.79 31.88 31.91
N VAL A 732 -7.52 33.04 32.52
CA VAL A 732 -6.24 33.31 33.16
C VAL A 732 -6.14 32.51 34.45
N GLY A 733 -4.94 32.00 34.73
CA GLY A 733 -4.64 31.35 35.99
C GLY A 733 -5.15 29.95 36.18
N LYS A 734 -5.99 29.43 35.28
CA LYS A 734 -6.40 28.04 35.38
C LYS A 734 -6.35 27.41 33.99
N ILE A 735 -6.75 26.14 33.92
CA ILE A 735 -6.36 25.32 32.77
C ILE A 735 -7.51 24.52 32.16
N MET A 736 -8.61 24.27 32.87
CA MET A 736 -9.71 23.46 32.35
C MET A 736 -9.22 22.04 32.03
N ILE A 737 -8.53 21.45 33.00
CA ILE A 737 -7.98 20.11 32.86
C ILE A 737 -9.08 19.08 32.69
N ASN A 738 -8.67 17.86 32.34
CA ASN A 738 -9.52 16.68 32.22
C ASN A 738 -10.52 16.82 31.09
N ASN A 739 -11.48 17.73 31.24
CA ASN A 739 -12.31 18.17 30.12
C ASN A 739 -12.99 16.98 29.42
N ARG A 740 -13.46 16.01 30.20
CA ARG A 740 -13.96 14.76 29.65
C ARG A 740 -15.46 14.56 29.90
N LEU A 741 -16.08 13.84 28.98
CA LEU A 741 -17.38 13.20 29.18
C LEU A 741 -17.22 11.69 29.22
N ASN A 742 -17.67 11.07 30.31
CA ASN A 742 -17.63 9.62 30.47
C ASN A 742 -18.70 8.95 29.63
N GLN A 743 -18.28 8.19 28.62
CA GLN A 743 -19.19 7.51 27.69
C GLN A 743 -18.62 6.16 27.31
N PRO A 744 -18.53 5.24 28.26
CA PRO A 744 -17.76 4.00 28.04
C PRO A 744 -18.30 3.17 26.87
N ASP A 745 -17.39 2.79 25.98
CA ASP A 745 -17.70 1.98 24.81
C ASP A 745 -17.79 0.49 25.13
N PRO A 746 -18.96 -0.13 24.99
CA PRO A 746 -19.08 -1.54 25.38
C PRO A 746 -18.39 -2.47 24.39
N TYR A 747 -18.34 -2.06 23.12
CA TYR A 747 -17.72 -2.90 22.10
C TYR A 747 -16.22 -3.00 22.28
N LEU A 748 -15.57 -1.88 22.56
CA LEU A 748 -14.13 -1.94 22.76
C LEU A 748 -13.75 -2.65 24.05
N ILE A 749 -14.64 -2.67 25.03
CA ILE A 749 -14.40 -3.49 26.21
C ILE A 749 -14.50 -4.97 25.87
N LEU A 750 -15.61 -5.39 25.27
CA LEU A 750 -15.80 -6.82 25.07
C LEU A 750 -14.89 -7.39 23.99
N ASN A 751 -14.49 -6.59 23.02
CA ASN A 751 -13.52 -7.06 22.05
C ASN A 751 -12.07 -6.99 22.54
N THR A 752 -11.87 -6.86 23.85
CA THR A 752 -10.61 -7.26 24.47
C THR A 752 -10.92 -8.22 25.60
N SER A 753 -10.01 -9.17 25.82
CA SER A 753 -10.32 -10.34 26.63
C SER A 753 -10.57 -9.93 28.07
N SER A 754 -11.85 -9.73 28.42
CA SER A 754 -12.25 -9.86 29.80
C SER A 754 -12.24 -11.33 30.22
N GLU A 755 -12.34 -11.55 31.52
CA GLU A 755 -12.52 -12.89 32.05
C GLU A 755 -13.89 -13.46 31.67
N GLU A 756 -13.96 -14.78 31.59
CA GLU A 756 -15.21 -15.49 31.32
C GLU A 756 -16.23 -15.31 32.42
N GLN A 757 -15.86 -14.71 33.55
CA GLN A 757 -16.83 -14.26 34.55
C GLN A 757 -17.93 -13.42 33.93
N ALA A 758 -17.63 -12.69 32.86
CA ALA A 758 -18.66 -12.00 32.10
C ALA A 758 -19.64 -12.99 31.48
N TYR A 759 -19.18 -14.20 31.17
CA TYR A 759 -19.93 -15.18 30.40
C TYR A 759 -20.75 -16.11 31.26
N ARG A 760 -20.69 -15.96 32.59
CA ARG A 760 -21.23 -16.90 33.55
C ARG A 760 -22.75 -17.03 33.51
N ASP A 761 -23.45 -16.14 32.80
CA ASP A 761 -24.88 -15.89 33.03
C ASP A 761 -25.10 -15.41 34.46
N GLY A 762 -24.28 -14.46 34.86
CA GLY A 762 -24.37 -13.89 36.20
C GLY A 762 -23.80 -12.49 36.19
N SER A 763 -24.35 -11.64 37.03
CA SER A 763 -24.01 -10.24 36.98
C SER A 763 -22.55 -10.03 37.38
N TYR A 764 -21.90 -9.10 36.70
CA TYR A 764 -20.45 -8.99 36.76
C TYR A 764 -20.04 -7.53 36.60
N LEU A 765 -18.88 -7.19 37.16
CA LEU A 765 -18.27 -5.88 37.02
C LEU A 765 -16.94 -6.04 36.30
N ILE A 766 -16.79 -5.33 35.18
CA ILE A 766 -15.72 -5.60 34.24
C ILE A 766 -14.39 -5.07 34.77
N LYS A 767 -13.32 -5.78 34.39
CA LYS A 767 -11.95 -5.49 34.74
C LYS A 767 -11.52 -4.08 34.30
N ASP A 768 -10.48 -3.58 34.98
CA ASP A 768 -9.83 -2.32 34.63
C ASP A 768 -8.50 -2.62 33.92
N ASP A 769 -8.62 -3.03 32.66
CA ASP A 769 -7.44 -3.16 31.81
C ASP A 769 -6.89 -1.78 31.41
N LYS A 770 -5.62 -1.77 31.03
CA LYS A 770 -4.93 -0.54 30.66
C LYS A 770 -5.66 0.21 29.55
N TYR A 771 -6.21 -0.50 28.58
CA TYR A 771 -6.98 0.13 27.51
C TYR A 771 -8.20 0.86 28.04
N ARG A 772 -8.66 0.51 29.25
CA ARG A 772 -9.80 1.23 29.81
C ARG A 772 -9.49 2.71 29.89
N SER A 773 -8.22 3.04 30.13
CA SER A 773 -7.80 4.44 30.05
C SER A 773 -7.98 4.99 28.64
N TYR A 774 -7.91 4.14 27.62
CA TYR A 774 -8.17 4.61 26.27
C TYR A 774 -9.65 4.71 25.91
N ASN A 775 -10.52 4.02 26.64
CA ASN A 775 -11.91 3.93 26.22
C ASN A 775 -12.92 4.54 27.16
N GLN A 776 -12.52 4.97 28.35
CA GLN A 776 -13.49 5.58 29.26
C GLN A 776 -13.98 6.95 28.81
N PHE A 777 -13.21 7.70 28.04
CA PHE A 777 -13.43 9.13 28.00
C PHE A 777 -13.85 9.62 26.62
N ARG A 778 -14.61 10.72 26.61
CA ARG A 778 -15.04 11.38 25.39
C ARG A 778 -15.06 12.90 25.62
N PRO A 779 -14.84 13.69 24.57
CA PRO A 779 -14.76 15.14 24.74
C PRO A 779 -16.08 15.75 25.16
N ASP A 780 -16.01 16.68 26.13
CA ASP A 780 -17.14 17.48 26.59
C ASP A 780 -17.34 18.69 25.69
N PHE A 781 -18.26 18.58 24.73
CA PHE A 781 -18.53 19.63 23.76
C PHE A 781 -19.06 20.92 24.37
N LYS A 782 -19.46 20.92 25.64
CA LYS A 782 -19.91 22.16 26.24
C LYS A 782 -18.77 23.09 26.65
N ASN A 783 -17.57 22.56 26.85
CA ASN A 783 -16.48 23.37 27.37
C ASN A 783 -15.82 24.18 26.27
N ASP A 784 -15.44 25.42 26.62
CA ASP A 784 -14.77 26.31 25.69
C ASP A 784 -13.49 25.68 25.16
N ALA A 785 -12.77 24.97 26.03
CA ALA A 785 -11.54 24.31 25.61
C ALA A 785 -11.80 23.29 24.50
N THR A 786 -12.92 22.57 24.57
CA THR A 786 -13.25 21.66 23.48
C THR A 786 -13.47 22.41 22.18
N ARG A 787 -14.20 23.52 22.23
CA ARG A 787 -14.43 24.32 21.03
C ARG A 787 -13.12 24.81 20.45
N TYR A 788 -12.23 25.27 21.32
CA TYR A 788 -10.90 25.72 20.94
C TYR A 788 -10.11 24.61 20.25
N MET A 789 -10.05 23.44 20.89
CA MET A 789 -9.26 22.35 20.34
C MET A 789 -9.82 21.90 19.00
N ASN A 790 -11.16 21.92 18.87
CA ASN A 790 -11.79 21.62 17.60
C ASN A 790 -11.49 22.69 16.56
N ASP A 791 -11.18 23.90 17.02
CA ASP A 791 -10.71 24.93 16.10
C ASP A 791 -9.33 24.59 15.58
N LEU A 792 -8.42 24.18 16.46
CA LEU A 792 -7.11 23.75 15.95
C LEU A 792 -7.23 22.47 15.14
N ASP A 793 -8.26 21.67 15.38
CA ASP A 793 -8.40 20.34 14.81
C ASP A 793 -7.16 19.48 15.07
N THR A 794 -6.72 19.44 16.32
CA THR A 794 -5.79 18.42 16.76
C THR A 794 -6.54 17.08 16.88
N PRO A 795 -5.82 15.97 16.92
CA PRO A 795 -6.39 14.77 17.54
C PRO A 795 -6.78 15.07 18.99
N PHE A 796 -7.71 14.28 19.51
CA PHE A 796 -8.13 14.39 20.90
C PHE A 796 -8.04 13.01 21.55
N VAL A 797 -7.44 12.96 22.75
CA VAL A 797 -7.40 11.73 23.54
C VAL A 797 -7.40 12.03 25.03
N GLY A 798 -8.56 11.89 25.67
CA GLY A 798 -8.60 12.06 27.10
C GLY A 798 -8.38 13.46 27.63
N GLY A 799 -8.47 14.47 26.79
CA GLY A 799 -8.51 15.83 27.30
C GLY A 799 -7.16 16.33 27.78
N ILE A 800 -7.19 17.57 28.26
CA ILE A 800 -5.99 18.20 28.77
C ILE A 800 -5.45 17.47 30.00
N SER A 801 -4.18 17.09 29.94
CA SER A 801 -3.64 16.05 30.80
C SER A 801 -3.31 16.68 32.16
N GLY A 802 -4.26 16.65 33.08
CA GLY A 802 -3.97 17.11 34.43
C GLY A 802 -2.83 16.36 35.09
N THR A 803 -2.65 15.10 34.73
CA THR A 803 -1.50 14.34 35.20
C THR A 803 -0.18 14.98 34.79
N THR A 804 -0.04 15.34 33.53
CA THR A 804 1.20 15.95 33.08
C THR A 804 1.48 17.27 33.79
N GLN A 805 0.44 18.08 34.01
CA GLN A 805 0.61 19.26 34.86
C GLN A 805 1.14 18.86 36.23
N THR A 806 0.50 17.87 36.86
CA THR A 806 0.81 17.53 38.23
C THR A 806 2.26 17.06 38.33
N VAL A 807 2.73 16.36 37.31
CA VAL A 807 4.12 15.94 37.26
C VAL A 807 5.03 17.14 37.06
N SER A 808 4.77 17.90 36.00
CA SER A 808 5.67 18.97 35.58
C SER A 808 5.75 20.10 36.59
N ASN A 809 4.78 20.23 37.48
CA ASN A 809 4.90 21.22 38.53
C ASN A 809 6.02 20.93 39.52
N VAL A 810 6.44 19.67 39.66
CA VAL A 810 7.36 19.31 40.73
C VAL A 810 8.69 18.76 40.20
N LEU A 811 8.97 18.95 38.91
CA LEU A 811 10.20 18.39 38.35
C LEU A 811 11.43 18.88 39.09
N THR A 812 11.42 20.15 39.53
CA THR A 812 12.54 20.69 40.29
C THR A 812 12.73 19.97 41.61
N GLU A 813 11.70 19.30 42.12
CA GLU A 813 11.80 18.51 43.33
C GLU A 813 12.13 17.07 43.04
N LEU A 814 11.64 16.53 41.92
CA LEU A 814 12.01 15.18 41.54
C LEU A 814 13.51 15.10 41.26
N PHE A 815 14.01 16.00 40.42
CA PHE A 815 15.44 16.08 40.18
C PHE A 815 16.17 16.84 41.27
N GLY A 816 15.46 17.46 42.20
CA GLY A 816 16.14 18.13 43.29
C GLY A 816 16.82 19.41 42.87
N GLY A 817 16.58 19.87 41.66
CA GLY A 817 17.17 21.10 41.18
C GLY A 817 16.51 21.53 39.89
N ALA A 818 16.74 22.81 39.55
CA ALA A 818 16.17 23.37 38.34
C ALA A 818 16.74 22.66 37.11
N LEU A 819 15.87 22.45 36.11
CA LEU A 819 16.29 21.93 34.82
C LEU A 819 16.77 23.06 33.92
N SER A 820 17.81 22.77 33.15
CA SER A 820 18.04 23.53 31.94
C SER A 820 16.86 23.39 31.00
N VAL A 821 16.64 24.41 30.18
CA VAL A 821 15.64 24.32 29.14
C VAL A 821 15.95 23.14 28.23
N LYS A 822 17.23 22.81 28.10
CA LYS A 822 17.60 21.59 27.40
C LYS A 822 17.13 20.37 28.16
N GLN A 823 17.48 20.29 29.44
CA GLN A 823 17.03 19.17 30.27
C GLN A 823 15.53 19.13 30.34
N TYR A 824 14.89 20.29 30.51
CA TYR A 824 13.43 20.33 30.55
C TYR A 824 12.83 19.74 29.28
N TRP A 825 13.17 20.31 28.12
CA TRP A 825 12.59 19.82 26.88
C TRP A 825 12.95 18.36 26.60
N GLN A 826 14.10 17.90 27.08
CA GLN A 826 14.43 16.49 26.93
C GLN A 826 13.46 15.64 27.72
N PHE A 827 13.35 15.90 29.01
CA PHE A 827 12.42 15.17 29.85
C PHE A 827 11.02 15.25 29.26
N GLN A 828 10.61 16.45 28.89
CA GLN A 828 9.24 16.65 28.43
C GLN A 828 8.96 15.94 27.11
N MET A 829 9.97 15.77 26.26
CA MET A 829 9.72 14.98 25.06
C MET A 829 9.69 13.50 25.36
N ALA A 830 10.51 13.05 26.30
CA ALA A 830 10.42 11.65 26.68
C ALA A 830 9.07 11.35 27.32
N ASN A 831 8.65 12.23 28.22
CA ASN A 831 7.33 12.11 28.84
C ASN A 831 6.22 12.09 27.79
N ALA A 832 6.26 13.02 26.84
CA ALA A 832 5.24 13.03 25.80
C ALA A 832 5.25 11.77 24.97
N ALA A 833 6.43 11.18 24.74
CA ALA A 833 6.46 9.92 24.02
C ALA A 833 5.87 8.79 24.85
N PHE A 834 6.18 8.75 26.14
CA PHE A 834 5.57 7.73 27.00
C PHE A 834 4.06 7.87 27.02
N MET A 835 3.57 9.10 27.14
CA MET A 835 2.13 9.33 27.14
C MET A 835 1.48 8.87 25.85
N ILE A 836 2.12 9.13 24.71
CA ILE A 836 1.50 8.73 23.47
C ILE A 836 1.54 7.22 23.32
N ARG A 837 2.60 6.61 23.82
CA ARG A 837 2.77 5.17 23.67
C ARG A 837 1.67 4.41 24.39
N ASN A 838 1.34 4.80 25.62
CA ASN A 838 0.29 4.14 26.37
C ASN A 838 -1.12 4.61 26.04
N GLY A 839 -1.30 5.50 25.08
CA GLY A 839 -2.64 5.99 24.77
C GLY A 839 -3.36 6.85 25.78
N TYR A 840 -2.65 7.64 26.58
CA TYR A 840 -3.35 8.50 27.53
C TYR A 840 -3.78 9.84 26.96
N HIS A 841 -3.06 10.41 26.00
CA HIS A 841 -3.42 11.74 25.52
C HIS A 841 -2.87 11.95 24.11
N SER A 842 -3.39 12.98 23.44
CA SER A 842 -2.71 13.50 22.26
C SER A 842 -1.41 14.21 22.64
N PHE A 843 -0.59 14.41 21.60
CA PHE A 843 0.47 15.42 21.58
C PHE A 843 0.04 16.74 22.19
N PHE A 844 -0.92 17.40 21.56
CA PHE A 844 -1.31 18.74 21.97
C PHE A 844 -1.76 18.76 23.42
N GLU A 845 -2.58 17.78 23.81
CA GLU A 845 -3.10 17.69 25.18
C GLU A 845 -1.99 17.69 26.22
N THR A 846 -0.75 17.47 25.81
CA THR A 846 0.41 17.56 26.69
C THR A 846 1.21 18.82 26.46
N PHE A 847 1.48 19.12 25.21
CA PHE A 847 2.30 20.26 24.88
C PHE A 847 1.68 21.58 25.31
N TYR A 848 0.35 21.70 25.31
CA TYR A 848 -0.26 22.93 25.82
C TYR A 848 0.19 23.24 27.24
N VAL A 849 0.05 22.28 28.15
CA VAL A 849 0.45 22.53 29.52
C VAL A 849 1.96 22.59 29.62
N ALA A 850 2.66 21.96 28.69
CA ALA A 850 4.11 22.14 28.63
C ALA A 850 4.42 23.61 28.38
N ALA A 851 3.81 24.17 27.34
CA ALA A 851 4.00 25.57 27.01
C ALA A 851 3.58 26.47 28.15
N ARG A 852 2.60 26.05 28.93
CA ARG A 852 2.27 26.84 30.12
C ARG A 852 3.35 26.73 31.18
N TYR A 853 4.09 25.63 31.19
CA TYR A 853 5.04 25.36 32.27
C TYR A 853 6.50 25.46 31.87
N GLU A 854 6.82 25.62 30.58
CA GLU A 854 8.21 25.73 30.18
C GLU A 854 8.91 26.71 31.10
N PRO A 855 10.01 26.33 31.73
CA PRO A 855 10.69 27.22 32.66
C PRO A 855 11.07 28.54 32.02
N GLU A 856 11.11 29.58 32.84
CA GLU A 856 11.65 30.85 32.40
C GLU A 856 13.15 30.71 32.12
N GLY A 857 13.60 31.30 31.03
CA GLY A 857 14.98 31.17 30.65
C GLY A 857 15.28 31.82 29.31
N ALA A 858 16.55 32.08 29.04
CA ALA A 858 16.95 32.90 27.90
C ALA A 858 16.46 32.33 26.58
N ASP A 859 16.18 31.03 26.50
CA ASP A 859 15.73 30.41 25.27
C ASP A 859 14.31 29.86 25.37
N SER A 860 13.54 30.29 26.39
CA SER A 860 12.17 29.83 26.49
C SER A 860 11.41 30.20 25.22
N ILE A 861 10.43 29.39 24.86
CA ILE A 861 9.86 29.53 23.53
C ILE A 861 8.35 29.31 23.54
N GLY A 862 7.80 28.97 24.70
CA GLY A 862 6.36 28.75 24.80
C GLY A 862 5.51 29.98 24.50
N LYS A 863 6.00 31.17 24.84
CA LYS A 863 5.27 32.40 24.53
C LYS A 863 5.00 32.51 23.03
N GLU A 864 6.03 32.31 22.22
CA GLU A 864 5.86 32.25 20.79
C GLU A 864 4.91 31.14 20.41
N MET A 865 5.06 29.98 21.03
CA MET A 865 4.26 28.82 20.62
C MET A 865 2.78 29.09 20.83
N LEU A 866 2.44 29.72 21.96
CA LEU A 866 1.08 30.19 22.22
C LEU A 866 0.60 31.16 21.17
N GLN A 867 1.39 32.19 20.88
CA GLN A 867 0.96 33.17 19.90
C GLN A 867 0.76 32.51 18.54
N MET A 868 1.56 31.47 18.26
CA MET A 868 1.46 30.72 17.03
C MET A 868 0.20 29.87 17.01
N PHE A 869 -0.17 29.30 18.17
CA PHE A 869 -1.44 28.59 18.26
C PHE A 869 -2.59 29.52 17.95
N ASP A 870 -2.60 30.72 18.53
CA ASP A 870 -3.67 31.66 18.26
C ASP A 870 -3.73 32.01 16.77
N LYS A 871 -2.58 32.36 16.20
CA LYS A 871 -2.49 32.64 14.77
C LYS A 871 -3.05 31.50 13.93
N TYR A 872 -2.75 30.27 14.29
CA TYR A 872 -3.31 29.18 13.51
C TYR A 872 -4.76 28.86 13.86
N ARG A 873 -5.21 29.22 15.06
CA ARG A 873 -6.61 29.00 15.39
C ARG A 873 -7.51 29.82 14.49
N VAL A 874 -7.19 31.11 14.33
CA VAL A 874 -8.03 31.96 13.50
C VAL A 874 -8.03 31.51 12.04
N GLU A 875 -7.07 30.68 11.64
CA GLU A 875 -7.09 30.02 10.34
C GLU A 875 -7.90 28.72 10.33
N GLY A 876 -7.62 27.83 11.29
CA GLY A 876 -8.21 26.50 11.26
C GLY A 876 -9.72 26.54 11.27
N SER A 877 -10.30 27.56 11.89
CA SER A 877 -11.74 27.76 11.78
C SER A 877 -12.20 27.85 10.34
N LYS A 878 -11.29 28.00 9.39
CA LYS A 878 -11.67 28.12 8.00
C LYS A 878 -10.99 27.11 7.08
N LYS A 879 -9.82 26.60 7.45
CA LYS A 879 -9.00 25.89 6.50
C LYS A 879 -8.28 24.72 7.15
N ALA A 880 -7.96 23.71 6.35
CA ALA A 880 -7.17 22.56 6.82
C ALA A 880 -5.71 22.92 6.93
N LEU A 881 -5.15 22.76 8.13
CA LEU A 881 -3.77 23.11 8.43
C LEU A 881 -2.74 22.08 7.99
N GLN A 882 -3.16 20.86 7.63
CA GLN A 882 -2.28 19.84 7.04
C GLN A 882 -0.94 19.70 7.77
N GLY A 883 -0.99 19.68 9.09
CA GLY A 883 0.24 19.44 9.82
C GLY A 883 1.09 20.64 10.06
N LYS A 884 0.69 21.81 9.56
CA LYS A 884 1.48 23.01 9.76
C LYS A 884 1.76 23.26 11.23
N LEU A 885 0.81 22.92 12.10
CA LEU A 885 1.00 23.04 13.54
C LEU A 885 2.20 22.20 14.03
N TYR A 886 2.29 20.96 13.58
CA TYR A 886 3.35 20.09 14.08
C TYR A 886 4.72 20.57 13.63
N ASP A 887 4.81 21.00 12.37
CA ASP A 887 6.05 21.60 11.89
C ASP A 887 6.39 22.87 12.65
N GLY A 888 5.37 23.69 12.94
CA GLY A 888 5.60 24.90 13.71
C GLY A 888 6.21 24.62 15.06
N VAL A 889 5.83 23.49 15.66
CA VAL A 889 6.42 23.12 16.93
C VAL A 889 7.84 22.57 16.74
N MET A 890 8.01 21.64 15.80
CA MET A 890 9.32 21.00 15.65
C MET A 890 10.37 22.00 15.22
N ALA A 891 10.02 22.94 14.34
CA ALA A 891 10.93 24.02 13.98
C ALA A 891 11.52 24.73 15.20
N ARG A 892 10.76 24.82 16.27
CA ARG A 892 11.19 25.56 17.44
C ARG A 892 11.87 24.67 18.47
N VAL A 893 11.54 23.40 18.49
CA VAL A 893 12.11 22.48 19.47
C VAL A 893 13.44 21.90 19.00
N LEU A 894 13.50 21.44 17.76
CA LEU A 894 14.64 20.65 17.30
C LEU A 894 16.00 21.30 17.48
N PRO A 895 16.24 22.56 17.09
CA PRO A 895 17.57 23.16 17.33
C PRO A 895 17.95 23.24 18.80
N ILE A 896 17.01 23.08 19.72
CA ILE A 896 17.35 23.00 21.13
C ILE A 896 17.79 21.60 21.50
N ILE A 897 17.14 20.59 20.93
CA ILE A 897 17.52 19.20 21.17
C ILE A 897 18.90 18.90 20.61
N ASN A 898 19.11 19.18 19.34
CA ASN A 898 20.36 18.85 18.70
C ASN A 898 21.51 19.79 19.08
N GLN A 899 21.33 20.64 20.08
CA GLN A 899 22.27 21.73 20.33
C GLN A 899 23.70 21.27 20.52
N GLY A 900 23.92 20.09 21.08
CA GLY A 900 25.29 19.62 21.21
C GLY A 900 25.84 18.74 20.10
N LEU A 901 25.02 18.26 19.18
CA LEU A 901 25.40 17.10 18.40
C LEU A 901 26.04 17.47 17.07
N SER A 902 26.74 16.49 16.50
CA SER A 902 27.20 16.53 15.12
C SER A 902 26.05 16.24 14.17
N ALA A 903 26.13 16.85 12.98
CA ALA A 903 25.05 16.74 12.01
C ALA A 903 24.76 15.30 11.64
N ALA A 904 25.72 14.41 11.88
CA ALA A 904 25.52 12.99 11.66
C ALA A 904 24.75 12.36 12.80
N ASP A 905 24.69 13.03 13.95
CA ASP A 905 24.14 12.45 15.16
C ASP A 905 22.88 13.16 15.63
N GLU A 906 22.46 14.22 14.96
CA GLU A 906 21.21 14.88 15.32
C GLU A 906 20.05 13.90 15.26
N PHE A 907 19.05 14.15 16.10
CA PHE A 907 17.76 13.52 15.94
C PHE A 907 16.96 14.27 14.89
N HIS A 908 16.27 13.51 14.05
CA HIS A 908 15.30 14.11 13.18
C HIS A 908 14.11 13.16 13.08
N PRO A 909 12.91 13.65 13.32
CA PRO A 909 11.75 12.80 13.27
C PRO A 909 11.39 12.47 11.84
N PRO A 910 10.56 11.45 11.64
CA PRO A 910 9.99 11.22 10.31
C PRO A 910 9.26 12.46 9.84
N ARG A 911 9.16 12.61 8.54
CA ARG A 911 8.73 13.86 7.92
C ARG A 911 7.29 13.76 7.43
N PHE A 912 6.49 14.73 7.86
CA PHE A 912 5.08 14.82 7.49
C PHE A 912 4.89 15.13 6.02
N THR A 913 3.85 14.53 5.45
CA THR A 913 3.59 14.58 4.03
C THR A 913 2.10 14.44 3.82
N ARG A 914 1.65 14.69 2.59
CA ARG A 914 0.24 14.48 2.30
C ARG A 914 -0.08 13.00 2.34
N ILE A 915 0.64 12.20 1.55
CA ILE A 915 0.72 10.78 1.78
C ILE A 915 1.29 10.52 3.18
N GLY A 916 1.07 9.31 3.67
CA GLY A 916 1.49 8.91 5.00
C GLY A 916 2.97 9.08 5.29
N PRO A 917 3.30 9.18 6.58
CA PRO A 917 4.65 9.60 7.00
C PRO A 917 5.78 8.78 6.42
N ARG A 918 6.69 9.44 5.74
CA ARG A 918 7.83 8.81 5.08
C ARG A 918 9.02 8.78 6.04
N PRO A 919 9.99 7.91 5.79
CA PRO A 919 11.14 7.82 6.70
C PRO A 919 12.00 9.06 6.59
N ALA A 920 12.78 9.29 7.64
CA ALA A 920 13.63 10.47 7.70
C ALA A 920 14.80 10.34 6.72
N LEU A 921 15.55 11.44 6.60
CA LEU A 921 16.66 11.50 5.67
C LEU A 921 17.96 11.95 6.31
N LEU A 922 18.05 11.95 7.64
CA LEU A 922 19.19 12.53 8.32
C LEU A 922 19.54 11.73 9.56
N GLY A 923 20.75 11.98 10.07
CA GLY A 923 21.13 11.66 11.42
C GLY A 923 21.03 10.19 11.75
N GLN A 924 20.73 9.92 13.01
CA GLN A 924 20.71 8.55 13.51
C GLN A 924 19.84 7.63 12.65
N ALA A 925 18.73 8.16 12.18
CA ALA A 925 17.73 7.35 11.48
C ALA A 925 18.19 6.85 10.12
N VAL A 926 19.27 7.39 9.56
CA VAL A 926 19.82 6.87 8.33
C VAL A 926 21.11 6.09 8.52
N LYS A 927 21.86 6.35 9.59
CA LYS A 927 23.30 6.08 9.71
C LYS A 927 23.72 4.82 8.95
N ASP A 928 23.03 3.72 9.21
CA ASP A 928 23.14 2.51 8.41
C ASP A 928 21.76 1.87 8.29
N LEU A 929 20.75 2.71 8.11
CA LEU A 929 19.36 2.31 8.27
C LEU A 929 18.56 2.63 7.03
N PRO A 944 27.11 -4.80 -9.31
CA PRO A 944 26.52 -5.53 -10.43
C PRO A 944 26.05 -6.94 -10.05
N ARG A 945 24.93 -7.35 -10.63
CA ARG A 945 24.33 -8.65 -10.34
C ARG A 945 25.17 -9.77 -10.96
N GLN A 946 25.23 -10.90 -10.27
CA GLN A 946 26.32 -11.86 -10.50
C GLN A 946 26.20 -12.49 -11.88
N GLY A 947 24.99 -12.87 -12.28
CA GLY A 947 24.82 -13.45 -13.60
C GLY A 947 25.01 -14.95 -13.65
N SER A 948 24.40 -15.53 -14.68
CA SER A 948 24.29 -16.97 -14.89
C SER A 948 25.23 -17.40 -16.02
N ALA A 949 25.90 -18.53 -15.81
CA ALA A 949 26.83 -19.07 -16.79
C ALA A 949 26.18 -19.46 -18.11
N ASP A 950 24.85 -19.42 -18.20
CA ASP A 950 24.17 -19.67 -19.47
C ASP A 950 24.71 -18.77 -20.58
N ILE A 951 25.50 -17.77 -20.20
CA ILE A 951 26.33 -16.97 -21.10
C ILE A 951 27.01 -17.89 -22.11
N HIS A 952 27.40 -19.10 -21.68
CA HIS A 952 28.09 -20.02 -22.57
C HIS A 952 27.16 -20.64 -23.59
N GLN A 953 25.90 -20.89 -23.21
CA GLN A 953 24.91 -21.31 -24.19
C GLN A 953 24.67 -20.20 -25.20
N PHE A 954 24.52 -18.98 -24.69
CA PHE A 954 24.33 -17.82 -25.54
C PHE A 954 25.47 -17.65 -26.52
N VAL A 955 26.71 -17.83 -26.05
CA VAL A 955 27.87 -17.81 -26.94
C VAL A 955 27.80 -18.95 -27.96
N THR A 956 27.31 -20.11 -27.52
CA THR A 956 27.40 -21.30 -28.37
C THR A 956 26.35 -21.29 -29.48
N ASP A 957 25.16 -20.78 -29.21
CA ASP A 957 24.07 -20.73 -30.20
C ASP A 957 23.29 -19.44 -30.01
N PRO A 958 23.91 -18.29 -30.28
CA PRO A 958 23.26 -17.01 -29.99
C PRO A 958 21.99 -16.76 -30.78
N VAL A 959 21.86 -17.36 -31.97
CA VAL A 959 20.66 -17.16 -32.78
C VAL A 959 19.44 -17.74 -32.08
N LEU A 960 19.49 -19.02 -31.74
CA LEU A 960 18.38 -19.66 -31.04
C LEU A 960 18.15 -19.00 -29.68
N PHE A 961 19.23 -18.61 -29.00
CA PHE A 961 19.08 -17.97 -27.71
C PHE A 961 18.29 -16.68 -27.85
N ALA A 962 18.70 -15.83 -28.79
CA ALA A 962 18.03 -14.54 -28.95
C ALA A 962 16.64 -14.71 -29.53
N LYS A 963 16.38 -15.83 -30.23
CA LYS A 963 15.03 -16.06 -30.73
C LYS A 963 14.12 -16.45 -29.59
N THR A 964 14.69 -17.06 -28.56
CA THR A 964 13.94 -17.63 -27.46
C THR A 964 14.17 -16.89 -26.17
N HIS A 965 14.99 -15.84 -26.18
CA HIS A 965 15.23 -15.06 -24.98
C HIS A 965 15.26 -13.57 -25.27
N THR A 966 14.72 -12.80 -24.34
CA THR A 966 14.83 -11.35 -24.36
C THR A 966 16.22 -10.91 -23.93
N VAL A 967 16.83 -10.02 -24.70
CA VAL A 967 18.09 -9.37 -24.32
C VAL A 967 17.82 -7.89 -24.13
N SER A 968 17.91 -7.44 -22.87
CA SER A 968 17.71 -6.05 -22.50
C SER A 968 19.04 -5.33 -22.29
N ALA A 969 18.94 -4.01 -22.08
CA ALA A 969 20.09 -3.11 -22.10
C ALA A 969 19.99 -2.03 -21.03
N GLU A 970 19.06 -2.17 -20.08
CA GLU A 970 18.67 -1.06 -19.20
C GLU A 970 19.87 -0.49 -18.44
N ALA A 971 20.69 -1.37 -17.84
CA ALA A 971 21.83 -0.89 -17.07
C ALA A 971 22.78 -0.03 -17.88
N LEU A 972 22.66 -0.01 -19.20
CA LEU A 972 23.42 0.89 -20.05
C LEU A 972 22.67 2.19 -20.32
N VAL A 973 21.55 2.44 -19.64
CA VAL A 973 20.95 3.77 -19.67
C VAL A 973 21.22 4.61 -18.43
N ARG A 974 20.77 4.17 -17.26
CA ARG A 974 20.96 4.97 -16.06
C ARG A 974 22.35 4.87 -15.45
N SER A 975 23.35 4.35 -16.17
CA SER A 975 24.74 4.69 -15.90
C SER A 975 25.21 5.60 -17.03
N GLY A 976 25.61 6.81 -16.69
CA GLY A 976 26.45 7.56 -17.59
C GLY A 976 27.89 7.13 -17.51
N ARG A 977 28.65 7.55 -18.53
CA ARG A 977 30.10 7.59 -18.49
C ARG A 977 30.67 6.20 -18.25
N LEU A 978 30.08 5.22 -18.93
CA LEU A 978 30.61 3.87 -18.94
C LEU A 978 32.01 3.83 -19.52
N PRO A 979 32.83 2.86 -19.14
CA PRO A 979 34.17 2.76 -19.72
C PRO A 979 34.05 2.46 -21.20
N ALA A 980 35.09 2.85 -21.96
CA ALA A 980 35.24 2.32 -23.31
C ALA A 980 35.30 0.80 -23.33
N GLU A 981 36.03 0.20 -22.40
CA GLU A 981 36.27 -1.24 -22.44
C GLU A 981 36.10 -1.84 -21.05
N GLY A 982 35.36 -2.94 -20.99
CA GLY A 982 35.02 -3.55 -19.72
C GLY A 982 34.53 -4.96 -19.95
N SER A 983 34.06 -5.56 -18.87
CA SER A 983 33.50 -6.91 -18.91
C SER A 983 31.98 -6.82 -18.97
N ALA A 984 31.40 -7.59 -19.88
CA ALA A 984 29.96 -7.68 -20.03
C ALA A 984 29.50 -9.09 -19.70
N GLN A 985 28.36 -9.16 -19.00
CA GLN A 985 27.80 -10.40 -18.50
C GLN A 985 26.29 -10.32 -18.66
N LEU A 986 25.63 -11.48 -18.71
CA LEU A 986 24.18 -11.50 -18.55
C LEU A 986 23.79 -11.68 -17.10
N VAL A 987 22.60 -11.17 -16.77
CA VAL A 987 21.85 -11.52 -15.57
C VAL A 987 20.46 -11.96 -16.00
N LYS A 988 19.96 -13.05 -15.45
CA LYS A 988 18.63 -13.53 -15.80
C LYS A 988 17.59 -12.87 -14.90
N VAL A 989 16.44 -12.56 -15.49
CA VAL A 989 15.36 -11.89 -14.75
C VAL A 989 14.03 -12.59 -14.89
N GLY A 990 13.79 -13.39 -15.92
CA GLY A 990 12.49 -14.02 -16.06
C GLY A 990 12.47 -15.03 -17.18
N SER A 991 11.26 -15.46 -17.53
CA SER A 991 11.05 -16.51 -18.53
C SER A 991 11.60 -16.06 -19.86
N GLY A 992 12.76 -16.59 -20.23
CA GLY A 992 13.39 -16.15 -21.45
C GLY A 992 13.82 -14.70 -21.39
N LEU A 993 13.92 -14.15 -20.18
CA LEU A 993 14.24 -12.75 -19.98
C LEU A 993 15.59 -12.64 -19.30
N TYR A 994 16.54 -12.02 -19.99
CA TYR A 994 17.88 -11.82 -19.48
C TYR A 994 18.25 -10.35 -19.61
N GLU A 995 19.03 -9.85 -18.67
CA GLU A 995 19.53 -8.49 -18.75
C GLU A 995 21.04 -8.51 -18.86
N LEU A 996 21.58 -7.71 -19.77
CA LEU A 996 22.99 -7.43 -19.81
C LEU A 996 23.39 -6.54 -18.63
N GLU A 997 24.67 -6.64 -18.24
CA GLU A 997 25.25 -5.62 -17.38
C GLU A 997 26.73 -5.50 -17.70
N TYR A 998 27.23 -4.27 -17.65
CA TYR A 998 28.65 -4.04 -17.51
C TYR A 998 29.04 -4.49 -16.11
N THR A 999 30.17 -5.17 -15.98
CA THR A 999 30.62 -5.61 -14.68
C THR A 999 32.08 -5.25 -14.47
N GLU A 1000 32.47 -5.25 -13.20
CA GLU A 1000 33.83 -4.95 -12.79
C GLU A 1000 34.73 -6.17 -12.82
N GLN A 1001 34.14 -7.37 -12.72
CA GLN A 1001 34.92 -8.61 -12.69
C GLN A 1001 35.64 -8.77 -14.02
N SER A 1002 36.82 -9.38 -14.00
CA SER A 1002 37.55 -9.54 -15.24
C SER A 1002 36.93 -10.67 -16.06
N ALA A 1003 36.90 -10.48 -17.38
CA ALA A 1003 36.51 -11.53 -18.32
C ALA A 1003 37.57 -12.60 -18.54
N ASN A 1004 38.81 -12.39 -18.11
CA ASN A 1004 39.82 -13.43 -18.30
C ASN A 1004 39.71 -14.56 -17.28
N ASP A 1005 38.82 -14.44 -16.32
CA ASP A 1005 38.19 -15.58 -15.65
C ASP A 1005 36.78 -15.70 -16.22
N ILE A 1006 36.62 -16.56 -17.23
CA ILE A 1006 35.33 -16.66 -17.91
C ILE A 1006 34.25 -17.21 -16.96
N SER A 1007 34.67 -17.93 -15.92
CA SER A 1007 33.76 -18.29 -14.83
C SER A 1007 33.09 -17.08 -14.17
N SER A 1008 33.59 -15.87 -14.41
CA SER A 1008 32.91 -14.63 -14.03
C SER A 1008 31.55 -14.45 -14.71
N SER A 1009 31.11 -15.44 -15.47
CA SER A 1009 29.86 -15.37 -16.25
C SER A 1009 29.87 -14.21 -17.22
N SER A 1010 31.05 -13.76 -17.64
CA SER A 1010 31.19 -12.50 -18.36
C SER A 1010 32.16 -12.72 -19.51
N ILE A 1011 32.18 -11.77 -20.44
CA ILE A 1011 33.00 -11.88 -21.65
C ILE A 1011 33.63 -10.54 -21.95
N PRO A 1012 34.75 -10.56 -22.68
CA PRO A 1012 35.26 -9.29 -23.26
C PRO A 1012 34.22 -8.74 -24.22
N ALA A 1013 33.85 -7.48 -24.00
CA ALA A 1013 32.96 -6.78 -24.91
C ALA A 1013 33.40 -5.32 -25.04
N TYR A 1014 33.02 -4.72 -26.16
CA TYR A 1014 33.28 -3.31 -26.41
C TYR A 1014 31.97 -2.59 -26.10
N PHE A 1015 32.01 -1.64 -25.17
CA PHE A 1015 30.82 -0.87 -24.89
C PHE A 1015 30.72 0.33 -25.82
N LEU A 1016 29.48 0.81 -26.01
CA LEU A 1016 29.22 2.08 -26.66
C LEU A 1016 28.28 2.89 -25.78
N GLY A 1017 28.61 4.16 -25.56
CA GLY A 1017 27.76 5.02 -24.76
C GLY A 1017 26.49 5.43 -25.48
N TYR A 1018 25.53 5.93 -24.69
CA TYR A 1018 24.31 6.48 -25.24
C TYR A 1018 24.55 7.84 -25.87
N ASN A 1019 23.98 8.04 -27.06
CA ASN A 1019 24.04 9.32 -27.73
C ASN A 1019 22.73 10.08 -27.49
N GLY A 1020 22.75 11.37 -27.79
CA GLY A 1020 21.62 12.20 -27.46
C GLY A 1020 20.53 12.10 -28.51
N PRO A 1021 19.39 12.70 -28.19
CA PRO A 1021 18.20 12.59 -29.05
C PRO A 1021 17.96 13.75 -30.02
N ASN A 1022 18.85 14.73 -30.09
CA ASN A 1022 18.59 15.93 -30.88
C ASN A 1022 19.02 15.71 -32.32
N GLN A 1023 18.06 15.90 -33.22
CA GLN A 1023 18.27 15.63 -34.64
C GLN A 1023 19.30 16.54 -35.28
N ALA A 1024 19.70 17.63 -34.61
CA ALA A 1024 20.73 18.50 -35.17
C ALA A 1024 22.15 18.04 -34.89
N ASN A 1025 22.35 16.84 -34.35
CA ASN A 1025 23.65 16.48 -33.79
C ASN A 1025 24.51 15.86 -34.88
N ALA A 1026 25.67 16.46 -35.14
CA ALA A 1026 26.62 15.93 -36.11
C ALA A 1026 27.67 15.02 -35.50
N VAL A 1027 27.81 14.98 -34.18
CA VAL A 1027 28.93 14.27 -33.56
C VAL A 1027 28.42 13.12 -32.72
N PRO A 1028 28.26 11.94 -33.30
CA PRO A 1028 27.67 10.80 -32.59
C PRO A 1028 28.68 10.02 -31.76
N ALA A 1029 28.16 9.14 -30.92
CA ALA A 1029 28.99 8.22 -30.16
C ALA A 1029 29.44 7.11 -31.10
N TYR A 1030 30.72 6.77 -31.05
CA TYR A 1030 31.27 5.75 -31.93
C TYR A 1030 32.28 4.90 -31.17
N VAL A 1031 32.55 3.71 -31.72
CA VAL A 1031 33.62 2.87 -31.21
C VAL A 1031 34.08 1.94 -32.32
N ASP A 1032 35.35 1.58 -32.29
CA ASP A 1032 36.02 0.82 -33.34
C ASP A 1032 36.36 -0.59 -32.85
N ILE A 1033 36.07 -1.58 -33.68
CA ILE A 1033 36.20 -2.98 -33.30
C ILE A 1033 36.75 -3.77 -34.48
N PRO A 1034 37.64 -4.74 -34.24
CA PRO A 1034 38.29 -5.43 -35.35
C PRO A 1034 37.34 -6.37 -36.08
N LYS A 1035 37.52 -6.47 -37.39
CA LYS A 1035 37.15 -7.68 -38.10
C LYS A 1035 38.05 -8.83 -37.67
N ARG A 1036 37.45 -10.01 -37.52
CA ARG A 1036 38.14 -11.17 -36.96
C ARG A 1036 38.82 -10.80 -35.64
N THR A 1037 38.04 -10.19 -34.74
CA THR A 1037 38.53 -9.85 -33.42
C THR A 1037 39.15 -11.04 -32.72
N ILE A 1038 40.16 -10.76 -31.90
CA ILE A 1038 40.68 -11.71 -30.94
C ILE A 1038 40.37 -11.31 -29.50
N ALA A 1039 40.36 -10.02 -29.18
CA ALA A 1039 40.36 -9.59 -27.78
C ALA A 1039 38.98 -9.72 -27.15
N GLY A 1040 37.93 -9.61 -27.97
CA GLY A 1040 36.57 -9.72 -27.47
C GLY A 1040 35.61 -9.87 -28.63
N ASN A 1041 34.47 -10.51 -28.38
CA ASN A 1041 33.65 -11.07 -29.46
C ASN A 1041 32.22 -10.54 -29.44
N PHE A 1042 31.95 -9.50 -28.66
CA PHE A 1042 30.61 -8.94 -28.61
C PHE A 1042 30.72 -7.43 -28.40
N LEU A 1043 29.67 -6.72 -28.79
CA LEU A 1043 29.51 -5.30 -28.50
C LEU A 1043 28.08 -4.97 -28.13
N PHE A 1044 27.92 -4.12 -27.12
CA PHE A 1044 26.62 -3.84 -26.53
C PHE A 1044 26.42 -2.33 -26.45
N THR A 1045 25.15 -1.92 -26.38
CA THR A 1045 24.80 -0.50 -26.24
C THR A 1045 23.50 -0.37 -25.48
N GLY A 1046 23.29 0.82 -24.91
CA GLY A 1046 21.96 1.16 -24.44
C GLY A 1046 20.86 0.97 -25.48
N THR A 1047 19.67 0.68 -24.99
CA THR A 1047 18.48 0.44 -25.81
C THR A 1047 18.23 1.50 -26.86
N LEU A 1048 17.97 1.05 -28.09
CA LEU A 1048 17.59 1.94 -29.19
C LEU A 1048 16.12 2.31 -29.05
N SER A 1049 15.80 3.58 -29.24
CA SER A 1049 14.39 4.00 -29.25
C SER A 1049 14.26 5.22 -30.17
N GLY A 1050 13.94 4.95 -31.43
CA GLY A 1050 13.75 6.02 -32.39
C GLY A 1050 15.04 6.52 -32.97
N GLY A 1051 16.10 5.73 -32.86
CA GLY A 1051 17.39 6.07 -33.44
C GLY A 1051 17.95 4.92 -34.22
N SER A 1052 19.21 5.03 -34.64
CA SER A 1052 19.82 4.01 -35.46
C SER A 1052 21.19 3.65 -34.93
N LEU A 1053 21.55 2.39 -35.12
CA LEU A 1053 22.90 1.87 -34.98
C LEU A 1053 23.41 1.52 -36.37
N VAL A 1054 24.50 2.17 -36.79
CA VAL A 1054 25.02 2.03 -38.15
C VAL A 1054 26.43 1.49 -38.04
N VAL A 1055 26.68 0.38 -38.74
CA VAL A 1055 27.98 -0.27 -38.78
C VAL A 1055 28.60 -0.07 -40.16
N THR A 1056 29.85 0.40 -40.17
CA THR A 1056 30.59 0.72 -41.36
C THR A 1056 31.94 0.03 -41.27
N SER A 1057 32.52 -0.25 -42.42
CA SER A 1057 33.78 -0.99 -42.50
C SER A 1057 34.91 0.01 -42.67
N LEU A 1058 35.64 0.23 -41.57
CA LEU A 1058 36.65 1.27 -41.55
C LEU A 1058 37.86 0.88 -42.40
N ASP A 1059 38.23 -0.39 -42.38
CA ASP A 1059 39.37 -0.87 -43.17
C ASP A 1059 39.20 -2.37 -43.41
N ALA A 1060 40.27 -2.99 -43.91
CA ALA A 1060 40.27 -4.43 -44.14
C ALA A 1060 39.99 -5.23 -42.88
N ASN A 1061 40.13 -4.61 -41.71
CA ASN A 1061 40.16 -5.36 -40.45
C ASN A 1061 39.34 -4.74 -39.34
N THR A 1062 38.78 -3.55 -39.49
CA THR A 1062 38.13 -2.89 -38.37
C THR A 1062 36.79 -2.33 -38.83
N PHE A 1063 35.78 -2.51 -37.99
CA PHE A 1063 34.52 -1.81 -38.11
C PHE A 1063 34.47 -0.57 -37.22
N ARG A 1064 33.77 0.45 -37.68
CA ARG A 1064 33.33 1.53 -36.81
C ARG A 1064 31.81 1.48 -36.71
N VAL A 1065 31.32 1.33 -35.48
CA VAL A 1065 29.90 1.26 -35.16
C VAL A 1065 29.42 2.60 -34.63
N TYR A 1066 28.34 3.13 -35.22
CA TYR A 1066 27.83 4.44 -34.84
C TYR A 1066 26.44 4.28 -34.24
N HIS A 1067 26.24 4.88 -33.06
CA HIS A 1067 24.92 5.15 -32.50
C HIS A 1067 24.51 6.56 -32.86
N ASP A 1068 23.69 6.72 -33.89
CA ASP A 1068 23.29 8.04 -34.35
C ASP A 1068 21.85 8.32 -33.92
N GLY A 1069 21.65 9.48 -33.30
CA GLY A 1069 20.34 9.83 -32.80
C GLY A 1069 19.37 10.34 -33.84
N ARG A 1070 19.85 10.55 -35.07
CA ARG A 1070 18.96 10.95 -36.15
C ARG A 1070 18.29 9.73 -36.78
N VAL A 1071 17.05 9.93 -37.24
CA VAL A 1071 16.42 8.93 -38.08
C VAL A 1071 17.18 8.76 -39.40
N ASN A 1072 17.03 7.59 -39.99
CA ASN A 1072 17.51 7.31 -41.35
C ASN A 1072 18.99 7.62 -41.50
N SER A 1073 19.75 7.45 -40.42
CA SER A 1073 21.13 7.92 -40.45
C SER A 1073 21.97 7.06 -41.36
N SER A 1074 21.58 5.79 -41.55
CA SER A 1074 22.33 4.90 -42.41
C SER A 1074 22.42 5.43 -43.83
N LEU A 1075 21.50 6.33 -44.21
CA LEU A 1075 21.58 6.91 -45.54
C LEU A 1075 22.72 7.92 -45.59
N LEU A 1076 23.08 8.48 -44.44
CA LEU A 1076 24.00 9.59 -44.34
C LEU A 1076 25.45 9.12 -44.30
N TYR A 1077 25.73 8.07 -43.52
CA TYR A 1077 27.05 7.48 -43.51
C TYR A 1077 27.38 6.84 -44.85
N ASP A 1078 28.65 6.43 -44.98
CA ASP A 1078 29.14 5.72 -46.14
C ASP A 1078 29.87 4.45 -45.68
N ASN A 1079 30.08 3.56 -46.64
CA ASN A 1079 30.62 2.22 -46.39
C ASN A 1079 29.81 1.49 -45.33
N VAL A 1080 28.50 1.76 -45.33
CA VAL A 1080 27.60 1.07 -44.41
C VAL A 1080 27.46 -0.37 -44.84
N VAL A 1081 27.81 -1.31 -43.96
CA VAL A 1081 27.69 -2.71 -44.27
C VAL A 1081 26.58 -3.37 -43.48
N MET A 1082 26.17 -2.77 -42.36
CA MET A 1082 25.03 -3.20 -41.56
C MET A 1082 24.45 -1.94 -40.91
N ALA A 1083 23.14 -1.92 -40.73
CA ALA A 1083 22.46 -0.80 -40.10
C ALA A 1083 21.05 -1.22 -39.73
N VAL A 1084 20.53 -0.60 -38.67
CA VAL A 1084 19.11 -0.68 -38.32
C VAL A 1084 18.56 0.74 -38.22
N ASP A 1085 17.64 1.09 -39.12
CA ASP A 1085 16.98 2.38 -39.04
C ASP A 1085 15.59 2.24 -38.41
N TYR A 1086 15.02 3.40 -38.09
CA TYR A 1086 13.70 3.47 -37.45
C TYR A 1086 12.65 2.59 -38.13
N LYS A 1087 12.60 2.59 -39.47
CA LYS A 1087 11.55 1.85 -40.15
C LYS A 1087 11.63 0.36 -39.88
N ASP A 1088 12.84 -0.15 -39.63
CA ASP A 1088 13.04 -1.59 -39.48
C ASP A 1088 12.42 -2.13 -38.21
N TYR A 1089 12.14 -1.28 -37.22
CA TYR A 1089 11.59 -1.72 -35.96
C TYR A 1089 10.37 -0.90 -35.61
N GLN A 1090 9.96 0.02 -36.48
CA GLN A 1090 8.74 0.76 -36.28
C GLN A 1090 7.53 -0.15 -36.21
N ILE A 1091 6.66 0.13 -35.25
CA ILE A 1091 5.33 -0.46 -35.23
C ILE A 1091 4.53 0.28 -36.29
N ALA A 1092 4.05 -0.45 -37.30
CA ALA A 1092 3.32 0.18 -38.39
C ALA A 1092 2.20 1.06 -37.87
N GLY A 1093 1.99 2.18 -38.57
CA GLY A 1093 0.93 3.09 -38.22
C GLY A 1093 1.19 3.82 -36.93
N THR A 1094 2.44 3.87 -36.48
CA THR A 1094 2.80 4.50 -35.23
C THR A 1094 4.19 5.10 -35.35
N ALA A 1095 4.51 6.02 -34.42
CA ALA A 1095 5.88 6.45 -34.23
C ALA A 1095 6.64 5.52 -33.31
N GLU A 1096 5.93 4.68 -32.57
CA GLU A 1096 6.55 3.84 -31.54
C GLU A 1096 7.38 2.73 -32.16
N GLY A 1097 8.49 2.42 -31.51
CA GLY A 1097 9.26 1.23 -31.82
C GLY A 1097 10.27 1.00 -30.72
N LEU A 1098 10.74 -0.24 -30.62
CA LEU A 1098 11.74 -0.55 -29.63
C LEU A 1098 12.39 -1.87 -29.97
N ALA A 1099 13.72 -1.90 -29.94
CA ALA A 1099 14.48 -3.11 -30.26
C ALA A 1099 15.83 -3.04 -29.58
N ALA A 1100 16.34 -4.20 -29.17
CA ALA A 1100 17.72 -4.32 -28.76
C ALA A 1100 18.55 -4.76 -29.96
N ALA A 1101 19.67 -4.09 -30.19
CA ALA A 1101 20.60 -4.46 -31.23
C ALA A 1101 22.00 -4.58 -30.65
N TYR A 1102 22.73 -5.60 -31.09
CA TYR A 1102 24.10 -5.81 -30.65
C TYR A 1102 24.84 -6.54 -31.75
N MET A 1103 26.14 -6.70 -31.56
CA MET A 1103 26.98 -7.40 -32.49
C MET A 1103 27.62 -8.59 -31.79
N GLN A 1104 27.81 -9.65 -32.55
CA GLN A 1104 28.39 -10.87 -32.06
C GLN A 1104 29.45 -11.33 -33.04
N TYR A 1105 30.52 -11.91 -32.52
CA TYR A 1105 31.56 -12.48 -33.38
C TYR A 1105 31.31 -13.98 -33.37
N VAL A 1106 30.74 -14.48 -34.45
CA VAL A 1106 30.25 -15.85 -34.53
C VAL A 1106 30.73 -16.43 -35.85
N ASN A 1107 31.13 -17.70 -35.81
CA ASN A 1107 31.65 -18.41 -36.98
C ASN A 1107 32.64 -17.52 -37.72
N HIS A 1108 33.44 -16.77 -36.96
CA HIS A 1108 34.59 -16.02 -37.43
C HIS A 1108 34.18 -14.75 -38.17
N GLU A 1109 32.95 -14.28 -37.96
CA GLU A 1109 32.49 -13.04 -38.55
C GLU A 1109 31.55 -12.33 -37.59
N TRP A 1110 31.50 -11.00 -37.70
CA TRP A 1110 30.53 -10.22 -36.98
C TRP A 1110 29.15 -10.35 -37.62
N GLN A 1111 28.12 -10.38 -36.78
CA GLN A 1111 26.73 -10.46 -37.22
C GLN A 1111 25.91 -9.40 -36.52
N LEU A 1112 25.21 -8.56 -37.30
CA LEU A 1112 24.31 -7.58 -36.73
C LEU A 1112 22.99 -8.26 -36.37
N VAL A 1113 22.71 -8.31 -35.08
CA VAL A 1113 21.57 -9.04 -34.53
C VAL A 1113 20.58 -8.04 -33.97
N LEU A 1114 19.39 -7.99 -34.55
CA LEU A 1114 18.35 -7.05 -34.15
C LEU A 1114 17.25 -7.83 -33.45
N GLN A 1115 17.00 -7.52 -32.19
CA GLN A 1115 15.96 -8.19 -31.41
C GLN A 1115 14.84 -7.19 -31.14
N ARG A 1116 13.78 -7.29 -31.94
CA ARG A 1116 12.68 -6.34 -31.86
C ARG A 1116 11.96 -6.56 -30.53
N GLN A 1117 11.65 -5.46 -29.85
CA GLN A 1117 11.05 -5.57 -28.53
C GLN A 1117 9.84 -4.66 -28.35
N GLU A 1118 9.32 -4.60 -27.13
CA GLU A 1118 8.45 -3.50 -26.73
C GLU A 1118 8.32 -3.47 -25.21
N TYR A 1119 7.91 -2.30 -24.72
CA TYR A 1119 7.31 -2.15 -23.40
C TYR A 1119 5.90 -2.70 -23.34
N GLN A 1120 5.58 -3.37 -22.24
CA GLN A 1120 4.27 -4.00 -22.08
C GLN A 1120 3.77 -3.77 -20.66
N ARG A 1121 2.47 -3.54 -20.56
CA ARG A 1121 1.78 -3.29 -19.30
C ARG A 1121 1.56 -4.61 -18.57
N ASP A 1122 1.70 -4.59 -17.24
CA ASP A 1122 1.61 -5.85 -16.51
C ASP A 1122 1.10 -5.61 -15.09
N GLY A 1123 -0.22 -5.40 -14.98
CA GLY A 1123 -0.82 -5.24 -13.67
C GLY A 1123 -0.43 -3.97 -12.95
N GLN A 1124 -0.76 -2.81 -13.52
CA GLN A 1124 -0.42 -1.51 -12.93
C GLN A 1124 1.08 -1.35 -12.83
N MET A 1125 1.79 -2.08 -13.68
CA MET A 1125 3.21 -1.91 -13.91
C MET A 1125 3.48 -2.04 -15.40
N LEU A 1126 4.69 -1.70 -15.78
CA LEU A 1126 5.18 -1.90 -17.14
C LEU A 1126 6.31 -2.91 -17.12
N ARG A 1127 6.45 -3.61 -18.23
CA ARG A 1127 7.62 -4.44 -18.46
C ARG A 1127 8.09 -4.20 -19.88
N LEU A 1128 9.31 -4.63 -20.13
CA LEU A 1128 9.72 -4.83 -21.50
C LEU A 1128 9.23 -6.19 -21.98
N ARG A 1129 9.10 -6.33 -23.29
CA ARG A 1129 9.06 -7.65 -23.89
C ARG A 1129 9.54 -7.59 -25.33
N LEU A 1130 9.86 -8.77 -25.87
CA LEU A 1130 9.90 -8.96 -27.30
C LEU A 1130 8.57 -8.51 -27.90
N ARG A 1131 8.63 -7.89 -29.06
CA ARG A 1131 7.40 -7.75 -29.84
C ARG A 1131 6.97 -9.13 -30.31
N ASP A 1132 5.74 -9.51 -29.98
CA ASP A 1132 5.18 -10.79 -30.38
C ASP A 1132 4.36 -10.74 -31.66
N ASP A 1133 4.14 -9.55 -32.21
CA ASP A 1133 3.25 -9.38 -33.35
C ASP A 1133 4.01 -9.49 -34.66
N GLU A 1134 5.34 -9.60 -34.57
CA GLU A 1134 6.20 -9.77 -35.72
C GLU A 1134 7.41 -10.55 -35.26
N GLU A 1135 8.22 -10.98 -36.22
CA GLU A 1135 9.42 -11.73 -35.90
C GLU A 1135 10.28 -10.91 -34.94
N PRO A 1136 10.43 -11.36 -33.69
CA PRO A 1136 11.12 -10.53 -32.69
C PRO A 1136 12.60 -10.38 -32.94
N LEU A 1137 13.18 -11.16 -33.84
CA LEU A 1137 14.60 -11.12 -34.14
C LEU A 1137 14.85 -11.03 -35.64
N SER A 1138 15.88 -10.28 -36.00
CA SER A 1138 16.35 -10.23 -37.38
C SER A 1138 17.85 -9.98 -37.37
N ILE A 1139 18.54 -10.60 -38.32
CA ILE A 1139 19.98 -10.81 -38.25
C ILE A 1139 20.58 -10.39 -39.59
N GLN A 1140 21.67 -9.63 -39.54
CA GLN A 1140 22.42 -9.32 -40.75
C GLN A 1140 23.87 -9.74 -40.58
N VAL A 1141 24.34 -10.60 -41.49
CA VAL A 1141 25.78 -10.70 -41.75
C VAL A 1141 26.22 -9.53 -42.62
N ALA A 1142 27.52 -9.28 -42.61
CA ALA A 1142 28.09 -8.20 -43.41
C ALA A 1142 27.75 -8.34 -44.89
N ASP A 1143 27.11 -7.32 -45.46
CA ASP A 1143 26.59 -7.37 -46.81
C ASP A 1143 26.90 -6.04 -47.49
N SER A 1144 26.70 -5.99 -48.82
CA SER A 1144 27.03 -4.78 -49.57
C SER A 1144 25.82 -4.02 -50.07
N GLN A 1145 24.69 -4.70 -50.28
CA GLN A 1145 23.57 -4.12 -51.00
C GLN A 1145 22.64 -3.34 -50.10
N VAL A 1146 22.91 -3.36 -48.79
CA VAL A 1146 21.98 -2.84 -47.80
C VAL A 1146 21.63 -1.39 -48.09
N VAL A 1147 22.63 -0.59 -48.46
CA VAL A 1147 22.41 0.80 -48.81
C VAL A 1147 21.41 0.95 -49.95
N GLU A 1148 21.66 0.29 -51.09
CA GLU A 1148 20.72 0.38 -52.21
C GLU A 1148 19.33 -0.08 -51.82
N ARG A 1149 19.26 -1.22 -51.12
CA ARG A 1149 17.98 -1.83 -50.76
C ARG A 1149 17.17 -0.94 -49.84
N ASN A 1150 17.83 -0.21 -48.96
CA ASN A 1150 17.11 0.73 -48.11
C ASN A 1150 16.79 2.01 -48.87
N GLN A 1151 17.78 2.56 -49.57
CA GLN A 1151 17.65 3.90 -50.14
C GLN A 1151 16.50 3.96 -51.15
N ALA A 1152 16.42 2.96 -52.04
CA ALA A 1152 15.28 2.91 -52.96
C ALA A 1152 13.96 2.91 -52.19
N GLN A 1153 13.91 2.12 -51.12
CA GLN A 1153 12.70 2.02 -50.31
C GLN A 1153 12.38 3.37 -49.69
N PHE A 1154 13.40 4.06 -49.18
CA PHE A 1154 13.19 5.34 -48.53
C PHE A 1154 12.67 6.36 -49.53
N VAL A 1155 13.25 6.41 -50.73
CA VAL A 1155 12.80 7.34 -51.75
C VAL A 1155 11.32 7.10 -52.06
N ALA A 1156 10.96 5.83 -52.25
CA ALA A 1156 9.56 5.52 -52.54
C ALA A 1156 8.67 5.87 -51.35
N TYR A 1157 9.11 5.53 -50.15
CA TYR A 1157 8.30 5.74 -48.96
C TYR A 1157 8.08 7.24 -48.73
N ARG A 1158 9.11 8.04 -48.95
CA ARG A 1158 8.95 9.49 -48.85
C ARG A 1158 7.93 9.99 -49.86
N GLU A 1159 8.05 9.54 -51.12
CA GLU A 1159 7.02 9.88 -52.09
C GLU A 1159 5.64 9.50 -51.56
N GLN A 1160 5.54 8.33 -50.97
CA GLN A 1160 4.26 7.82 -50.48
C GLN A 1160 3.72 8.68 -49.36
N ILE A 1161 4.56 9.00 -48.39
CA ILE A 1161 4.15 9.87 -47.29
C ILE A 1161 3.77 11.26 -47.77
N HIS A 1162 4.46 11.79 -48.78
CA HIS A 1162 3.96 13.02 -49.39
C HIS A 1162 2.57 12.83 -49.98
N GLN A 1163 2.29 11.67 -50.55
CA GLN A 1163 0.93 11.37 -50.96
C GLN A 1163 -0.01 11.35 -49.77
N GLN A 1164 0.43 10.73 -48.68
CA GLN A 1164 -0.37 10.64 -47.46
C GLN A 1164 -0.75 12.03 -46.95
N LEU A 1165 0.24 12.90 -46.83
CA LEU A 1165 0.01 14.24 -46.32
C LEU A 1165 -0.86 15.03 -47.28
N LYS A 1166 -0.64 14.88 -48.59
CA LYS A 1166 -1.50 15.51 -49.57
C LYS A 1166 -2.94 15.08 -49.38
N LYS A 1167 -3.15 13.78 -49.19
CA LYS A 1167 -4.48 13.22 -48.91
C LYS A 1167 -5.09 13.90 -47.69
N VAL A 1168 -4.37 13.88 -46.57
CA VAL A 1168 -4.92 14.39 -45.32
C VAL A 1168 -5.24 15.87 -45.44
N ALA A 1169 -4.33 16.65 -46.04
CA ALA A 1169 -4.59 18.06 -46.28
C ALA A 1169 -5.83 18.27 -47.14
N THR A 1170 -6.00 17.44 -48.18
CA THR A 1170 -7.20 17.53 -48.99
C THR A 1170 -8.45 17.23 -48.16
N GLN A 1171 -8.36 16.26 -47.27
CA GLN A 1171 -9.48 15.94 -46.38
C GLN A 1171 -9.87 17.13 -45.51
N PHE A 1172 -8.93 18.03 -45.22
CA PHE A 1172 -9.24 19.24 -44.48
C PHE A 1172 -9.14 20.50 -45.35
N GLU A 1173 -9.28 20.35 -46.66
CA GLU A 1173 -9.60 21.41 -47.61
C GLU A 1173 -8.49 22.44 -47.81
N VAL A 1174 -7.28 22.16 -47.34
CA VAL A 1174 -6.18 23.11 -47.48
C VAL A 1174 -5.60 22.96 -48.88
N SER A 1175 -5.27 24.09 -49.52
CA SER A 1175 -4.70 24.04 -50.86
C SER A 1175 -3.24 23.58 -50.79
N ILE A 1176 -2.94 22.49 -51.49
CA ILE A 1176 -1.58 21.96 -51.57
C ILE A 1176 -0.79 22.58 -52.70
N SER A 1177 -1.35 23.56 -53.41
CA SER A 1177 -0.71 24.11 -54.60
C SER A 1177 0.68 24.64 -54.28
N GLY A 1178 1.63 24.30 -55.15
CA GLY A 1178 3.00 24.73 -55.04
C GLY A 1178 3.81 24.06 -53.96
N VAL A 1179 3.23 23.09 -53.24
CA VAL A 1179 3.97 22.38 -52.20
C VAL A 1179 4.76 21.27 -52.87
N SER A 1180 6.09 21.44 -52.92
CA SER A 1180 6.98 20.42 -53.45
C SER A 1180 8.38 20.71 -52.95
N ASP A 1181 9.26 19.73 -53.09
CA ASP A 1181 10.61 19.86 -52.55
C ASP A 1181 11.36 20.94 -53.33
N GLY A 1182 11.85 21.95 -52.62
CA GLY A 1182 12.83 22.85 -53.19
C GLY A 1182 14.19 22.17 -53.31
N VAL A 1183 14.82 22.31 -54.46
CA VAL A 1183 16.15 21.74 -54.66
C VAL A 1183 17.09 22.32 -53.61
N TYR A 1184 17.73 21.44 -52.85
CA TYR A 1184 18.72 21.88 -51.87
C TYR A 1184 19.82 22.69 -52.55
N THR A 1185 19.92 23.96 -52.18
CA THR A 1185 20.82 24.90 -52.83
C THR A 1185 22.07 25.19 -52.01
N GLU A 1186 21.94 25.39 -50.70
CA GLU A 1186 23.06 25.87 -49.91
C GLU A 1186 22.76 25.73 -48.43
N GLY A 1187 23.82 25.89 -47.63
CA GLY A 1187 23.70 26.09 -46.21
C GLY A 1187 23.73 24.80 -45.40
N GLU A 1188 23.85 24.98 -44.09
CA GLU A 1188 23.87 23.88 -43.14
C GLU A 1188 22.46 23.37 -42.95
N PHE A 1189 22.34 22.24 -42.24
CA PHE A 1189 21.03 21.82 -41.78
C PHE A 1189 20.40 22.95 -40.97
N SER A 1190 19.12 23.20 -41.22
CA SER A 1190 18.35 24.07 -40.36
C SER A 1190 16.88 23.69 -40.44
N PRO A 1191 16.15 23.80 -39.34
CA PRO A 1191 14.70 24.00 -39.43
C PRO A 1191 14.35 25.23 -40.26
N ASP A 1192 13.19 25.16 -40.93
CA ASP A 1192 12.67 26.26 -41.75
C ASP A 1192 13.63 26.68 -42.86
N HIS A 1193 14.38 25.74 -43.43
CA HIS A 1193 15.09 26.04 -44.67
C HIS A 1193 14.08 26.17 -45.82
N PRO A 1194 14.29 27.15 -46.71
CA PRO A 1194 13.34 27.38 -47.82
C PRO A 1194 12.91 26.14 -48.59
N ALA A 1195 13.82 25.18 -48.76
CA ALA A 1195 13.53 23.99 -49.57
C ALA A 1195 12.31 23.23 -49.06
N ILE A 1196 12.07 23.21 -47.75
CA ILE A 1196 10.96 22.48 -47.18
C ILE A 1196 9.85 23.40 -46.72
N ALA A 1197 9.96 24.70 -47.00
CA ALA A 1197 9.10 25.69 -46.37
C ALA A 1197 7.63 25.44 -46.68
N ALA A 1198 7.34 25.01 -47.91
CA ALA A 1198 5.95 24.72 -48.27
C ALA A 1198 5.39 23.61 -47.40
N TRP A 1199 6.13 22.50 -47.25
CA TRP A 1199 5.70 21.44 -46.35
C TRP A 1199 5.51 21.96 -44.93
N ALA A 1200 6.47 22.76 -44.46
CA ALA A 1200 6.36 23.27 -43.09
C ALA A 1200 5.10 24.10 -42.91
N LYS A 1201 4.83 24.99 -43.87
CA LYS A 1201 3.61 25.78 -43.83
C LYS A 1201 2.37 24.91 -43.85
N LEU A 1202 2.35 23.91 -44.74
CA LEU A 1202 1.21 23.00 -44.81
C LEU A 1202 0.99 22.26 -43.50
N CYS A 1203 2.07 21.82 -42.87
CA CYS A 1203 1.98 21.20 -41.55
C CYS A 1203 1.40 22.17 -40.54
N ALA A 1204 1.99 23.37 -40.47
CA ALA A 1204 1.54 24.41 -39.54
C ALA A 1204 0.05 24.70 -39.71
N GLU A 1205 -0.42 24.71 -40.95
CA GLU A 1205 -1.82 25.01 -41.22
C GLU A 1205 -2.72 23.87 -40.80
N VAL A 1206 -2.39 22.64 -41.20
CA VAL A 1206 -3.20 21.51 -40.78
C VAL A 1206 -3.23 21.42 -39.25
N TYR A 1207 -2.10 21.72 -38.62
CA TYR A 1207 -2.07 21.89 -37.17
C TYR A 1207 -3.08 22.92 -36.69
N ASP A 1208 -3.06 24.10 -37.28
CA ASP A 1208 -3.90 25.16 -36.72
C ASP A 1208 -5.37 24.79 -36.85
N ARG A 1209 -5.71 24.17 -37.97
CA ARG A 1209 -7.08 23.70 -38.19
C ARG A 1209 -7.49 22.68 -37.12
N ILE A 1210 -6.66 21.67 -36.91
CA ILE A 1210 -7.01 20.61 -35.97
C ILE A 1210 -6.92 21.08 -34.52
N ASN A 1211 -5.96 21.96 -34.21
CA ASN A 1211 -5.85 22.52 -32.87
C ASN A 1211 -7.06 23.38 -32.51
N ALA A 1212 -7.46 24.27 -33.42
CA ALA A 1212 -8.71 25.00 -33.23
C ALA A 1212 -9.88 24.02 -33.06
N ASP A 1213 -9.87 22.94 -33.84
CA ASP A 1213 -10.96 21.98 -33.78
C ASP A 1213 -11.04 21.33 -32.40
N THR A 1214 -9.96 20.68 -31.99
CA THR A 1214 -9.87 19.95 -30.72
C THR A 1214 -9.98 20.84 -29.49
N LYS A 1215 -9.50 22.08 -29.53
CA LYS A 1215 -9.57 22.92 -28.33
C LYS A 1215 -10.97 23.05 -27.77
N GLN A 1216 -12.01 23.07 -28.62
CA GLN A 1216 -13.38 23.18 -28.14
C GLN A 1216 -13.78 21.98 -27.30
N LEU A 1217 -13.25 20.81 -27.62
CA LEU A 1217 -13.53 19.64 -26.81
C LEU A 1217 -12.62 19.57 -25.60
N VAL A 1218 -11.38 20.03 -25.73
CA VAL A 1218 -10.50 20.07 -24.57
C VAL A 1218 -11.15 20.92 -23.48
N ASP A 1219 -11.62 22.11 -23.85
CA ASP A 1219 -12.31 22.99 -22.91
C ASP A 1219 -13.59 22.36 -22.37
N LYS A 1220 -14.45 21.81 -23.23
CA LYS A 1220 -15.67 21.20 -22.71
C LYS A 1220 -15.40 20.00 -21.81
N ARG A 1221 -14.33 19.26 -22.08
CA ARG A 1221 -13.92 18.16 -21.20
C ARG A 1221 -13.44 18.66 -19.85
N ASN A 1222 -12.62 19.73 -19.84
CA ASN A 1222 -12.21 20.32 -18.57
C ASN A 1222 -13.42 20.81 -17.77
N LYS A 1223 -14.37 21.45 -18.46
CA LYS A 1223 -15.61 21.85 -17.82
C LYS A 1223 -16.34 20.66 -17.21
N LEU A 1224 -16.36 19.53 -17.92
CA LEU A 1224 -17.05 18.35 -17.37
C LEU A 1224 -16.31 17.76 -16.17
N TYR A 1225 -14.98 17.71 -16.20
CA TYR A 1225 -14.26 17.30 -14.98
C TYR A 1225 -14.60 18.21 -13.81
N GLU A 1226 -14.68 19.52 -14.06
CA GLU A 1226 -15.08 20.43 -12.99
C GLU A 1226 -16.46 20.07 -12.49
N ASN A 1227 -17.39 19.81 -13.42
CA ASN A 1227 -18.75 19.45 -13.07
C ASN A 1227 -18.77 18.21 -12.17
N ARG A 1228 -18.03 17.18 -12.58
CA ARG A 1228 -17.96 15.93 -11.82
C ARG A 1228 -17.25 16.12 -10.49
N ARG A 1229 -16.51 17.20 -10.31
CA ARG A 1229 -15.95 17.49 -9.00
C ARG A 1229 -17.00 17.87 -7.96
N ASN A 1230 -18.20 18.25 -8.39
CA ASN A 1230 -19.21 18.74 -7.45
C ASN A 1230 -19.64 17.66 -6.46
N THR A 1231 -19.84 18.08 -5.22
CA THR A 1231 -20.02 17.14 -4.11
C THR A 1231 -21.42 16.53 -4.08
N ILE A 1232 -22.44 17.30 -4.50
CA ILE A 1232 -23.83 16.94 -4.28
C ILE A 1232 -24.33 15.88 -5.26
N ARG A 1233 -23.65 15.68 -6.38
CA ARG A 1233 -24.19 14.88 -7.47
C ARG A 1233 -24.56 13.47 -7.01
N ARG A 1234 -25.80 13.10 -7.33
CA ARG A 1234 -26.34 11.78 -6.97
C ARG A 1234 -25.56 10.63 -7.59
N ASP A 1235 -25.08 10.78 -8.83
CA ASP A 1235 -24.90 9.62 -9.68
C ASP A 1235 -23.87 9.92 -10.78
N LEU A 1236 -23.58 8.89 -11.57
CA LEU A 1236 -22.71 9.00 -12.74
C LEU A 1236 -23.07 10.18 -13.63
N ILE A 1237 -22.04 10.90 -14.06
CA ILE A 1237 -22.05 11.66 -15.31
C ILE A 1237 -20.81 11.26 -16.11
N ASN A 1238 -20.16 10.19 -15.67
CA ASN A 1238 -18.76 9.96 -16.00
C ASN A 1238 -18.53 9.54 -17.45
N GLN A 1239 -19.50 8.85 -18.08
CA GLN A 1239 -19.23 8.22 -19.36
C GLN A 1239 -18.93 9.24 -20.45
N GLN A 1240 -19.34 10.49 -20.25
CA GLN A 1240 -19.05 11.56 -21.19
C GLN A 1240 -17.54 11.83 -21.25
N ILE A 1241 -16.86 11.60 -20.12
CA ILE A 1241 -15.41 11.73 -20.05
C ILE A 1241 -14.73 10.67 -20.91
N LYS A 1242 -15.13 9.42 -20.74
CA LYS A 1242 -14.55 8.36 -21.57
C LYS A 1242 -14.85 8.59 -23.05
N GLN A 1243 -16.04 9.10 -23.38
CA GLN A 1243 -16.38 9.29 -24.79
C GLN A 1243 -15.58 10.43 -25.42
N LEU A 1244 -15.33 11.50 -24.66
CA LEU A 1244 -14.48 12.58 -25.15
C LEU A 1244 -13.03 12.14 -25.23
N ASN A 1245 -12.56 11.44 -24.21
CA ASN A 1245 -11.22 10.86 -24.22
C ASN A 1245 -11.00 10.04 -25.48
N ILE A 1246 -11.87 9.05 -25.72
CA ILE A 1246 -11.74 8.21 -26.91
C ILE A 1246 -11.73 9.03 -28.19
N THR A 1247 -12.62 10.02 -28.29
CA THR A 1247 -12.65 10.86 -29.50
C THR A 1247 -11.33 11.57 -29.73
N LEU A 1248 -10.83 12.24 -28.68
CA LEU A 1248 -9.59 12.98 -28.82
C LEU A 1248 -8.43 12.05 -29.12
N GLU A 1249 -8.30 10.96 -28.36
CA GLU A 1249 -7.16 10.11 -28.57
C GLU A 1249 -7.22 9.46 -29.95
N TYR A 1250 -8.41 9.25 -30.50
CA TYR A 1250 -8.51 8.87 -31.91
C TYR A 1250 -7.86 9.94 -32.78
N TYR A 1251 -8.17 11.20 -32.51
CA TYR A 1251 -7.64 12.26 -33.36
C TYR A 1251 -6.12 12.31 -33.27
N LYS A 1252 -5.60 12.22 -32.05
CA LYS A 1252 -4.15 12.16 -31.87
C LYS A 1252 -3.54 11.02 -32.67
N ALA A 1253 -4.02 9.80 -32.43
CA ALA A 1253 -3.47 8.62 -33.08
C ALA A 1253 -3.58 8.70 -34.60
N GLN A 1254 -4.66 9.31 -35.09
CA GLN A 1254 -4.92 9.35 -36.52
C GLN A 1254 -4.17 10.47 -37.24
N TYR A 1255 -3.78 11.55 -36.56
CA TYR A 1255 -3.23 12.67 -37.31
C TYR A 1255 -1.85 13.16 -36.84
N ASP A 1256 -1.59 13.03 -35.53
CA ASP A 1256 -0.29 13.47 -35.02
C ASP A 1256 0.83 12.70 -35.70
N THR A 1257 0.64 11.39 -35.87
CA THR A 1257 1.64 10.59 -36.58
C THR A 1257 1.91 11.15 -37.97
N VAL A 1258 0.84 11.55 -38.67
CA VAL A 1258 1.03 12.04 -40.03
C VAL A 1258 1.86 13.32 -40.04
N LEU A 1259 1.48 14.28 -39.18
CA LEU A 1259 2.19 15.55 -39.16
C LEU A 1259 3.65 15.37 -38.73
N ARG A 1260 3.87 14.52 -37.73
CA ARG A 1260 5.22 14.29 -37.23
C ARG A 1260 6.06 13.61 -38.31
N GLU A 1261 5.50 12.60 -38.98
CA GLU A 1261 6.24 11.90 -40.01
C GLU A 1261 6.56 12.83 -41.16
N ALA A 1262 5.63 13.75 -41.48
CA ALA A 1262 5.92 14.73 -42.52
C ALA A 1262 7.14 15.55 -42.13
N GLY A 1263 7.19 15.96 -40.86
CA GLY A 1263 8.37 16.68 -40.40
C GLY A 1263 9.61 15.84 -40.51
N PHE A 1264 9.49 14.55 -40.17
CA PHE A 1264 10.66 13.68 -40.19
C PHE A 1264 11.15 13.47 -41.61
N VAL A 1265 10.25 13.20 -42.54
CA VAL A 1265 10.69 12.93 -43.90
C VAL A 1265 11.31 14.19 -44.49
N GLU A 1266 10.85 15.37 -44.06
CA GLU A 1266 11.46 16.58 -44.57
C GLU A 1266 12.85 16.79 -44.00
N GLN A 1267 13.01 16.63 -42.68
CA GLN A 1267 14.33 16.71 -42.07
C GLN A 1267 15.28 15.66 -42.64
N SER A 1268 14.76 14.47 -42.92
CA SER A 1268 15.58 13.39 -43.45
C SER A 1268 16.01 13.71 -44.87
N TRP A 1269 15.09 14.22 -45.68
CA TRP A 1269 15.44 14.59 -47.04
C TRP A 1269 16.44 15.73 -47.05
N LEU A 1270 16.29 16.70 -46.16
CA LEU A 1270 17.26 17.77 -46.06
C LEU A 1270 18.65 17.22 -45.74
N TRP A 1271 18.75 16.37 -44.71
CA TRP A 1271 20.04 15.82 -44.32
C TRP A 1271 20.66 14.99 -45.45
N GLN A 1272 19.82 14.25 -46.19
CA GLN A 1272 20.32 13.49 -47.32
C GLN A 1272 20.78 14.38 -48.47
N GLN A 1273 20.06 15.46 -48.76
CA GLN A 1273 20.54 16.42 -49.76
C GLN A 1273 21.89 16.96 -49.36
N ILE A 1274 22.03 17.31 -48.08
CA ILE A 1274 23.30 17.85 -47.60
C ILE A 1274 24.42 16.84 -47.81
N LYS A 1275 24.13 15.56 -47.56
CA LYS A 1275 25.11 14.53 -47.90
C LYS A 1275 25.41 14.50 -49.39
N ALA A 1276 24.36 14.39 -50.21
CA ALA A 1276 24.52 14.21 -51.64
C ALA A 1276 25.32 15.35 -52.28
N LYS A 1277 25.17 16.56 -51.76
CA LYS A 1277 25.93 17.68 -52.30
C LYS A 1277 27.31 17.81 -51.67
N ASN A 1278 27.40 17.75 -50.34
CA ASN A 1278 28.61 18.14 -49.65
C ASN A 1278 29.38 16.95 -49.08
N GLY A 1279 28.88 15.74 -49.23
CA GLY A 1279 29.53 14.58 -48.69
C GLY A 1279 29.19 14.32 -47.23
N SER A 1280 29.42 13.08 -46.81
CA SER A 1280 29.08 12.68 -45.44
C SER A 1280 29.82 13.51 -44.39
N ALA A 1281 31.06 13.92 -44.67
CA ALA A 1281 31.82 14.69 -43.70
C ALA A 1281 31.17 16.03 -43.36
N ALA A 1282 30.21 16.47 -44.17
CA ALA A 1282 29.39 17.62 -43.82
C ALA A 1282 28.24 17.21 -42.91
N VAL A 1283 27.93 15.92 -42.85
CA VAL A 1283 26.70 15.44 -42.24
C VAL A 1283 26.97 14.51 -41.06
N VAL A 1284 28.18 13.97 -40.94
CA VAL A 1284 28.66 13.36 -39.71
C VAL A 1284 30.03 13.96 -39.42
N ARG A 1285 30.25 14.31 -38.16
CA ARG A 1285 31.52 14.88 -37.72
C ARG A 1285 32.19 13.96 -36.72
N ILE A 1286 33.52 13.85 -36.84
CA ILE A 1286 34.29 12.88 -36.07
C ILE A 1286 34.45 13.30 -34.61
N ASP A 1287 34.48 14.60 -34.33
CA ASP A 1287 34.57 15.03 -32.94
C ASP A 1287 33.88 16.37 -32.73
N ASP A 1288 33.52 16.63 -31.47
CA ASP A 1288 32.74 17.79 -31.06
C ASP A 1288 33.55 19.06 -30.92
N THR A 1289 34.87 19.03 -31.10
CA THR A 1289 35.68 20.18 -30.73
C THR A 1289 35.51 21.33 -31.72
N ALA A 1290 34.91 21.08 -32.88
CA ALA A 1290 34.53 22.14 -33.81
C ALA A 1290 33.15 22.71 -33.44
N ILE A 1291 33.08 23.24 -32.22
CA ILE A 1291 31.80 23.48 -31.57
C ILE A 1291 30.93 24.37 -32.43
N GLN A 1292 29.69 23.96 -32.66
CA GLN A 1292 28.71 24.78 -33.34
C GLN A 1292 27.32 24.33 -32.94
N GLY A 1293 26.34 25.22 -33.16
CA GLY A 1293 24.96 24.93 -32.81
C GLY A 1293 24.00 26.02 -33.26
N GLY A 1294 22.95 26.27 -32.47
CA GLY A 1294 22.02 27.33 -32.82
C GLY A 1294 22.69 28.70 -32.80
N GLY A 1295 23.53 28.94 -31.81
CA GLY A 1295 24.50 30.02 -31.87
C GLY A 1295 25.83 29.56 -31.33
N LYS A 1296 26.86 30.37 -31.56
CA LYS A 1296 28.23 29.99 -31.22
C LYS A 1296 28.34 29.58 -29.76
N GLN A 1297 27.54 30.22 -28.90
CA GLN A 1297 27.27 29.70 -27.56
C GLN A 1297 25.80 29.95 -27.27
N ARG A 1298 25.26 29.15 -26.36
CA ARG A 1298 23.87 29.21 -25.95
C ARG A 1298 23.74 29.59 -24.48
N THR A 1299 24.87 29.92 -23.85
CA THR A 1299 24.91 30.50 -22.50
C THR A 1299 24.15 29.66 -21.51
N ASP A 1300 24.06 28.36 -21.78
CA ASP A 1300 23.46 27.44 -20.82
C ASP A 1300 24.30 27.49 -19.56
N SER A 1301 23.62 27.50 -18.40
CA SER A 1301 24.37 27.50 -17.15
C SER A 1301 25.39 26.38 -17.15
N VAL A 1302 26.53 26.67 -16.52
CA VAL A 1302 27.55 25.64 -16.34
C VAL A 1302 26.93 24.42 -15.67
N GLY A 1303 26.05 24.65 -14.70
CA GLY A 1303 25.34 23.54 -14.07
C GLY A 1303 24.60 22.70 -15.09
N GLU A 1304 23.87 23.36 -15.99
CA GLU A 1304 23.08 22.64 -16.97
C GLU A 1304 23.98 21.93 -17.97
N ARG A 1305 24.99 22.62 -18.47
CA ARG A 1305 25.87 22.01 -19.45
C ARG A 1305 26.68 20.89 -18.84
N TYR A 1306 26.91 20.96 -17.53
CA TYR A 1306 27.53 19.86 -16.80
C TYR A 1306 26.60 18.67 -16.71
N ALA A 1307 25.33 18.92 -16.39
CA ALA A 1307 24.42 17.80 -16.24
C ALA A 1307 24.24 17.10 -17.57
N ILE A 1308 24.06 17.86 -18.65
CA ILE A 1308 24.08 17.25 -19.98
C ILE A 1308 25.37 16.45 -20.16
N SER A 1309 26.51 17.08 -19.82
CA SER A 1309 27.82 16.47 -19.94
C SER A 1309 28.03 15.32 -18.98
N GLU A 1310 27.01 14.94 -18.21
CA GLU A 1310 27.14 13.86 -17.25
C GLU A 1310 25.94 12.92 -17.29
N ALA A 1311 25.21 12.92 -18.40
CA ALA A 1311 24.15 11.96 -18.60
C ALA A 1311 24.06 11.55 -20.06
N TYR A 1312 25.09 11.85 -20.85
CA TYR A 1312 25.25 11.29 -22.17
C TYR A 1312 26.73 11.02 -22.41
N GLN A 1313 27.02 10.04 -23.25
CA GLN A 1313 28.38 9.78 -23.70
C GLN A 1313 28.43 10.03 -25.20
N ARG A 1314 29.40 10.83 -25.62
CA ARG A 1314 29.61 11.13 -27.05
C ARG A 1314 31.11 11.19 -27.26
N GLY A 1315 31.65 10.14 -27.88
CA GLY A 1315 33.06 9.86 -27.74
C GLY A 1315 33.30 8.80 -26.68
N ALA A 1316 34.54 8.38 -26.57
CA ALA A 1316 34.88 7.27 -25.70
C ALA A 1316 35.23 7.76 -24.30
N ARG A 1317 35.28 6.80 -23.37
CA ARG A 1317 35.60 7.02 -21.97
C ARG A 1317 36.59 5.92 -21.58
N GLY A 1318 37.87 6.27 -21.60
CA GLY A 1318 38.88 5.36 -21.13
C GLY A 1318 38.78 5.10 -19.64
N THR A 1319 39.34 3.95 -19.24
CA THR A 1319 38.98 3.34 -17.97
C THR A 1319 39.48 4.17 -16.81
N GLY A 1320 40.56 4.92 -17.00
CA GLY A 1320 41.05 5.79 -15.95
C GLY A 1320 39.95 6.58 -15.29
N PHE A 1321 38.93 6.98 -16.05
CA PHE A 1321 37.80 7.68 -15.46
C PHE A 1321 37.17 6.87 -14.33
N SER A 1322 37.01 5.57 -14.57
CA SER A 1322 36.47 4.68 -13.53
C SER A 1322 37.49 4.45 -12.43
N ASP A 1323 38.78 4.41 -12.76
CA ASP A 1323 39.77 4.24 -11.71
C ASP A 1323 39.77 5.45 -10.78
N GLY A 1324 39.68 6.64 -11.37
CA GLY A 1324 39.54 7.84 -10.57
C GLY A 1324 38.35 7.77 -9.66
N LEU A 1325 37.19 7.38 -10.20
CA LEU A 1325 36.03 7.28 -9.35
C LEU A 1325 36.23 6.26 -8.24
N ARG A 1326 36.98 5.19 -8.52
CA ARG A 1326 37.25 4.17 -7.52
C ARG A 1326 38.21 4.65 -6.44
N ASN A 1327 39.08 5.60 -6.76
CA ASN A 1327 40.12 6.03 -5.81
C ASN A 1327 40.06 7.51 -5.49
N PHE A 1328 38.94 8.18 -5.76
CA PHE A 1328 38.94 9.64 -5.83
C PHE A 1328 39.48 10.31 -4.57
N ARG A 1329 39.46 9.61 -3.44
CA ARG A 1329 40.04 10.16 -2.22
C ARG A 1329 41.53 9.91 -2.07
N GLU A 1330 42.06 8.86 -2.69
CA GLU A 1330 43.51 8.66 -2.66
C GLU A 1330 44.22 9.57 -3.66
N ILE A 1331 43.58 9.80 -4.81
CA ILE A 1331 44.23 10.50 -5.92
C ILE A 1331 44.56 11.93 -5.50
N GLU A 1332 45.58 12.50 -6.16
CA GLU A 1332 45.89 13.91 -6.03
C GLU A 1332 45.71 14.64 -7.35
N ILE A 1333 45.22 15.88 -7.27
CA ILE A 1333 44.89 16.68 -8.43
C ILE A 1333 45.55 18.05 -8.30
N PRO A 1334 46.42 18.45 -9.23
CA PRO A 1334 47.07 19.75 -9.13
C PRO A 1334 46.11 20.90 -9.33
N GLY A 1335 46.36 22.00 -8.60
CA GLY A 1335 45.53 23.18 -8.73
C GLY A 1335 44.13 23.08 -8.19
N VAL A 1336 43.83 22.07 -7.38
CA VAL A 1336 42.54 21.94 -6.74
C VAL A 1336 42.72 21.88 -5.23
N ASP A 1337 41.79 22.49 -4.50
CA ASP A 1337 41.70 22.32 -3.06
C ASP A 1337 40.23 22.30 -2.62
N ASP A 1338 40.05 21.83 -1.38
CA ASP A 1338 38.71 21.58 -0.84
C ASP A 1338 37.82 22.81 -0.80
N LYS A 1339 38.38 24.01 -0.89
CA LYS A 1339 37.62 25.25 -0.77
C LYS A 1339 37.28 25.88 -2.12
N MET A 1340 37.58 25.22 -3.23
CA MET A 1340 36.94 25.62 -4.48
C MET A 1340 35.43 25.45 -4.37
N SER A 1341 34.69 26.35 -5.01
CA SER A 1341 33.25 26.18 -5.10
C SER A 1341 32.92 25.00 -5.99
N ALA A 1342 31.73 24.44 -5.76
CA ALA A 1342 31.22 23.42 -6.67
C ALA A 1342 31.14 23.96 -8.08
N LEU A 1343 30.89 25.27 -8.21
CA LEU A 1343 30.85 25.89 -9.53
C LEU A 1343 32.21 25.86 -10.20
N GLU A 1344 33.26 26.23 -9.47
CA GLU A 1344 34.56 26.30 -10.10
C GLU A 1344 35.13 24.92 -10.40
N MET A 1345 34.76 23.91 -9.61
CA MET A 1345 35.06 22.54 -9.99
C MET A 1345 34.33 22.13 -11.25
N LYS A 1346 33.00 22.33 -11.28
CA LYS A 1346 32.23 21.94 -12.46
C LYS A 1346 32.78 22.60 -13.71
N ARG A 1347 33.14 23.89 -13.60
CA ARG A 1347 33.72 24.62 -14.71
C ARG A 1347 35.03 24.01 -15.14
N LEU A 1348 35.94 23.81 -14.20
CA LEU A 1348 37.24 23.28 -14.56
C LEU A 1348 37.11 21.89 -15.17
N PHE A 1349 36.15 21.10 -14.68
CA PHE A 1349 35.87 19.81 -15.28
C PHE A 1349 35.42 19.95 -16.73
N LEU A 1350 34.55 20.91 -17.01
CA LEU A 1350 34.19 21.09 -18.40
C LEU A 1350 35.29 21.75 -19.22
N GLU A 1351 36.38 22.16 -18.58
CA GLU A 1351 37.55 22.51 -19.36
C GLU A 1351 38.25 21.27 -19.90
N GLY A 1352 38.06 20.12 -19.26
CA GLY A 1352 38.58 18.84 -19.72
C GLY A 1352 40.08 18.66 -19.72
N LYS A 1353 40.82 19.53 -19.04
CA LYS A 1353 42.29 19.46 -19.14
C LYS A 1353 42.88 18.29 -18.36
N LEU A 1354 42.29 17.94 -17.22
CA LEU A 1354 42.81 16.86 -16.39
C LEU A 1354 42.59 15.48 -17.02
N THR A 1355 43.43 14.54 -16.63
CA THR A 1355 43.31 13.16 -17.08
C THR A 1355 41.96 12.58 -16.68
N SER A 1356 41.55 11.55 -17.42
CA SER A 1356 40.29 10.88 -17.11
C SER A 1356 40.24 10.39 -15.67
N GLU A 1357 41.36 9.89 -15.15
CA GLU A 1357 41.40 9.51 -13.74
C GLU A 1357 41.27 10.72 -12.83
N GLN A 1358 41.88 11.84 -13.23
CA GLN A 1358 41.73 13.07 -12.48
C GLN A 1358 40.31 13.60 -12.61
N GLN A 1359 39.72 13.46 -13.79
CA GLN A 1359 38.35 13.93 -13.95
C GLN A 1359 37.38 13.10 -13.12
N GLY A 1360 37.60 11.79 -13.05
CA GLY A 1360 36.85 10.96 -12.13
C GLY A 1360 37.00 11.36 -10.68
N ALA A 1361 38.23 11.67 -10.26
CA ALA A 1361 38.42 12.04 -8.86
C ALA A 1361 37.76 13.38 -8.56
N LEU A 1362 37.94 14.35 -9.45
CA LEU A 1362 37.34 15.64 -9.23
C LEU A 1362 35.81 15.53 -9.23
N SER A 1363 35.27 14.66 -10.09
CA SER A 1363 33.84 14.39 -10.09
C SER A 1363 33.36 13.86 -8.75
N GLY A 1364 34.07 12.87 -8.20
CA GLY A 1364 33.72 12.38 -6.88
C GLY A 1364 33.75 13.47 -5.84
N ARG A 1365 34.82 14.27 -5.85
CA ARG A 1365 34.89 15.38 -4.91
C ARG A 1365 33.74 16.35 -5.12
N ILE A 1366 33.28 16.50 -6.36
CA ILE A 1366 32.16 17.37 -6.65
C ILE A 1366 30.91 16.86 -5.97
N THR A 1367 30.66 15.56 -6.09
CA THR A 1367 29.43 15.02 -5.52
C THR A 1367 29.50 15.13 -4.00
N GLU A 1368 30.69 14.86 -3.45
CA GLU A 1368 30.91 14.93 -2.02
C GLU A 1368 30.59 16.33 -1.50
N THR A 1369 31.15 17.35 -2.14
CA THR A 1369 30.91 18.72 -1.74
C THR A 1369 29.45 19.09 -1.91
N SER A 1370 28.83 18.62 -2.99
CA SER A 1370 27.46 18.97 -3.27
C SER A 1370 26.53 18.45 -2.20
N ARG A 1371 26.65 17.17 -1.86
CA ARG A 1371 25.68 16.67 -0.90
C ARG A 1371 26.00 17.14 0.52
N ALA A 1372 27.27 17.39 0.85
CA ALA A 1372 27.56 18.04 2.12
C ALA A 1372 26.94 19.42 2.23
N GLU A 1373 26.85 20.14 1.12
CA GLU A 1373 26.27 21.48 1.21
C GLU A 1373 24.76 21.45 1.18
N TYR A 1374 24.18 20.60 0.34
CA TYR A 1374 22.74 20.49 0.31
C TYR A 1374 22.21 20.07 1.68
N ILE A 1375 22.92 19.15 2.35
CA ILE A 1375 22.56 18.79 3.71
C ILE A 1375 22.67 19.99 4.63
N ASP A 1376 23.81 20.68 4.61
CA ASP A 1376 24.03 21.74 5.59
C ASP A 1376 23.09 22.93 5.37
N LYS A 1377 22.69 23.19 4.12
CA LYS A 1377 21.92 24.38 3.81
C LYS A 1377 20.41 24.21 3.77
N VAL A 1378 19.86 23.02 3.49
CA VAL A 1378 18.44 23.06 3.13
C VAL A 1378 17.57 22.08 3.90
N LEU A 1379 17.98 20.80 3.92
CA LEU A 1379 17.23 19.81 4.67
C LEU A 1379 17.14 20.18 6.13
N ARG A 1380 18.21 20.73 6.69
CA ARG A 1380 18.16 21.05 8.11
C ARG A 1380 17.28 22.25 8.41
N GLN A 1381 16.74 22.93 7.39
CA GLN A 1381 15.96 24.14 7.62
C GLN A 1381 14.72 24.18 6.74
N THR A 1382 14.23 23.02 6.32
CA THR A 1382 12.96 22.97 5.59
C THR A 1382 11.74 23.40 6.41
N ALA A 1383 11.86 23.52 7.73
CA ALA A 1383 10.72 23.86 8.56
C ALA A 1383 10.29 25.33 8.47
N VAL A 1384 11.22 26.24 8.76
CA VAL A 1384 10.90 27.66 8.86
C VAL A 1384 10.33 28.27 7.58
N PHE A 1385 10.66 27.69 6.43
CA PHE A 1385 10.11 28.25 5.19
C PHE A 1385 8.58 28.15 5.15
N SER A 1386 8.02 27.04 5.63
CA SER A 1386 6.57 26.90 5.64
C SER A 1386 5.93 28.06 6.38
N GLU A 1387 6.56 28.50 7.47
CA GLU A 1387 5.96 29.53 8.30
C GLU A 1387 6.20 30.91 7.72
N ASP A 1388 7.35 31.11 7.08
CA ASP A 1388 7.58 32.36 6.37
C ASP A 1388 6.54 32.57 5.27
N PHE A 1389 6.30 31.56 4.44
CA PHE A 1389 5.25 31.69 3.44
C PHE A 1389 3.86 31.83 4.04
N HIS A 1390 3.59 31.12 5.15
CA HIS A 1390 2.30 31.27 5.78
C HIS A 1390 2.04 32.71 6.18
N ASP A 1391 2.89 33.24 7.05
CA ASP A 1391 2.65 34.54 7.66
C ASP A 1391 3.09 35.72 6.81
N ALA A 1392 3.74 35.47 5.67
CA ALA A 1392 3.74 36.48 4.62
C ALA A 1392 2.38 36.69 3.98
N GLY A 1393 1.47 35.73 4.09
CA GLY A 1393 0.10 35.99 3.69
C GLY A 1393 -0.39 35.09 2.58
N SER A 1394 0.28 33.96 2.41
CA SER A 1394 -0.02 33.04 1.33
C SER A 1394 -1.44 32.49 1.44
N VAL A 1395 -1.94 32.00 0.31
CA VAL A 1395 -3.36 31.68 0.16
C VAL A 1395 -3.58 30.23 -0.26
N PHE A 1396 -2.50 29.50 -0.55
CA PHE A 1396 -2.57 28.10 -0.93
C PHE A 1396 -1.14 27.58 -0.98
N ASP A 1397 -0.93 26.34 -0.56
CA ASP A 1397 0.40 25.75 -0.71
C ASP A 1397 0.37 24.24 -0.77
N ARG A 1398 1.44 23.70 -1.35
CA ARG A 1398 1.69 22.26 -1.48
C ARG A 1398 3.19 22.06 -1.37
N LEU A 1399 3.64 21.47 -0.26
CA LEU A 1399 5.03 21.04 -0.20
C LEU A 1399 5.29 19.94 -1.23
N VAL A 1400 6.54 19.83 -1.66
CA VAL A 1400 6.88 18.81 -2.66
C VAL A 1400 7.91 17.81 -2.16
N PRO A 1401 7.90 16.58 -2.67
CA PRO A 1401 8.75 15.52 -2.11
C PRO A 1401 10.23 15.84 -2.23
N GLN A 1402 10.92 15.90 -1.09
CA GLN A 1402 12.37 16.00 -1.06
C GLN A 1402 13.08 14.88 -1.80
N ASP A 1403 12.40 13.75 -2.05
CA ASP A 1403 13.07 12.49 -2.31
C ASP A 1403 13.21 12.12 -3.78
N PHE A 1404 12.44 12.71 -4.67
CA PHE A 1404 12.46 12.27 -6.07
C PHE A 1404 13.79 12.61 -6.74
N TYR A 1405 14.51 11.58 -7.21
CA TYR A 1405 15.79 11.78 -7.88
C TYR A 1405 15.81 11.11 -9.25
N LEU A 1406 16.52 11.74 -10.18
CA LEU A 1406 16.73 11.22 -11.52
C LEU A 1406 17.94 10.30 -11.66
N SER A 1407 18.82 10.23 -10.66
CA SER A 1407 19.93 9.29 -10.72
C SER A 1407 20.34 8.90 -9.31
N LEU A 1408 20.69 7.63 -9.14
CA LEU A 1408 21.17 7.18 -7.85
C LEU A 1408 22.58 7.66 -7.54
N VAL A 1409 23.31 8.25 -8.50
CA VAL A 1409 24.71 8.57 -8.28
C VAL A 1409 24.99 10.00 -8.73
N GLY A 1410 26.09 10.52 -8.21
CA GLY A 1410 26.39 11.93 -8.30
C GLY A 1410 25.58 12.76 -7.33
N ASP A 1411 25.53 14.06 -7.61
CA ASP A 1411 24.67 15.00 -6.91
C ASP A 1411 23.24 14.76 -7.38
N ARG A 1412 22.44 14.07 -6.58
CA ARG A 1412 21.06 13.82 -6.94
C ARG A 1412 20.25 15.11 -6.98
N SER A 1413 20.67 16.12 -6.22
CA SER A 1413 19.82 17.29 -5.97
C SER A 1413 19.66 18.18 -7.20
N GLY A 1414 20.74 18.48 -7.91
CA GLY A 1414 20.70 19.57 -8.85
C GLY A 1414 20.40 19.24 -10.31
N GLY A 1415 20.34 17.95 -10.63
CA GLY A 1415 20.12 17.56 -12.01
C GLY A 1415 18.67 17.61 -12.47
N ARG A 1416 17.73 17.49 -11.54
CA ARG A 1416 16.30 17.46 -11.84
C ARG A 1416 15.64 18.81 -12.12
N ALA A 1417 16.29 19.93 -11.79
CA ALA A 1417 15.58 21.21 -11.78
C ALA A 1417 15.19 21.66 -13.19
N TYR A 1418 16.11 21.57 -14.14
CA TYR A 1418 15.84 22.12 -15.47
C TYR A 1418 14.68 21.46 -16.20
N PRO A 1419 14.49 20.14 -16.14
CA PRO A 1419 13.27 19.57 -16.72
C PRO A 1419 12.03 19.83 -15.89
N LEU A 1420 12.17 19.81 -14.57
CA LEU A 1420 11.01 19.99 -13.71
C LEU A 1420 10.36 21.36 -13.89
N VAL A 1421 11.16 22.43 -13.94
CA VAL A 1421 10.53 23.73 -14.16
C VAL A 1421 9.80 23.81 -15.49
N ARG A 1422 10.31 23.12 -16.52
CA ARG A 1422 9.62 23.14 -17.80
C ARG A 1422 8.35 22.31 -17.78
N ALA A 1423 8.28 21.32 -16.90
CA ALA A 1423 7.01 20.60 -16.80
C ALA A 1423 6.01 21.40 -15.98
N MET A 1424 6.44 21.85 -14.80
CA MET A 1424 5.56 22.60 -13.91
C MET A 1424 4.92 23.79 -14.60
N THR A 1425 5.69 24.53 -15.39
CA THR A 1425 5.10 25.73 -15.98
C THR A 1425 4.02 25.40 -16.99
N VAL A 1426 4.09 24.24 -17.63
CA VAL A 1426 2.99 23.80 -18.47
C VAL A 1426 1.82 23.34 -17.61
N ALA A 1427 2.12 22.60 -16.54
CA ALA A 1427 1.06 22.13 -15.68
C ALA A 1427 0.24 23.32 -15.19
N LEU A 1428 0.92 24.32 -14.62
CA LEU A 1428 0.21 25.43 -14.04
C LEU A 1428 -0.58 26.18 -15.10
N ALA A 1429 0.03 26.41 -16.27
CA ALA A 1429 -0.67 27.17 -17.30
C ALA A 1429 -1.87 26.42 -17.85
N SER A 1430 -1.86 25.09 -17.81
CA SER A 1430 -2.93 24.36 -18.47
C SER A 1430 -4.01 23.87 -17.51
N GLY A 1431 -3.69 23.72 -16.23
CA GLY A 1431 -4.62 23.15 -15.29
C GLY A 1431 -4.64 23.72 -13.88
N GLY A 1432 -3.97 24.84 -13.63
CA GLY A 1432 -4.06 25.49 -12.35
C GLY A 1432 -3.70 24.63 -11.14
N GLU A 1433 -4.37 24.93 -10.03
CA GLU A 1433 -4.16 24.21 -8.78
C GLU A 1433 -4.51 22.73 -8.83
N ALA A 1434 -5.46 22.32 -9.68
CA ALA A 1434 -5.74 20.90 -9.79
C ALA A 1434 -4.64 20.16 -10.52
N GLY A 1435 -4.04 20.81 -11.53
CA GLY A 1435 -2.91 20.21 -12.20
C GLY A 1435 -1.73 20.10 -11.25
N ILE A 1436 -1.43 21.18 -10.54
CA ILE A 1436 -0.30 21.13 -9.62
C ILE A 1436 -0.48 20.02 -8.61
N ASN A 1437 -1.70 19.85 -8.10
CA ASN A 1437 -1.99 18.76 -7.19
C ASN A 1437 -1.74 17.41 -7.84
N SER A 1438 -2.26 17.21 -9.05
CA SER A 1438 -2.11 15.92 -9.71
C SER A 1438 -0.64 15.58 -9.96
N LEU A 1439 0.14 16.58 -10.35
CA LEU A 1439 1.54 16.33 -10.64
C LEU A 1439 2.31 16.01 -9.37
N VAL A 1440 2.02 16.72 -8.28
CA VAL A 1440 2.75 16.42 -7.07
C VAL A 1440 2.36 15.05 -6.53
N GLN A 1441 1.10 14.65 -6.72
CA GLN A 1441 0.71 13.29 -6.37
C GLN A 1441 1.52 12.28 -7.17
N LYS A 1442 1.67 12.53 -8.47
CA LYS A 1442 2.47 11.63 -9.29
C LYS A 1442 3.89 11.52 -8.78
N LEU A 1443 4.51 12.65 -8.45
CA LEU A 1443 5.87 12.60 -7.92
C LEU A 1443 5.95 11.83 -6.61
N PHE A 1444 4.96 11.99 -5.75
CA PHE A 1444 5.00 11.27 -4.48
C PHE A 1444 4.95 9.77 -4.70
N PHE A 1445 3.94 9.29 -5.43
CA PHE A 1445 3.91 7.86 -5.69
C PHE A 1445 5.20 7.41 -6.36
N ALA A 1446 5.65 8.15 -7.38
CA ALA A 1446 6.84 7.72 -8.11
C ALA A 1446 8.09 7.76 -7.26
N SER A 1447 8.04 8.36 -6.08
CA SER A 1447 9.15 8.25 -5.15
C SER A 1447 8.94 7.20 -4.08
N ALA A 1448 7.70 6.83 -3.79
CA ALA A 1448 7.47 5.74 -2.86
C ALA A 1448 7.73 4.36 -3.47
N ASP A 1449 7.73 4.26 -4.79
CA ASP A 1449 7.94 2.99 -5.50
C ASP A 1449 9.14 3.10 -6.42
N PRO A 1450 10.35 3.03 -5.88
CA PRO A 1450 11.53 3.49 -6.62
C PRO A 1450 11.80 2.68 -7.87
N GLN A 1451 11.31 1.44 -7.93
CA GLN A 1451 11.61 0.57 -9.06
C GLN A 1451 10.32 0.05 -9.70
N ALA A 1452 9.16 0.56 -9.32
CA ALA A 1452 7.95 0.26 -10.05
C ALA A 1452 8.03 0.80 -11.48
N GLY A 1453 7.26 0.17 -12.36
CA GLY A 1453 7.28 0.51 -13.77
C GLY A 1453 7.04 1.98 -14.06
N SER A 1454 6.04 2.57 -13.39
CA SER A 1454 5.74 3.97 -13.60
C SER A 1454 6.90 4.87 -13.22
N SER A 1455 7.55 4.60 -12.08
CA SER A 1455 8.65 5.46 -11.66
C SER A 1455 9.84 5.34 -12.60
N THR A 1456 10.02 4.16 -13.19
CA THR A 1456 10.99 3.96 -14.25
C THR A 1456 10.64 4.82 -15.46
N LEU A 1457 9.39 4.75 -15.90
CA LEU A 1457 8.97 5.49 -17.07
C LEU A 1457 9.11 6.99 -16.83
N LEU A 1458 8.76 7.45 -15.64
CA LEU A 1458 8.92 8.86 -15.35
C LEU A 1458 10.39 9.27 -15.39
N ARG A 1459 11.28 8.47 -14.79
CA ARG A 1459 12.70 8.80 -14.88
C ARG A 1459 13.17 8.86 -16.33
N ASN A 1460 12.74 7.90 -17.16
CA ASN A 1460 13.10 7.91 -18.56
C ASN A 1460 12.34 8.93 -19.39
N SER A 1461 11.38 9.64 -18.82
CA SER A 1461 10.67 10.65 -19.58
C SER A 1461 10.87 12.08 -19.10
N LEU A 1462 11.47 12.29 -17.93
CA LEU A 1462 12.01 13.61 -17.63
C LEU A 1462 13.38 13.82 -18.24
N ILE A 1463 14.25 12.81 -18.19
CA ILE A 1463 15.34 12.76 -19.13
C ILE A 1463 14.78 12.81 -20.55
N LYS A 1464 15.57 13.34 -21.48
CA LYS A 1464 15.20 13.86 -22.80
C LYS A 1464 14.55 15.24 -22.72
N LEU A 1465 14.56 15.89 -21.56
CA LEU A 1465 14.31 17.32 -21.49
C LEU A 1465 15.54 18.12 -21.10
N HIS A 1466 16.70 17.48 -21.01
CA HIS A 1466 17.91 18.20 -20.64
C HIS A 1466 18.50 19.00 -21.80
N SER A 1467 18.32 18.55 -23.05
CA SER A 1467 19.04 19.19 -24.15
C SER A 1467 18.22 19.19 -25.43
N ASN A 1468 16.90 19.19 -25.33
CA ASN A 1468 16.05 19.14 -26.51
C ASN A 1468 16.01 20.53 -27.16
N VAL A 1469 16.47 20.60 -28.41
CA VAL A 1469 16.67 21.88 -29.08
C VAL A 1469 15.34 22.59 -29.29
N GLU A 1470 14.23 21.85 -29.28
CA GLU A 1470 12.92 22.48 -29.33
C GLU A 1470 12.69 23.37 -28.13
N ALA A 1471 13.30 23.03 -26.99
CA ALA A 1471 13.17 23.95 -25.87
C ALA A 1471 13.93 25.23 -26.15
N VAL A 1472 15.04 25.16 -26.88
CA VAL A 1472 15.66 26.40 -27.28
C VAL A 1472 14.83 27.10 -28.34
N GLN A 1473 14.00 26.36 -29.09
CA GLN A 1473 13.02 26.98 -29.96
C GLN A 1473 11.90 27.68 -29.20
N ALA A 1474 11.70 27.31 -27.94
CA ALA A 1474 10.58 27.82 -27.14
C ALA A 1474 11.02 28.89 -26.16
N SER A 1475 12.06 29.65 -26.49
CA SER A 1475 12.71 30.50 -25.52
C SER A 1475 13.06 31.86 -26.12
N THR A 1476 13.33 32.80 -25.22
CA THR A 1476 13.84 34.12 -25.60
C THR A 1476 14.50 34.67 -24.34
N GLU A 1477 15.82 34.62 -24.31
CA GLU A 1477 16.62 35.04 -23.17
C GLU A 1477 16.71 36.55 -23.04
N LEU A 1478 15.82 37.13 -22.24
CA LEU A 1478 16.01 38.53 -21.90
C LEU A 1478 17.24 38.66 -21.01
N GLY A 1479 17.62 39.89 -20.71
CA GLY A 1479 18.84 40.13 -19.97
C GLY A 1479 18.80 39.60 -18.54
N GLN A 1480 19.87 39.87 -17.82
CA GLN A 1480 19.83 39.70 -16.37
C GLN A 1480 18.99 40.80 -15.76
N PHE A 1481 18.36 40.50 -14.63
CA PHE A 1481 17.57 41.52 -13.94
C PHE A 1481 17.63 41.35 -12.43
N GLY A 1482 17.63 42.48 -11.74
CA GLY A 1482 17.34 42.48 -10.32
C GLY A 1482 15.88 42.25 -9.99
N LEU A 1483 15.67 41.67 -8.79
CA LEU A 1483 14.37 41.16 -8.37
C LEU A 1483 13.27 42.20 -8.46
N SER A 1484 13.54 43.43 -8.00
CA SER A 1484 12.53 44.48 -8.09
C SER A 1484 12.04 44.62 -9.52
N GLU A 1485 12.96 44.52 -10.47
CA GLU A 1485 12.60 44.66 -11.87
C GLU A 1485 11.76 43.48 -12.32
N VAL A 1486 12.08 42.29 -11.82
CA VAL A 1486 11.29 41.11 -12.11
C VAL A 1486 9.86 41.29 -11.64
N VAL A 1487 9.71 41.77 -10.41
CA VAL A 1487 8.38 42.02 -9.86
C VAL A 1487 7.62 43.02 -10.72
N SER A 1488 8.27 44.15 -11.04
CA SER A 1488 7.62 45.15 -11.87
C SER A 1488 7.25 44.61 -13.24
N ARG A 1489 8.04 43.68 -13.77
CA ARG A 1489 7.71 43.09 -15.06
C ARG A 1489 6.50 42.18 -14.95
N LEU A 1490 6.45 41.35 -13.90
CA LEU A 1490 5.26 40.52 -13.70
C LEU A 1490 4.03 41.39 -13.53
N ALA A 1491 4.16 42.44 -12.74
CA ALA A 1491 3.05 43.37 -12.57
C ALA A 1491 2.63 43.95 -13.91
N ALA A 1492 3.60 44.10 -14.82
CA ALA A 1492 3.31 44.63 -16.14
C ALA A 1492 2.68 43.61 -17.08
N THR A 1493 2.79 42.32 -16.80
CA THR A 1493 2.30 41.34 -17.77
C THR A 1493 0.78 41.32 -17.84
N THR A 1494 0.27 40.98 -19.02
CA THR A 1494 -1.13 40.76 -19.28
C THR A 1494 -1.32 39.36 -19.84
N GLY A 1495 -2.39 38.69 -19.44
CA GLY A 1495 -2.56 37.28 -19.74
C GLY A 1495 -1.54 36.41 -19.06
N THR A 1496 -1.75 35.09 -19.08
CA THR A 1496 -0.78 34.19 -18.49
C THR A 1496 0.60 34.40 -19.08
N SER A 1497 1.61 34.39 -18.22
CA SER A 1497 2.99 34.48 -18.65
C SER A 1497 3.86 33.77 -17.63
N MET A 1498 4.96 33.19 -18.07
CA MET A 1498 5.83 32.47 -17.16
C MET A 1498 7.28 32.88 -17.41
N PHE A 1499 8.10 32.78 -16.38
CA PHE A 1499 9.52 33.05 -16.48
C PHE A 1499 10.30 32.06 -15.62
N ALA A 1500 11.37 31.52 -16.17
CA ALA A 1500 12.43 30.92 -15.37
C ALA A 1500 13.42 31.99 -14.93
N LEU A 1501 14.08 31.73 -13.80
CA LEU A 1501 15.22 32.56 -13.43
C LEU A 1501 16.54 31.98 -13.90
N ASN A 1502 16.62 30.66 -14.05
CA ASN A 1502 17.80 29.98 -14.54
C ASN A 1502 19.08 30.62 -14.02
N THR A 1503 19.12 30.77 -12.69
CA THR A 1503 20.30 31.20 -11.96
C THR A 1503 21.50 30.35 -12.32
N GLN A 1504 22.69 30.86 -12.06
CA GLN A 1504 23.92 30.29 -12.61
C GLN A 1504 24.04 28.81 -12.32
N ASN A 1505 23.40 28.33 -11.26
CA ASN A 1505 23.44 26.90 -10.97
C ASN A 1505 22.05 26.33 -10.69
N HIS A 1506 20.97 27.07 -10.95
CA HIS A 1506 19.66 26.56 -10.55
C HIS A 1506 18.58 27.37 -11.26
N SER A 1507 17.34 26.85 -11.18
CA SER A 1507 16.20 27.44 -11.90
C SER A 1507 14.92 27.45 -11.08
N MET A 1508 14.66 28.50 -10.31
CA MET A 1508 13.27 28.72 -9.92
C MET A 1508 12.40 29.04 -11.14
N MET A 1509 11.08 28.96 -10.94
CA MET A 1509 10.11 29.45 -11.92
C MET A 1509 9.11 30.35 -11.21
N VAL A 1510 8.61 31.35 -11.94
CA VAL A 1510 7.66 32.33 -11.42
C VAL A 1510 6.77 32.80 -12.55
N GLY A 1511 5.55 33.20 -12.20
CA GLY A 1511 4.60 33.62 -13.21
C GLY A 1511 3.29 34.02 -12.58
N SER A 1512 2.37 34.47 -13.45
CA SER A 1512 1.11 35.07 -13.03
C SER A 1512 -0.05 34.54 -13.86
N THR A 1513 -1.18 34.34 -13.20
CA THR A 1513 -2.45 34.18 -13.90
C THR A 1513 -3.44 35.23 -13.41
N VAL A 1514 -4.29 35.66 -14.34
CA VAL A 1514 -5.10 36.88 -14.21
C VAL A 1514 -6.47 36.60 -14.80
N THR A 1515 -6.75 35.32 -15.07
CA THR A 1515 -7.89 34.99 -15.93
C THR A 1515 -9.20 35.25 -15.21
N THR A 1516 -9.29 34.90 -13.93
CA THR A 1516 -10.50 35.10 -13.15
C THR A 1516 -10.07 35.00 -11.69
N GLU A 1517 -10.95 35.42 -10.79
CA GLU A 1517 -10.64 35.47 -9.36
C GLU A 1517 -9.54 36.48 -9.08
N GLY A 1518 -9.54 37.58 -9.84
CA GLY A 1518 -8.47 38.54 -9.77
C GLY A 1518 -7.18 38.04 -10.41
N ARG A 1519 -6.08 38.59 -9.93
CA ARG A 1519 -4.74 38.15 -10.32
C ARG A 1519 -4.13 37.34 -9.18
N ARG A 1520 -3.78 36.09 -9.49
CA ARG A 1520 -3.06 35.23 -8.56
C ARG A 1520 -1.63 35.17 -9.04
N TYR A 1521 -0.70 35.38 -8.12
CA TYR A 1521 0.72 35.34 -8.42
C TYR A 1521 1.34 34.08 -7.84
N TYR A 1522 2.13 33.37 -8.65
CA TYR A 1522 2.67 32.10 -8.23
C TYR A 1522 4.19 32.17 -8.11
N PHE A 1523 4.73 31.41 -7.18
CA PHE A 1523 6.17 31.27 -7.03
C PHE A 1523 6.47 29.81 -6.73
N TYR A 1524 7.60 29.31 -7.21
CA TYR A 1524 7.85 27.88 -7.11
C TYR A 1524 9.34 27.60 -7.03
N ASP A 1525 9.78 27.06 -5.91
CA ASP A 1525 11.16 26.62 -5.78
C ASP A 1525 11.15 25.10 -5.62
N PRO A 1526 11.65 24.33 -6.58
CA PRO A 1526 11.55 22.87 -6.50
C PRO A 1526 12.20 22.27 -5.28
N ASN A 1527 12.99 23.03 -4.54
CA ASN A 1527 13.55 22.53 -3.29
C ASN A 1527 12.61 22.69 -2.10
N VAL A 1528 11.51 23.42 -2.23
CA VAL A 1528 10.66 23.72 -1.09
C VAL A 1528 9.21 23.37 -1.40
N GLY A 1529 8.56 24.16 -2.23
CA GLY A 1529 7.15 23.96 -2.51
C GLY A 1529 6.61 25.09 -3.36
N ILE A 1530 5.32 24.98 -3.67
CA ILE A 1530 4.62 25.96 -4.48
C ILE A 1530 3.69 26.79 -3.61
N PHE A 1531 3.72 28.11 -3.81
CA PHE A 1531 2.95 29.06 -3.03
C PHE A 1531 2.26 30.05 -3.96
N ALA A 1532 1.17 30.66 -3.47
CA ALA A 1532 0.44 31.60 -4.31
C ALA A 1532 0.03 32.81 -3.47
N PHE A 1533 -0.23 33.92 -4.16
CA PHE A 1533 -0.45 35.19 -3.49
C PHE A 1533 -1.45 36.04 -4.27
N ASP A 1534 -2.16 36.90 -3.54
CA ASP A 1534 -3.12 37.81 -4.14
C ASP A 1534 -2.53 39.13 -4.58
N ASN A 1535 -1.37 39.54 -4.06
CA ASN A 1535 -0.90 40.87 -4.40
C ASN A 1535 0.61 40.91 -4.49
N THR A 1536 1.08 41.72 -5.44
CA THR A 1536 2.50 41.77 -5.75
C THR A 1536 3.34 42.34 -4.63
N LYS A 1537 2.79 43.25 -3.82
CA LYS A 1537 3.51 43.70 -2.63
C LYS A 1537 3.85 42.54 -1.71
N SER A 1538 2.85 41.74 -1.37
CA SER A 1538 3.05 40.56 -0.54
C SER A 1538 4.00 39.57 -1.20
N LEU A 1539 3.77 39.33 -2.49
CA LEU A 1539 4.62 38.43 -3.26
C LEU A 1539 6.09 38.84 -3.20
N SER A 1540 6.39 40.10 -3.51
CA SER A 1540 7.76 40.58 -3.45
C SER A 1540 8.34 40.52 -2.04
N ARG A 1541 7.54 40.88 -1.04
CA ARG A 1541 8.04 40.81 0.34
C ARG A 1541 8.40 39.38 0.74
N ALA A 1542 7.62 38.42 0.24
CA ALA A 1542 7.90 37.01 0.50
C ALA A 1542 9.13 36.57 -0.27
N MET A 1543 9.16 36.83 -1.56
CA MET A 1543 10.23 36.30 -2.38
C MET A 1543 11.57 36.92 -1.99
N GLU A 1544 11.57 38.18 -1.58
CA GLU A 1544 12.79 38.77 -1.04
C GLU A 1544 13.20 38.11 0.26
N GLN A 1545 12.25 37.98 1.21
CA GLN A 1545 12.59 37.31 2.46
C GLN A 1545 13.20 35.94 2.22
N HIS A 1546 12.60 35.18 1.32
CA HIS A 1546 13.04 33.84 1.01
C HIS A 1546 14.42 33.81 0.34
N LEU A 1547 14.61 34.59 -0.71
CA LEU A 1547 15.81 34.46 -1.53
C LEU A 1547 17.02 35.17 -0.96
N VAL A 1548 16.87 36.37 -0.39
CA VAL A 1548 18.02 37.05 0.20
C VAL A 1548 18.03 36.95 1.71
N GLY A 1549 16.87 37.03 2.37
CA GLY A 1549 16.87 36.99 3.82
C GLY A 1549 17.51 35.75 4.39
N ARG A 1550 17.43 34.62 3.65
CA ARG A 1550 18.10 33.40 4.08
C ARG A 1550 19.24 32.96 3.17
N ARG A 1551 19.74 33.86 2.31
CA ARG A 1551 20.98 33.66 1.55
C ARG A 1551 20.96 32.54 0.52
N LEU A 1552 19.82 31.90 0.27
CA LEU A 1552 19.77 30.83 -0.73
C LEU A 1552 20.23 31.27 -2.11
N ALA A 1553 20.00 32.53 -2.48
CA ALA A 1553 20.55 33.08 -3.71
C ALA A 1553 22.06 32.94 -3.80
N VAL A 1554 22.76 32.91 -2.67
CA VAL A 1554 24.20 32.73 -2.76
C VAL A 1554 24.59 31.27 -2.92
N HIS A 1555 23.84 30.37 -2.28
CA HIS A 1555 24.10 28.96 -2.54
C HIS A 1555 23.77 28.60 -3.98
N TYR A 1556 22.69 29.16 -4.51
CA TYR A 1556 22.41 29.04 -5.94
C TYR A 1556 23.31 29.85 -6.81
N GLY A 1557 24.33 30.56 -6.34
CA GLY A 1557 25.28 31.16 -7.25
C GLY A 1557 24.71 32.29 -8.09
N SER A 1558 23.72 33.01 -7.57
CA SER A 1558 23.13 34.13 -8.32
C SER A 1558 24.17 35.18 -8.65
N PHE A 1559 23.82 36.04 -9.61
CA PHE A 1559 24.75 36.98 -10.19
C PHE A 1559 24.80 38.27 -9.39
N GLY A 1560 25.94 38.94 -9.47
CA GLY A 1560 26.12 40.24 -8.84
C GLY A 1560 26.34 40.16 -7.35
N SER A 1561 26.03 41.27 -6.68
CA SER A 1561 26.26 41.41 -5.26
C SER A 1561 25.46 40.37 -4.48
N LYS A 1562 25.91 40.10 -3.25
CA LYS A 1562 25.17 39.20 -2.38
C LYS A 1562 23.81 39.79 -2.06
N SER A 1563 23.80 41.00 -1.51
CA SER A 1563 22.57 41.78 -1.45
C SER A 1563 22.16 42.21 -2.85
N ALA A 1564 20.86 42.35 -3.06
CA ALA A 1564 20.31 42.67 -4.37
C ALA A 1564 20.86 41.75 -5.46
N PRO A 1565 20.67 40.44 -5.33
CA PRO A 1565 21.22 39.51 -6.32
C PRO A 1565 20.64 39.76 -7.70
N ALA A 1566 21.41 39.41 -8.73
CA ALA A 1566 20.99 39.52 -10.11
C ALA A 1566 20.72 38.13 -10.64
N PHE A 1567 19.63 37.99 -11.39
CA PHE A 1567 19.27 36.71 -11.98
C PHE A 1567 19.21 36.84 -13.49
N ASN A 1568 19.48 35.74 -14.18
CA ASN A 1568 19.00 35.62 -15.54
C ASN A 1568 17.48 35.57 -15.56
N LEU A 1569 16.90 35.61 -16.75
CA LEU A 1569 15.55 35.09 -16.91
C LEU A 1569 15.33 34.69 -18.36
N ILE A 1570 14.39 33.78 -18.55
CA ILE A 1570 14.18 33.10 -19.82
C ILE A 1570 12.67 32.99 -20.03
N GLU A 1571 12.15 33.70 -21.02
CA GLU A 1571 10.71 33.89 -21.16
C GLU A 1571 10.08 32.69 -21.87
N ILE A 1572 9.93 31.61 -21.09
CA ILE A 1572 9.40 30.35 -21.61
C ILE A 1572 8.07 30.59 -22.31
N ASP A 1573 7.91 30.03 -23.50
CA ASP A 1573 6.65 30.10 -24.22
C ASP A 1573 5.88 28.80 -24.00
N THR A 1574 5.00 28.80 -23.00
CA THR A 1574 4.16 27.65 -22.69
C THR A 1574 3.25 27.23 -23.83
N GLY A 1575 3.04 28.10 -24.83
CA GLY A 1575 2.27 27.71 -26.00
C GLY A 1575 2.90 26.64 -26.87
N LYS A 1576 4.22 26.58 -26.90
CA LYS A 1576 4.92 25.61 -27.73
C LYS A 1576 5.55 24.48 -26.95
N MET A 1577 6.08 24.78 -25.77
CA MET A 1577 6.73 23.77 -24.94
C MET A 1577 5.84 22.56 -24.70
N ALA A 1578 4.54 22.78 -24.58
CA ALA A 1578 3.62 21.68 -24.30
C ALA A 1578 3.71 20.56 -25.34
N GLU A 1579 4.06 20.89 -26.58
CA GLU A 1579 3.93 19.92 -27.67
C GLU A 1579 5.24 19.24 -28.03
N VAL A 1580 6.29 19.46 -27.26
CA VAL A 1580 7.57 18.80 -27.53
C VAL A 1580 7.46 17.30 -27.28
N PRO A 1581 7.99 16.45 -28.16
CA PRO A 1581 7.96 15.01 -27.92
C PRO A 1581 9.00 14.62 -26.87
N VAL A 1582 8.60 13.74 -25.96
CA VAL A 1582 9.53 13.18 -24.98
C VAL A 1582 9.75 11.71 -25.27
N GLY A 1583 9.59 11.32 -26.52
CA GLY A 1583 9.76 9.94 -26.94
C GLY A 1583 8.61 9.04 -26.55
N ASN A 1584 8.53 7.89 -27.23
CA ASN A 1584 7.41 6.96 -27.09
C ASN A 1584 6.10 7.67 -27.36
N GLY A 1585 6.16 8.74 -28.15
CA GLY A 1585 4.96 9.41 -28.59
C GLY A 1585 4.28 10.25 -27.55
N LEU A 1586 4.90 10.45 -26.39
CA LEU A 1586 4.32 11.27 -25.34
C LEU A 1586 4.70 12.73 -25.51
N ASN A 1587 3.70 13.60 -25.54
CA ASN A 1587 3.91 15.02 -25.34
C ASN A 1587 3.89 15.35 -23.85
N VAL A 1588 4.52 16.47 -23.49
CA VAL A 1588 4.57 16.85 -22.09
C VAL A 1588 3.16 17.04 -21.57
N ALA A 1589 2.25 17.49 -22.44
CA ALA A 1589 0.83 17.54 -22.10
C ALA A 1589 0.33 16.20 -21.61
N ASP A 1590 0.87 15.10 -22.15
CA ASP A 1590 0.35 13.78 -21.83
C ASP A 1590 0.68 13.36 -20.41
N LEU A 1591 1.85 13.75 -19.90
CA LEU A 1591 2.14 13.52 -18.49
C LEU A 1591 1.44 14.49 -17.55
N THR A 1592 0.48 15.28 -18.03
CA THR A 1592 0.03 16.47 -17.33
C THR A 1592 -1.48 16.42 -17.19
N ARG A 1593 -1.96 15.28 -16.73
CA ARG A 1593 -3.33 14.88 -16.97
C ARG A 1593 -3.80 14.04 -15.79
N PHE A 1594 -5.12 13.87 -15.67
CA PHE A 1594 -5.67 13.24 -14.47
C PHE A 1594 -5.29 11.77 -14.37
N GLU A 1595 -4.88 11.14 -15.46
CA GLU A 1595 -4.57 9.72 -15.38
C GLU A 1595 -3.11 9.52 -15.03
N GLU A 1596 -2.79 8.28 -14.67
CA GLU A 1596 -1.42 7.81 -14.55
C GLU A 1596 -0.82 7.51 -15.91
N LEU A 1597 0.51 7.47 -15.96
CA LEU A 1597 1.19 7.24 -17.23
C LEU A 1597 0.85 5.86 -17.78
N SER A 1598 0.92 4.82 -16.94
CA SER A 1598 0.50 3.50 -17.37
C SER A 1598 -0.97 3.44 -17.78
N SER A 1599 -1.79 4.40 -17.33
CA SER A 1599 -3.15 4.50 -17.85
C SER A 1599 -3.13 4.99 -19.29
N VAL A 1600 -2.47 6.12 -19.54
CA VAL A 1600 -2.50 6.71 -20.88
C VAL A 1600 -1.90 5.73 -21.88
N ILE A 1601 -0.78 5.12 -21.50
CA ILE A 1601 -0.15 4.12 -22.36
C ILE A 1601 -1.08 2.92 -22.57
N GLY A 1602 -1.80 2.51 -21.54
CA GLY A 1602 -2.82 1.49 -21.74
C GLY A 1602 -3.82 1.90 -22.82
N GLN A 1603 -4.40 3.08 -22.65
CA GLN A 1603 -5.38 3.58 -23.62
C GLN A 1603 -4.79 3.63 -25.03
N ARG A 1604 -3.53 4.06 -25.15
CA ARG A 1604 -2.88 4.09 -26.44
C ARG A 1604 -2.75 2.70 -27.03
N ARG A 1605 -2.12 1.79 -26.30
CA ARG A 1605 -1.96 0.43 -26.77
C ARG A 1605 -3.29 -0.20 -27.19
N GLN A 1606 -4.32 -0.03 -26.35
CA GLN A 1606 -5.65 -0.62 -26.50
C GLN A 1606 -6.52 0.05 -27.56
N VAL A 1607 -6.14 1.22 -28.06
CA VAL A 1607 -6.91 1.90 -29.09
C VAL A 1607 -6.11 2.11 -30.37
N GLU A 1608 -4.80 1.92 -30.31
CA GLU A 1608 -3.90 2.02 -31.44
C GLU A 1608 -3.60 0.64 -32.02
N GLN A 1609 -3.02 -0.27 -31.21
CA GLN A 1609 -2.65 -1.56 -31.79
C GLN A 1609 -3.86 -2.48 -31.93
N VAL A 1610 -4.64 -2.61 -30.87
CA VAL A 1610 -6.05 -2.98 -30.98
C VAL A 1610 -6.83 -1.76 -31.45
N MET A 1611 -7.79 -1.98 -32.35
CA MET A 1611 -8.52 -0.88 -33.00
C MET A 1611 -7.57 0.12 -33.66
N MET B 21 -36.31 5.73 -20.19
CA MET B 21 -36.12 5.47 -21.61
C MET B 21 -35.03 6.37 -22.17
N ARG B 22 -33.99 5.76 -22.73
CA ARG B 22 -32.87 6.52 -23.29
C ARG B 22 -33.12 6.78 -24.77
N ILE B 23 -33.04 8.06 -25.14
CA ILE B 23 -33.35 8.50 -26.51
C ILE B 23 -32.06 9.00 -27.13
N LEU B 24 -31.72 8.44 -28.29
CA LEU B 24 -30.65 8.97 -29.12
C LEU B 24 -31.25 9.88 -30.18
N MET B 25 -30.86 11.15 -30.17
CA MET B 25 -31.31 12.11 -31.17
C MET B 25 -30.12 12.41 -32.08
N VAL B 26 -30.23 11.98 -33.34
CA VAL B 26 -29.15 12.10 -34.31
C VAL B 26 -29.71 12.64 -35.62
N GLY B 27 -28.80 12.95 -36.53
CA GLY B 27 -29.11 13.64 -37.76
C GLY B 27 -27.93 14.44 -38.22
N LEU B 28 -28.01 14.93 -39.45
CA LEU B 28 -26.88 15.66 -40.01
C LEU B 28 -26.71 16.99 -39.29
N ASP B 29 -25.50 17.54 -39.37
CA ASP B 29 -25.25 18.87 -38.84
C ASP B 29 -26.18 19.90 -39.46
N ALA B 30 -26.57 20.88 -38.63
CA ALA B 30 -27.36 22.07 -39.01
C ALA B 30 -28.84 21.69 -39.14
N ALA B 31 -29.19 20.45 -38.80
CA ALA B 31 -30.57 20.00 -38.92
C ALA B 31 -31.51 20.73 -37.98
N GLY B 32 -31.04 21.16 -36.81
CA GLY B 32 -31.91 21.75 -35.83
C GLY B 32 -32.05 20.94 -34.56
N LYS B 33 -31.19 19.94 -34.35
CA LYS B 33 -31.37 19.01 -33.25
C LYS B 33 -31.35 19.73 -31.91
N THR B 34 -30.40 20.63 -31.71
CA THR B 34 -30.31 21.35 -30.44
C THR B 34 -31.51 22.26 -30.26
N THR B 35 -31.95 22.90 -31.35
CA THR B 35 -33.13 23.75 -31.30
C THR B 35 -34.33 22.95 -30.82
N ILE B 36 -34.55 21.79 -31.45
CA ILE B 36 -35.65 20.91 -31.04
C ILE B 36 -35.51 20.54 -29.57
N LEU B 37 -34.29 20.13 -29.17
CA LEU B 37 -34.06 19.70 -27.79
C LEU B 37 -34.48 20.76 -26.80
N TYR B 38 -34.12 22.01 -27.06
CA TYR B 38 -34.41 23.06 -26.08
C TYR B 38 -35.81 23.65 -26.23
N LYS B 39 -36.39 23.61 -27.42
CA LYS B 39 -37.82 23.89 -27.53
C LYS B 39 -38.62 22.92 -26.66
N LEU B 40 -38.32 21.62 -26.75
CA LEU B 40 -39.01 20.63 -25.93
C LEU B 40 -38.71 20.80 -24.45
N LYS B 41 -37.43 20.92 -24.08
CA LYS B 41 -37.08 20.95 -22.67
C LYS B 41 -37.44 22.27 -22.01
N LEU B 42 -37.08 23.39 -22.64
CA LEU B 42 -37.23 24.70 -22.04
C LEU B 42 -38.40 25.51 -22.60
N GLY B 43 -39.04 25.04 -23.67
CA GLY B 43 -40.08 25.84 -24.28
C GLY B 43 -39.60 27.11 -24.96
N GLU B 44 -38.34 27.16 -25.38
CA GLU B 44 -37.77 28.38 -25.93
C GLU B 44 -36.99 28.04 -27.19
N ILE B 45 -36.73 29.07 -28.00
CA ILE B 45 -35.79 28.95 -29.11
C ILE B 45 -34.41 29.42 -28.65
N VAL B 46 -33.43 28.53 -28.73
CA VAL B 46 -32.01 28.87 -28.74
C VAL B 46 -31.35 28.09 -29.87
N THR B 47 -30.49 28.76 -30.64
CA THR B 47 -30.09 28.23 -31.94
C THR B 47 -28.62 28.46 -32.28
N THR B 48 -27.97 29.48 -31.75
CA THR B 48 -26.58 29.73 -32.09
C THR B 48 -25.63 28.84 -31.32
N ILE B 49 -26.09 28.24 -30.22
CA ILE B 49 -25.23 27.39 -29.38
C ILE B 49 -24.78 26.16 -30.17
N PRO B 50 -23.51 25.78 -30.08
CA PRO B 50 -23.02 24.59 -30.80
C PRO B 50 -23.44 23.31 -30.12
N THR B 51 -23.15 22.20 -30.82
CA THR B 51 -23.62 20.87 -30.43
C THR B 51 -22.56 19.80 -30.67
N ILE B 52 -21.49 20.13 -31.38
CA ILE B 52 -20.56 19.19 -32.00
C ILE B 52 -19.99 18.25 -30.94
N GLY B 53 -20.15 16.94 -31.15
CA GLY B 53 -20.19 16.00 -30.06
C GLY B 53 -21.60 15.66 -29.64
N PHE B 54 -22.05 16.12 -28.48
CA PHE B 54 -23.28 15.58 -27.94
C PHE B 54 -23.99 16.65 -27.12
N ASN B 55 -25.31 16.51 -27.07
CA ASN B 55 -26.11 17.01 -25.96
C ASN B 55 -26.90 15.86 -25.34
N VAL B 56 -27.23 16.00 -24.07
CA VAL B 56 -28.15 15.09 -23.41
C VAL B 56 -28.99 15.91 -22.42
N GLU B 57 -30.24 15.51 -22.28
CA GLU B 57 -31.16 16.07 -21.30
C GLU B 57 -32.03 14.97 -20.72
N THR B 58 -32.50 15.16 -19.50
CA THR B 58 -33.54 14.30 -18.95
C THR B 58 -34.85 15.07 -19.02
N VAL B 59 -35.84 14.47 -19.67
CA VAL B 59 -37.13 15.11 -19.93
C VAL B 59 -38.22 14.23 -19.36
N GLU B 60 -38.89 14.71 -18.31
CA GLU B 60 -39.99 13.97 -17.75
C GLU B 60 -41.24 14.22 -18.60
N TYR B 61 -41.89 13.13 -19.01
CA TYR B 61 -43.12 13.24 -19.78
C TYR B 61 -43.99 12.04 -19.44
N LYS B 62 -45.15 12.34 -18.84
CA LYS B 62 -46.07 11.38 -18.26
C LYS B 62 -45.28 10.46 -17.32
N ASN B 63 -45.44 9.15 -17.44
CA ASN B 63 -44.78 8.21 -16.54
C ASN B 63 -43.28 8.07 -16.78
N ILE B 64 -42.75 8.65 -17.86
CA ILE B 64 -41.45 8.26 -18.40
C ILE B 64 -40.45 9.38 -18.19
N SER B 65 -39.26 9.02 -17.73
CA SER B 65 -38.09 9.88 -17.78
C SER B 65 -37.39 9.59 -19.10
N PHE B 66 -37.61 10.45 -20.09
CA PHE B 66 -36.88 10.37 -21.35
C PHE B 66 -35.53 11.05 -21.18
N THR B 67 -34.44 10.30 -21.36
CA THR B 67 -33.12 10.90 -21.56
C THR B 67 -32.78 10.96 -23.05
N VAL B 68 -32.71 12.17 -23.59
CA VAL B 68 -32.54 12.36 -25.03
C VAL B 68 -31.09 12.74 -25.31
N TRP B 69 -30.37 11.88 -26.02
CA TRP B 69 -28.99 12.18 -26.40
C TRP B 69 -28.95 12.86 -27.77
N ASP B 70 -28.64 14.14 -27.77
CA ASP B 70 -28.50 14.91 -29.01
C ASP B 70 -27.04 14.92 -29.40
N VAL B 71 -26.67 14.04 -30.32
CA VAL B 71 -25.28 13.81 -30.71
C VAL B 71 -25.00 14.48 -32.05
N GLY B 72 -23.86 15.16 -32.13
CA GLY B 72 -23.40 15.84 -33.32
C GLY B 72 -23.35 14.95 -34.54
N GLY B 73 -23.75 15.47 -35.68
CA GLY B 73 -23.88 14.69 -36.91
C GLY B 73 -22.86 14.93 -38.00
N LEU B 74 -21.86 15.78 -37.73
CA LEU B 74 -20.71 15.87 -38.61
C LEU B 74 -20.17 14.49 -38.98
N ASP B 75 -19.92 14.31 -40.29
CA ASP B 75 -19.53 13.00 -40.83
C ASP B 75 -18.29 12.43 -40.17
N LYS B 76 -17.29 13.27 -39.92
CA LYS B 76 -16.04 12.78 -39.33
C LYS B 76 -16.20 12.24 -37.90
N ILE B 77 -17.28 12.56 -37.19
CA ILE B 77 -17.54 11.92 -35.91
C ILE B 77 -18.74 10.98 -35.99
N ARG B 78 -19.34 10.83 -37.17
CA ARG B 78 -20.38 9.82 -37.33
C ARG B 78 -19.92 8.39 -37.07
N PRO B 79 -18.68 7.98 -37.40
CA PRO B 79 -18.23 6.64 -36.98
C PRO B 79 -18.24 6.41 -35.49
N LEU B 80 -18.25 7.45 -34.67
CA LEU B 80 -18.24 7.27 -33.23
C LEU B 80 -19.61 6.94 -32.66
N TRP B 81 -20.67 7.08 -33.46
CA TRP B 81 -22.03 6.95 -32.95
C TRP B 81 -22.24 5.61 -32.25
N ARG B 82 -21.54 4.57 -32.69
CA ARG B 82 -21.72 3.23 -32.15
C ARG B 82 -21.30 3.08 -30.68
N HIS B 83 -20.56 4.02 -30.10
CA HIS B 83 -20.29 3.96 -28.68
C HIS B 83 -21.42 4.52 -27.83
N TYR B 84 -22.47 5.04 -28.45
CA TYR B 84 -23.61 5.61 -27.75
C TYR B 84 -24.85 4.71 -27.80
N PHE B 85 -24.67 3.45 -28.20
CA PHE B 85 -25.80 2.54 -28.36
C PHE B 85 -26.28 1.95 -27.04
N GLN B 86 -25.46 2.02 -26.01
CA GLN B 86 -25.75 1.38 -24.73
C GLN B 86 -27.11 1.78 -24.18
N ASN B 87 -27.94 0.77 -23.89
CA ASN B 87 -29.17 0.94 -23.12
C ASN B 87 -30.10 2.01 -23.71
N THR B 88 -30.17 2.06 -25.04
CA THR B 88 -30.95 3.09 -25.72
C THR B 88 -32.30 2.49 -26.12
N GLN B 89 -33.39 3.13 -25.71
CA GLN B 89 -34.71 2.62 -25.99
C GLN B 89 -35.40 3.30 -27.16
N GLY B 90 -34.91 4.45 -27.61
CA GLY B 90 -35.60 5.21 -28.63
C GLY B 90 -34.61 6.02 -29.44
N LEU B 91 -34.94 6.20 -30.71
CA LEU B 91 -34.09 6.94 -31.64
C LEU B 91 -34.87 8.07 -32.28
N ILE B 92 -34.34 9.29 -32.18
CA ILE B 92 -34.87 10.42 -32.92
C ILE B 92 -33.86 10.76 -34.00
N PHE B 93 -34.28 10.65 -35.26
CA PHE B 93 -33.43 11.03 -36.39
C PHE B 93 -33.99 12.31 -37.00
N VAL B 94 -33.17 13.36 -36.99
CA VAL B 94 -33.61 14.70 -37.38
C VAL B 94 -32.99 15.04 -38.72
N VAL B 95 -33.83 15.43 -39.67
CA VAL B 95 -33.39 15.77 -41.02
C VAL B 95 -33.88 17.18 -41.34
N ASP B 96 -33.02 17.96 -41.98
CA ASP B 96 -33.38 19.30 -42.45
C ASP B 96 -34.27 19.17 -43.67
N SER B 97 -35.58 19.39 -43.49
CA SER B 97 -36.54 19.19 -44.57
C SER B 97 -36.21 20.05 -45.79
N ASN B 98 -35.44 21.13 -45.59
CA ASN B 98 -35.12 22.05 -46.66
C ASN B 98 -33.82 21.65 -47.35
N ASP B 99 -33.13 20.64 -46.81
CA ASP B 99 -31.80 20.22 -47.28
C ASP B 99 -32.04 18.96 -48.11
N ARG B 100 -32.23 19.17 -49.42
CA ARG B 100 -32.38 18.07 -50.36
C ARG B 100 -31.05 17.45 -50.73
N GLU B 101 -29.99 18.25 -50.76
CA GLU B 101 -28.65 17.77 -51.12
C GLU B 101 -28.16 16.66 -50.21
N ARG B 102 -28.55 16.66 -48.93
CA ARG B 102 -27.97 15.75 -47.95
C ARG B 102 -28.95 14.72 -47.42
N VAL B 103 -30.14 14.60 -48.01
CA VAL B 103 -31.14 13.72 -47.42
C VAL B 103 -30.77 12.26 -47.65
N ASN B 104 -30.06 11.96 -48.74
CA ASN B 104 -29.61 10.59 -48.97
C ASN B 104 -28.40 10.23 -48.12
N GLU B 105 -27.57 11.21 -47.76
CA GLU B 105 -26.53 10.96 -46.76
C GLU B 105 -27.15 10.58 -45.43
N ALA B 106 -28.17 11.33 -45.01
CA ALA B 106 -28.95 10.96 -43.84
C ALA B 106 -29.52 9.55 -43.96
N ARG B 107 -30.07 9.21 -45.14
CA ARG B 107 -30.63 7.87 -45.33
C ARG B 107 -29.58 6.78 -45.18
N GLU B 108 -28.44 6.94 -45.86
CA GLU B 108 -27.32 6.03 -45.70
C GLU B 108 -26.89 5.85 -44.25
N GLU B 109 -26.82 6.95 -43.49
CA GLU B 109 -26.43 6.82 -42.09
C GLU B 109 -27.51 6.14 -41.28
N LEU B 110 -28.78 6.47 -41.54
CA LEU B 110 -29.86 5.78 -40.85
C LEU B 110 -29.78 4.29 -41.08
N MET B 111 -29.63 3.87 -42.35
CA MET B 111 -29.65 2.45 -42.66
C MET B 111 -28.46 1.74 -42.03
N ARG B 112 -27.30 2.41 -42.04
CA ARG B 112 -26.13 1.88 -41.34
C ARG B 112 -26.37 1.71 -39.85
N MET B 113 -27.11 2.65 -39.25
CA MET B 113 -27.45 2.54 -37.83
C MET B 113 -28.42 1.39 -37.56
N LEU B 114 -29.45 1.27 -38.39
CA LEU B 114 -30.43 0.20 -38.25
C LEU B 114 -29.83 -1.19 -38.43
N ALA B 115 -28.61 -1.28 -38.95
CA ALA B 115 -27.92 -2.56 -39.03
C ALA B 115 -27.37 -3.01 -37.67
N GLU B 116 -27.29 -2.10 -36.70
CA GLU B 116 -26.61 -2.41 -35.45
C GLU B 116 -27.55 -3.17 -34.52
N ASP B 117 -27.09 -4.35 -34.07
CA ASP B 117 -27.89 -5.19 -33.19
C ASP B 117 -28.25 -4.52 -31.87
N GLU B 118 -27.38 -3.65 -31.35
CA GLU B 118 -27.72 -2.93 -30.13
C GLU B 118 -28.99 -2.11 -30.27
N LEU B 119 -29.32 -1.65 -31.47
CA LEU B 119 -30.49 -0.83 -31.66
C LEU B 119 -31.67 -1.63 -32.15
N ARG B 120 -31.56 -2.96 -32.13
CA ARG B 120 -32.55 -3.83 -32.77
C ARG B 120 -33.93 -3.63 -32.16
N ASP B 121 -33.99 -3.25 -30.88
CA ASP B 121 -35.26 -3.05 -30.19
C ASP B 121 -35.67 -1.59 -30.12
N ALA B 122 -34.82 -0.68 -30.61
CA ALA B 122 -35.12 0.74 -30.50
C ALA B 122 -36.31 1.10 -31.40
N VAL B 123 -37.20 1.91 -30.86
CA VAL B 123 -38.25 2.51 -31.67
C VAL B 123 -37.70 3.76 -32.35
N LEU B 124 -38.30 4.11 -33.49
CA LEU B 124 -37.77 5.18 -34.33
C LEU B 124 -38.80 6.29 -34.52
N LEU B 125 -38.44 7.50 -34.12
CA LEU B 125 -39.26 8.68 -34.33
C LEU B 125 -38.47 9.61 -35.23
N VAL B 126 -39.05 9.97 -36.37
CA VAL B 126 -38.44 10.93 -37.28
C VAL B 126 -39.12 12.28 -37.10
N PHE B 127 -38.32 13.33 -36.90
CA PHE B 127 -38.81 14.70 -36.91
C PHE B 127 -38.46 15.35 -38.26
N ALA B 128 -39.48 15.64 -39.06
CA ALA B 128 -39.26 16.36 -40.32
C ALA B 128 -39.28 17.85 -39.99
N ASN B 129 -38.09 18.39 -39.69
CA ASN B 129 -37.97 19.72 -39.10
C ASN B 129 -37.86 20.80 -40.18
N LYS B 130 -38.06 22.05 -39.76
CA LYS B 130 -37.91 23.22 -40.62
C LYS B 130 -39.01 23.24 -41.68
N GLN B 131 -40.21 22.78 -41.31
CA GLN B 131 -41.39 22.93 -42.16
C GLN B 131 -41.70 24.38 -42.49
N ASP B 132 -41.14 25.33 -41.75
CA ASP B 132 -41.34 26.75 -42.02
C ASP B 132 -40.49 27.26 -43.16
N LEU B 133 -39.50 26.50 -43.61
CA LEU B 133 -38.64 27.01 -44.66
C LEU B 133 -39.30 26.80 -46.02
N PRO B 134 -38.97 27.64 -47.01
CA PRO B 134 -39.82 27.69 -48.22
C PRO B 134 -39.79 26.41 -49.03
N ASN B 135 -38.65 25.73 -49.11
CA ASN B 135 -38.54 24.50 -49.88
C ASN B 135 -38.47 23.27 -48.95
N ALA B 136 -39.22 23.31 -47.86
CA ALA B 136 -39.14 22.25 -46.86
C ALA B 136 -39.89 21.01 -47.35
N MET B 137 -39.20 19.88 -47.38
CA MET B 137 -39.89 18.62 -47.62
C MET B 137 -40.82 18.31 -46.45
N ASN B 138 -41.95 17.67 -46.76
CA ASN B 138 -42.91 17.37 -45.72
C ASN B 138 -42.67 15.98 -45.16
N ALA B 139 -43.41 15.64 -44.09
CA ALA B 139 -43.24 14.35 -43.44
C ALA B 139 -43.29 13.21 -44.45
N ALA B 140 -44.28 13.24 -45.35
CA ALA B 140 -44.45 12.17 -46.32
C ALA B 140 -43.31 12.12 -47.33
N GLU B 141 -42.87 13.29 -47.80
CA GLU B 141 -41.72 13.33 -48.71
C GLU B 141 -40.46 12.83 -48.04
N ILE B 142 -40.20 13.23 -46.80
CA ILE B 142 -39.07 12.66 -46.07
C ILE B 142 -39.23 11.15 -45.92
N THR B 143 -40.44 10.69 -45.59
CA THR B 143 -40.71 9.26 -45.49
C THR B 143 -40.35 8.51 -46.76
N ASP B 144 -40.61 9.12 -47.92
CA ASP B 144 -40.31 8.45 -49.18
C ASP B 144 -38.82 8.54 -49.52
N LYS B 145 -38.22 9.71 -49.34
CA LYS B 145 -36.80 9.88 -49.60
C LYS B 145 -35.96 8.98 -48.69
N LEU B 146 -36.39 8.76 -47.46
CA LEU B 146 -35.64 7.91 -46.54
C LEU B 146 -36.00 6.44 -46.63
N GLY B 147 -37.02 6.06 -47.40
CA GLY B 147 -37.36 4.65 -47.49
C GLY B 147 -37.96 4.06 -46.23
N LEU B 148 -38.69 4.86 -45.44
CA LEU B 148 -39.16 4.37 -44.14
C LEU B 148 -40.12 3.20 -44.30
N HIS B 149 -40.96 3.22 -45.33
CA HIS B 149 -41.91 2.13 -45.51
C HIS B 149 -41.20 0.81 -45.78
N SER B 150 -40.00 0.86 -46.36
CA SER B 150 -39.21 -0.33 -46.59
C SER B 150 -38.68 -0.94 -45.30
N LEU B 151 -38.73 -0.20 -44.19
CA LEU B 151 -38.16 -0.64 -42.92
C LEU B 151 -39.07 -1.74 -42.37
N ARG B 152 -38.62 -2.97 -42.47
CA ARG B 152 -39.36 -4.11 -41.96
C ARG B 152 -38.93 -4.43 -40.53
N HIS B 153 -39.90 -4.81 -39.70
CA HIS B 153 -39.69 -5.28 -38.33
C HIS B 153 -39.27 -4.14 -37.41
N ARG B 154 -39.80 -2.94 -37.67
CA ARG B 154 -39.41 -1.74 -36.94
C ARG B 154 -40.62 -0.86 -36.72
N ASN B 155 -40.85 -0.50 -35.47
CA ASN B 155 -41.86 0.50 -35.10
C ASN B 155 -41.27 1.88 -35.32
N TRP B 156 -41.82 2.62 -36.28
CA TRP B 156 -41.28 3.91 -36.66
C TRP B 156 -42.41 4.91 -36.90
N TYR B 157 -42.02 6.18 -36.91
CA TYR B 157 -42.95 7.30 -37.03
C TYR B 157 -42.20 8.53 -37.52
N ILE B 158 -42.92 9.36 -38.28
CA ILE B 158 -42.36 10.58 -38.82
C ILE B 158 -43.32 11.72 -38.50
N GLN B 159 -42.79 12.81 -37.95
CA GLN B 159 -43.59 13.95 -37.54
C GLN B 159 -43.07 15.20 -38.22
N ALA B 160 -43.95 15.92 -38.93
CA ALA B 160 -43.54 17.17 -39.55
C ALA B 160 -43.44 18.21 -38.45
N THR B 161 -42.31 18.92 -38.40
CA THR B 161 -42.05 19.85 -37.32
C THR B 161 -41.44 21.15 -37.84
N CYS B 162 -41.69 22.22 -37.09
CA CYS B 162 -40.89 23.43 -37.13
C CYS B 162 -40.33 23.69 -35.74
N ALA B 163 -39.02 23.44 -35.58
CA ALA B 163 -38.39 23.55 -34.27
C ALA B 163 -38.57 24.94 -33.70
N THR B 164 -38.54 25.96 -34.56
CA THR B 164 -38.53 27.32 -34.09
C THR B 164 -39.91 27.72 -33.59
N SER B 165 -40.95 27.08 -34.10
CA SER B 165 -42.30 27.26 -33.60
C SER B 165 -42.72 26.20 -32.59
N GLY B 166 -42.14 25.00 -32.68
CA GLY B 166 -42.44 23.92 -31.76
C GLY B 166 -43.54 23.00 -32.25
N ASP B 167 -44.04 23.23 -33.45
CA ASP B 167 -45.17 22.48 -34.00
C ASP B 167 -44.79 21.04 -34.35
N GLY B 168 -45.58 20.10 -33.84
CA GLY B 168 -45.33 18.69 -34.03
C GLY B 168 -44.54 18.00 -32.94
N LEU B 169 -43.83 18.76 -32.10
CA LEU B 169 -42.85 18.15 -31.21
C LEU B 169 -43.54 17.30 -30.15
N TYR B 170 -44.58 17.85 -29.51
CA TYR B 170 -45.28 17.09 -28.48
C TYR B 170 -46.09 15.95 -29.08
N GLU B 171 -46.53 16.07 -30.33
CA GLU B 171 -47.16 14.91 -30.98
C GLU B 171 -46.14 13.79 -31.09
N GLY B 172 -44.89 14.16 -31.35
CA GLY B 172 -43.82 13.17 -31.43
C GLY B 172 -43.61 12.51 -30.08
N LEU B 173 -43.43 13.34 -29.05
CA LEU B 173 -43.20 12.80 -27.71
C LEU B 173 -44.35 11.91 -27.28
N ASP B 174 -45.59 12.32 -27.58
CA ASP B 174 -46.76 11.53 -27.20
C ASP B 174 -46.74 10.16 -27.87
N TRP B 175 -46.48 10.14 -29.18
CA TRP B 175 -46.33 8.88 -29.90
C TRP B 175 -45.25 8.03 -29.24
N LEU B 176 -44.07 8.61 -29.04
CA LEU B 176 -42.93 7.87 -28.49
C LEU B 176 -43.28 7.26 -27.12
N ALA B 177 -43.92 8.06 -26.26
CA ALA B 177 -44.34 7.58 -24.95
C ALA B 177 -45.31 6.42 -25.06
N ASN B 178 -46.31 6.55 -25.95
CA ASN B 178 -47.30 5.49 -26.09
C ASN B 178 -46.68 4.21 -26.64
N GLN B 179 -45.75 4.33 -27.58
CA GLN B 179 -45.05 3.15 -28.06
C GLN B 179 -44.20 2.50 -26.97
N LEU B 180 -43.56 3.32 -26.13
CA LEU B 180 -42.62 2.79 -25.15
C LEU B 180 -43.31 2.24 -23.90
N LYS B 181 -44.58 2.56 -23.70
CA LYS B 181 -45.37 1.86 -22.70
C LYS B 181 -46.24 0.77 -23.33
#